data_6VER
# 
_entry.id   6VER 
# 
_audit_conform.dict_name       mmcif_pdbx.dic 
_audit_conform.dict_version    5.398 
_audit_conform.dict_location   http://mmcif.pdb.org/dictionaries/ascii/mmcif_pdbx.dic 
# 
loop_
_database_2.database_id 
_database_2.database_code 
_database_2.pdbx_database_accession 
_database_2.pdbx_DOI 
PDB   6VER         pdb_00006ver 10.2210/pdb6ver/pdb 
WWPDB D_1000246290 ?            ?                   
# 
loop_
_pdbx_audit_revision_history.ordinal 
_pdbx_audit_revision_history.data_content_type 
_pdbx_audit_revision_history.major_revision 
_pdbx_audit_revision_history.minor_revision 
_pdbx_audit_revision_history.revision_date 
1 'Structure model' 1 0 2020-11-11 
2 'Structure model' 1 1 2023-10-11 
3 'Structure model' 1 2 2024-11-06 
# 
_pdbx_audit_revision_details.ordinal             1 
_pdbx_audit_revision_details.revision_ordinal    1 
_pdbx_audit_revision_details.data_content_type   'Structure model' 
_pdbx_audit_revision_details.provider            repository 
_pdbx_audit_revision_details.type                'Initial release' 
_pdbx_audit_revision_details.description         ? 
_pdbx_audit_revision_details.details             ? 
# 
loop_
_pdbx_audit_revision_group.ordinal 
_pdbx_audit_revision_group.revision_ordinal 
_pdbx_audit_revision_group.data_content_type 
_pdbx_audit_revision_group.group 
1 2 'Structure model' 'Data collection'        
2 2 'Structure model' 'Database references'    
3 2 'Structure model' 'Refinement description' 
4 3 'Structure model' 'Structure summary'      
# 
loop_
_pdbx_audit_revision_category.ordinal 
_pdbx_audit_revision_category.revision_ordinal 
_pdbx_audit_revision_category.data_content_type 
_pdbx_audit_revision_category.category 
1 2 'Structure model' chem_comp_atom                
2 2 'Structure model' chem_comp_bond                
3 2 'Structure model' database_2                    
4 2 'Structure model' pdbx_initial_refinement_model 
5 3 'Structure model' pdbx_entry_details            
6 3 'Structure model' pdbx_modification_feature     
# 
loop_
_pdbx_audit_revision_item.ordinal 
_pdbx_audit_revision_item.revision_ordinal 
_pdbx_audit_revision_item.data_content_type 
_pdbx_audit_revision_item.item 
1 2 'Structure model' '_database_2.pdbx_DOI'                
2 2 'Structure model' '_database_2.pdbx_database_accession' 
# 
_pdbx_database_status.status_code                     REL 
_pdbx_database_status.status_code_sf                  REL 
_pdbx_database_status.status_code_mr                  ? 
_pdbx_database_status.entry_id                        6VER 
_pdbx_database_status.recvd_initial_deposition_date   2020-01-02 
_pdbx_database_status.SG_entry                        N 
_pdbx_database_status.deposit_site                    RCSB 
_pdbx_database_status.process_site                    RCSB 
_pdbx_database_status.status_code_cs                  ? 
_pdbx_database_status.status_code_nmr_data            ? 
_pdbx_database_status.methods_development_category    ? 
_pdbx_database_status.pdb_format_compatible           Y 
# 
loop_
_audit_author.name 
_audit_author.pdbx_ordinal 
_audit_author.identifier_ORCID 
'Menting, J.G.'  1 ? 
'Chou, D.H.-C.'  2 ? 
'Lawrence, M.C.' 3 ? 
'Xiong, X.'      4 ? 
# 
_citation.abstract                  ? 
_citation.abstract_id_CAS           ? 
_citation.book_id_ISBN              ? 
_citation.book_publisher            ? 
_citation.book_publisher_city       ? 
_citation.book_title                ? 
_citation.coordinate_linkage        ? 
_citation.country                   ? 
_citation.database_id_Medline       ? 
_citation.details                   ? 
_citation.id                        primary 
_citation.journal_abbrev            'not published' 
_citation.journal_id_ASTM           ? 
_citation.journal_id_CSD            0353 
_citation.journal_id_ISSN           ? 
_citation.journal_full              ? 
_citation.journal_issue             ? 
_citation.journal_volume            ? 
_citation.language                  ? 
_citation.page_first                ? 
_citation.page_last                 ? 
_citation.title                     'Mini-Ins: A minimal, bioactive insulin analog with alternative binding modes' 
_citation.year                      ? 
_citation.database_id_CSD           ? 
_citation.pdbx_database_id_DOI      ? 
_citation.pdbx_database_id_PubMed   ? 
_citation.unpublished_flag          ? 
# 
loop_
_citation_author.citation_id 
_citation_author.name 
_citation_author.ordinal 
_citation_author.identifier_ORCID 
primary 'Xiong, X.'      1  ? 
primary 'Menting, J.'    2  ? 
primary 'Disotaur, M.'   3  ? 
primary 'Agrawal, R.'    4  ? 
primary 'Delaine, C.'    5  ? 
primary 'MacRaild, C.'   6  ? 
primary 'Ghabash, G.'    7  ? 
primary 'Kim, J.H.'      8  ? 
primary 'Olivera, B.'    9  ? 
primary 'Safavi, H.'     10 ? 
primary 'Norton, R.'     11 ? 
primary 'Forbes, B.'     12 ? 
primary 'Fisher, S.'     13 ? 
primary 'Lawrence, M.C.' 14 ? 
primary 'Chou, D.'       15 ? 
# 
loop_
_entity.id 
_entity.type 
_entity.src_method 
_entity.pdbx_description 
_entity.formula_weight 
_entity.pdbx_number_of_molecules 
_entity.pdbx_ec 
_entity.pdbx_mutation 
_entity.pdbx_fragment 
_entity.details 
1 polymer syn 'Insulin A chain' 2383.698 1  ? ?            ? ? 
2 polymer syn 'Insulin B chain' 2587.967 1  ? 'H10E, G20Y' ? ? 
3 water   nat water             18.015   38 ? ?            ? ? 
# 
loop_
_entity_poly.entity_id 
_entity_poly.type 
_entity_poly.nstd_linkage 
_entity_poly.nstd_monomer 
_entity_poly.pdbx_seq_one_letter_code 
_entity_poly.pdbx_seq_one_letter_code_can 
_entity_poly.pdbx_strand_id 
_entity_poly.pdbx_target_identifier 
1 'polypeptide(L)' no no GIVEQCCTSICSLYQLENYCN  GIVEQCCTSICSLYQLENYCN  A ? 
2 'polypeptide(L)' no no FVNQHLCGSELVEALYLVCYER FVNQHLCGSELVEALYLVCYER B ? 
# 
_pdbx_entity_nonpoly.entity_id   3 
_pdbx_entity_nonpoly.name        water 
_pdbx_entity_nonpoly.comp_id     HOH 
# 
loop_
_entity_poly_seq.entity_id 
_entity_poly_seq.num 
_entity_poly_seq.mon_id 
_entity_poly_seq.hetero 
1 1  GLY n 
1 2  ILE n 
1 3  VAL n 
1 4  GLU n 
1 5  GLN n 
1 6  CYS n 
1 7  CYS n 
1 8  THR n 
1 9  SER n 
1 10 ILE n 
1 11 CYS n 
1 12 SER n 
1 13 LEU n 
1 14 TYR n 
1 15 GLN n 
1 16 LEU n 
1 17 GLU n 
1 18 ASN n 
1 19 TYR n 
1 20 CYS n 
1 21 ASN n 
2 1  PHE n 
2 2  VAL n 
2 3  ASN n 
2 4  GLN n 
2 5  HIS n 
2 6  LEU n 
2 7  CYS n 
2 8  GLY n 
2 9  SER n 
2 10 GLU n 
2 11 LEU n 
2 12 VAL n 
2 13 GLU n 
2 14 ALA n 
2 15 LEU n 
2 16 TYR n 
2 17 LEU n 
2 18 VAL n 
2 19 CYS n 
2 20 TYR n 
2 21 GLU n 
2 22 ARG n 
# 
loop_
_pdbx_entity_src_syn.entity_id 
_pdbx_entity_src_syn.pdbx_src_id 
_pdbx_entity_src_syn.pdbx_alt_source_flag 
_pdbx_entity_src_syn.pdbx_beg_seq_num 
_pdbx_entity_src_syn.pdbx_end_seq_num 
_pdbx_entity_src_syn.organism_scientific 
_pdbx_entity_src_syn.organism_common_name 
_pdbx_entity_src_syn.ncbi_taxonomy_id 
_pdbx_entity_src_syn.details 
1 1 sample 1 21 'Homo sapiens' Human 9606 ? 
2 1 sample 1 22 'Homo sapiens' Human 9606 ? 
# 
loop_
_chem_comp.id 
_chem_comp.type 
_chem_comp.mon_nstd_flag 
_chem_comp.name 
_chem_comp.pdbx_synonyms 
_chem_comp.formula 
_chem_comp.formula_weight 
ALA 'L-peptide linking' y ALANINE         ? 'C3 H7 N O2'     89.093  
ARG 'L-peptide linking' y ARGININE        ? 'C6 H15 N4 O2 1' 175.209 
ASN 'L-peptide linking' y ASPARAGINE      ? 'C4 H8 N2 O3'    132.118 
CYS 'L-peptide linking' y CYSTEINE        ? 'C3 H7 N O2 S'   121.158 
GLN 'L-peptide linking' y GLUTAMINE       ? 'C5 H10 N2 O3'   146.144 
GLU 'L-peptide linking' y 'GLUTAMIC ACID' ? 'C5 H9 N O4'     147.129 
GLY 'peptide linking'   y GLYCINE         ? 'C2 H5 N O2'     75.067  
HIS 'L-peptide linking' y HISTIDINE       ? 'C6 H10 N3 O2 1' 156.162 
HOH non-polymer         . WATER           ? 'H2 O'           18.015  
ILE 'L-peptide linking' y ISOLEUCINE      ? 'C6 H13 N O2'    131.173 
LEU 'L-peptide linking' y LEUCINE         ? 'C6 H13 N O2'    131.173 
PHE 'L-peptide linking' y PHENYLALANINE   ? 'C9 H11 N O2'    165.189 
SER 'L-peptide linking' y SERINE          ? 'C3 H7 N O3'     105.093 
THR 'L-peptide linking' y THREONINE       ? 'C4 H9 N O3'     119.119 
TYR 'L-peptide linking' y TYROSINE        ? 'C9 H11 N O3'    181.189 
VAL 'L-peptide linking' y VALINE          ? 'C5 H11 N O2'    117.146 
# 
loop_
_pdbx_poly_seq_scheme.asym_id 
_pdbx_poly_seq_scheme.entity_id 
_pdbx_poly_seq_scheme.seq_id 
_pdbx_poly_seq_scheme.mon_id 
_pdbx_poly_seq_scheme.ndb_seq_num 
_pdbx_poly_seq_scheme.pdb_seq_num 
_pdbx_poly_seq_scheme.auth_seq_num 
_pdbx_poly_seq_scheme.pdb_mon_id 
_pdbx_poly_seq_scheme.auth_mon_id 
_pdbx_poly_seq_scheme.pdb_strand_id 
_pdbx_poly_seq_scheme.pdb_ins_code 
_pdbx_poly_seq_scheme.hetero 
A 1 1  GLY 1  1  1  GLY GLY A . n 
A 1 2  ILE 2  2  2  ILE ILE A . n 
A 1 3  VAL 3  3  3  VAL VAL A . n 
A 1 4  GLU 4  4  4  GLU GLU A . n 
A 1 5  GLN 5  5  5  GLN GLN A . n 
A 1 6  CYS 6  6  6  CYS CYS A . n 
A 1 7  CYS 7  7  7  CYS CYS A . n 
A 1 8  THR 8  8  8  THR THR A . n 
A 1 9  SER 9  9  9  SER SER A . n 
A 1 10 ILE 10 10 10 ILE ILE A . n 
A 1 11 CYS 11 11 11 CYS CYS A . n 
A 1 12 SER 12 12 12 SER SER A . n 
A 1 13 LEU 13 13 13 LEU LEU A . n 
A 1 14 TYR 14 14 14 TYR TYR A . n 
A 1 15 GLN 15 15 15 GLN GLN A . n 
A 1 16 LEU 16 16 16 LEU LEU A . n 
A 1 17 GLU 17 17 17 GLU GLU A . n 
A 1 18 ASN 18 18 18 ASN ASN A . n 
A 1 19 TYR 19 19 19 TYR TYR A . n 
A 1 20 CYS 20 20 20 CYS CYS A . n 
A 1 21 ASN 21 21 ?  ?   ?   A . n 
B 2 1  PHE 1  1  1  PHE PHE B . n 
B 2 2  VAL 2  2  2  VAL VAL B . n 
B 2 3  ASN 3  3  3  ASN ASN B . n 
B 2 4  GLN 4  4  4  GLN GLN B . n 
B 2 5  HIS 5  5  5  HIS HIS B . n 
B 2 6  LEU 6  6  6  LEU LEU B . n 
B 2 7  CYS 7  7  7  CYS CYS B . n 
B 2 8  GLY 8  8  8  GLY GLY B . n 
B 2 9  SER 9  9  9  SER SER B . n 
B 2 10 GLU 10 10 10 GLU GLU B . n 
B 2 11 LEU 11 11 11 LEU LEU B . n 
B 2 12 VAL 12 12 12 VAL VAL B . n 
B 2 13 GLU 13 13 13 GLU GLU B . n 
B 2 14 ALA 14 14 14 ALA ALA B . n 
B 2 15 LEU 15 15 15 LEU LEU B . n 
B 2 16 TYR 16 16 16 TYR TYR B . n 
B 2 17 LEU 17 17 17 LEU LEU B . n 
B 2 18 VAL 18 18 18 VAL VAL B . n 
B 2 19 CYS 19 19 19 CYS CYS B . n 
B 2 20 TYR 20 20 20 TYR TYR B . n 
B 2 21 GLU 21 21 21 GLU GLU B . n 
B 2 22 ARG 22 22 22 ARG ARG B . n 
# 
loop_
_pdbx_nonpoly_scheme.asym_id 
_pdbx_nonpoly_scheme.entity_id 
_pdbx_nonpoly_scheme.mon_id 
_pdbx_nonpoly_scheme.ndb_seq_num 
_pdbx_nonpoly_scheme.pdb_seq_num 
_pdbx_nonpoly_scheme.auth_seq_num 
_pdbx_nonpoly_scheme.pdb_mon_id 
_pdbx_nonpoly_scheme.auth_mon_id 
_pdbx_nonpoly_scheme.pdb_strand_id 
_pdbx_nonpoly_scheme.pdb_ins_code 
C 3 HOH 1  101 101 HOH HOH A . 
C 3 HOH 2  102 102 HOH HOH A . 
C 3 HOH 3  103 103 HOH HOH A . 
C 3 HOH 4  104 104 HOH HOH A . 
C 3 HOH 5  105 105 HOH HOH A . 
C 3 HOH 6  106 106 HOH HOH A . 
C 3 HOH 7  107 107 HOH HOH A . 
C 3 HOH 8  108 108 HOH HOH A . 
C 3 HOH 9  109 109 HOH HOH A . 
C 3 HOH 10 110 110 HOH HOH A . 
C 3 HOH 11 111 111 HOH HOH A . 
C 3 HOH 12 112 112 HOH HOH A . 
C 3 HOH 13 113 113 HOH HOH A . 
D 3 HOH 1  101 101 HOH HOH B . 
D 3 HOH 2  102 102 HOH HOH B . 
D 3 HOH 3  103 103 HOH HOH B . 
D 3 HOH 4  104 104 HOH HOH B . 
D 3 HOH 5  105 105 HOH HOH B . 
D 3 HOH 6  106 106 HOH HOH B . 
D 3 HOH 7  107 107 HOH HOH B . 
D 3 HOH 8  108 108 HOH HOH B . 
D 3 HOH 9  109 109 HOH HOH B . 
D 3 HOH 10 110 110 HOH HOH B . 
D 3 HOH 11 111 111 HOH HOH B . 
D 3 HOH 12 112 112 HOH HOH B . 
D 3 HOH 13 113 113 HOH HOH B . 
D 3 HOH 14 114 114 HOH HOH B . 
D 3 HOH 15 115 115 HOH HOH B . 
D 3 HOH 16 116 116 HOH HOH B . 
D 3 HOH 17 117 117 HOH HOH B . 
D 3 HOH 18 118 118 HOH HOH B . 
D 3 HOH 19 119 119 HOH HOH B . 
D 3 HOH 20 120 120 HOH HOH B . 
D 3 HOH 21 121 121 HOH HOH B . 
D 3 HOH 22 122 122 HOH HOH B . 
D 3 HOH 23 123 123 HOH HOH B . 
D 3 HOH 24 124 124 HOH HOH B . 
D 3 HOH 25 125 125 HOH HOH B . 
# 
loop_
_software.citation_id 
_software.classification 
_software.compiler_name 
_software.compiler_version 
_software.contact_author 
_software.contact_author_email 
_software.date 
_software.description 
_software.dependencies 
_software.hardware 
_software.language 
_software.location 
_software.mods 
_software.name 
_software.os 
_software.os_version 
_software.type 
_software.version 
_software.pdbx_ordinal 
? refinement       ? ? ? ? ? ? ? ? ? ? ? PHENIX  ? ? ? '(1.13-2998_1692)' 1 
? 'data reduction' ? ? ? ? ? ? ? ? ? ? ? XDS     ? ? ? .                  2 
? 'data scaling'   ? ? ? ? ? ? ? ? ? ? ? Aimless ? ? ? 0.5.21             3 
? phasing          ? ? ? ? ? ? ? ? ? ? ? PHASER  ? ? ? .                  4 
# 
_cell.angle_alpha                  90.00 
_cell.angle_alpha_esd              ? 
_cell.angle_beta                   90.00 
_cell.angle_beta_esd               ? 
_cell.angle_gamma                  90.00 
_cell.angle_gamma_esd              ? 
_cell.entry_id                     6VER 
_cell.details                      ? 
_cell.formula_units_Z              ? 
_cell.length_a                     26.905 
_cell.length_a_esd                 ? 
_cell.length_b                     29.991 
_cell.length_b_esd                 ? 
_cell.length_c                     44.864 
_cell.length_c_esd                 ? 
_cell.volume                       ? 
_cell.volume_esd                   ? 
_cell.Z_PDB                        4 
_cell.reciprocal_angle_alpha       ? 
_cell.reciprocal_angle_beta        ? 
_cell.reciprocal_angle_gamma       ? 
_cell.reciprocal_angle_alpha_esd   ? 
_cell.reciprocal_angle_beta_esd    ? 
_cell.reciprocal_angle_gamma_esd   ? 
_cell.reciprocal_length_a          ? 
_cell.reciprocal_length_b          ? 
_cell.reciprocal_length_c          ? 
_cell.reciprocal_length_a_esd      ? 
_cell.reciprocal_length_b_esd      ? 
_cell.reciprocal_length_c_esd      ? 
_cell.pdbx_unique_axis             ? 
# 
_symmetry.entry_id                         6VER 
_symmetry.cell_setting                     ? 
_symmetry.Int_Tables_number                19 
_symmetry.space_group_name_Hall            ? 
_symmetry.space_group_name_H-M             'P 21 21 21' 
_symmetry.pdbx_full_space_group_name_H-M   ? 
# 
_exptl.absorpt_coefficient_mu     ? 
_exptl.absorpt_correction_T_max   ? 
_exptl.absorpt_correction_T_min   ? 
_exptl.absorpt_correction_type    ? 
_exptl.absorpt_process_details    ? 
_exptl.entry_id                   6VER 
_exptl.crystals_number            1 
_exptl.details                    ? 
_exptl.method                     'X-RAY DIFFRACTION' 
_exptl.method_details             ? 
# 
_exptl_crystal.colour                      ? 
_exptl_crystal.density_diffrn              ? 
_exptl_crystal.density_Matthews            1.82 
_exptl_crystal.density_method              ? 
_exptl_crystal.density_percent_sol         32.43 
_exptl_crystal.description                 ? 
_exptl_crystal.F_000                       ? 
_exptl_crystal.id                          1 
_exptl_crystal.preparation                 ? 
_exptl_crystal.size_max                    ? 
_exptl_crystal.size_mid                    ? 
_exptl_crystal.size_min                    ? 
_exptl_crystal.size_rad                    ? 
_exptl_crystal.colour_lustre               ? 
_exptl_crystal.colour_modifier             ? 
_exptl_crystal.colour_primary              ? 
_exptl_crystal.density_meas                ? 
_exptl_crystal.density_meas_esd            ? 
_exptl_crystal.density_meas_gt             ? 
_exptl_crystal.density_meas_lt             ? 
_exptl_crystal.density_meas_temp           ? 
_exptl_crystal.density_meas_temp_esd       ? 
_exptl_crystal.density_meas_temp_gt        ? 
_exptl_crystal.density_meas_temp_lt        ? 
_exptl_crystal.pdbx_crystal_image_url      ? 
_exptl_crystal.pdbx_crystal_image_format   ? 
_exptl_crystal.pdbx_mosaicity              ? 
_exptl_crystal.pdbx_mosaicity_esd          ? 
# 
_exptl_crystal_grow.apparatus       ? 
_exptl_crystal_grow.atmosphere      ? 
_exptl_crystal_grow.crystal_id      1 
_exptl_crystal_grow.details         ? 
_exptl_crystal_grow.method          'VAPOR DIFFUSION, SITTING DROP' 
_exptl_crystal_grow.method_ref      ? 
_exptl_crystal_grow.pH              ? 
_exptl_crystal_grow.pressure        ? 
_exptl_crystal_grow.pressure_esd    ? 
_exptl_crystal_grow.seeding         ? 
_exptl_crystal_grow.seeding_ref     ? 
_exptl_crystal_grow.temp            300 
_exptl_crystal_grow.temp_details    ? 
_exptl_crystal_grow.temp_esd        ? 
_exptl_crystal_grow.time            ? 
_exptl_crystal_grow.pdbx_details    
;Well condition: 100 mM Tri-HCl (pH 8.5) + 0.28 M magnesium formate. Protein: The insulin analog was prepared in a mixture that also contained receptor fragments: 5 mg/ml (IR310.T).Fv83-7 in 10mM HEPES-NaOH (pH7.5) + 0.02% NaN3 plus three mol equivalents of the IR-A alphaCT peptide 704-719 plus 1.8 mol equivalents of the analog. The analog crystallized in isolation from the receptor fragments and it is not known whether the receptor fragments aided crystallization
;
_exptl_crystal_grow.pdbx_pH_range   ? 
# 
_diffrn.ambient_environment              ? 
_diffrn.ambient_temp                     100 
_diffrn.ambient_temp_details             ? 
_diffrn.ambient_temp_esd                 ? 
_diffrn.crystal_id                       1 
_diffrn.crystal_support                  ? 
_diffrn.crystal_treatment                ? 
_diffrn.details                          ? 
_diffrn.id                               1 
_diffrn.ambient_pressure                 ? 
_diffrn.ambient_pressure_esd             ? 
_diffrn.ambient_pressure_gt              ? 
_diffrn.ambient_pressure_lt              ? 
_diffrn.ambient_temp_gt                  ? 
_diffrn.ambient_temp_lt                  ? 
_diffrn.pdbx_serial_crystal_experiment   N 
# 
_diffrn_detector.details                      ? 
_diffrn_detector.detector                     PIXEL 
_diffrn_detector.diffrn_id                    1 
_diffrn_detector.type                         'DECTRIS EIGER X 16M' 
_diffrn_detector.area_resol_mean              ? 
_diffrn_detector.dtime                        ? 
_diffrn_detector.pdbx_frames_total            ? 
_diffrn_detector.pdbx_collection_time_total   ? 
_diffrn_detector.pdbx_collection_date         2017-03-22 
_diffrn_detector.pdbx_frequency               ? 
# 
_diffrn_radiation.collimation                      ? 
_diffrn_radiation.diffrn_id                        1 
_diffrn_radiation.filter_edge                      ? 
_diffrn_radiation.inhomogeneity                    ? 
_diffrn_radiation.monochromator                    ? 
_diffrn_radiation.polarisn_norm                    ? 
_diffrn_radiation.polarisn_ratio                   ? 
_diffrn_radiation.probe                            ? 
_diffrn_radiation.type                             ? 
_diffrn_radiation.xray_symbol                      ? 
_diffrn_radiation.wavelength_id                    1 
_diffrn_radiation.pdbx_monochromatic_or_laue_m_l   M 
_diffrn_radiation.pdbx_wavelength_list             ? 
_diffrn_radiation.pdbx_wavelength                  ? 
_diffrn_radiation.pdbx_diffrn_protocol             'SINGLE WAVELENGTH' 
_diffrn_radiation.pdbx_analyzer                    ? 
_diffrn_radiation.pdbx_scattering_type             x-ray 
# 
_diffrn_radiation_wavelength.id           1 
_diffrn_radiation_wavelength.wavelength   0.95364 
_diffrn_radiation_wavelength.wt           1.0 
# 
_diffrn_source.current                     ? 
_diffrn_source.details                     ? 
_diffrn_source.diffrn_id                   1 
_diffrn_source.power                       ? 
_diffrn_source.size                        ? 
_diffrn_source.source                      SYNCHROTRON 
_diffrn_source.target                      ? 
_diffrn_source.type                        'AUSTRALIAN SYNCHROTRON BEAMLINE MX2' 
_diffrn_source.voltage                     ? 
_diffrn_source.take-off_angle              ? 
_diffrn_source.pdbx_wavelength_list        0.95364 
_diffrn_source.pdbx_wavelength             ? 
_diffrn_source.pdbx_synchrotron_beamline   MX2 
_diffrn_source.pdbx_synchrotron_site       'Australian Synchrotron' 
# 
_reflns.B_iso_Wilson_estimate            ? 
_reflns.entry_id                         6VER 
_reflns.data_reduction_details           ? 
_reflns.data_reduction_method            ? 
_reflns.d_resolution_high                1.047 
_reflns.d_resolution_low                 44.86 
_reflns.details                          ? 
_reflns.limit_h_max                      ? 
_reflns.limit_h_min                      ? 
_reflns.limit_k_max                      ? 
_reflns.limit_k_min                      ? 
_reflns.limit_l_max                      ? 
_reflns.limit_l_min                      ? 
_reflns.number_all                       ? 
_reflns.number_obs                       17679 
_reflns.observed_criterion               ? 
_reflns.observed_criterion_F_max         ? 
_reflns.observed_criterion_F_min         ? 
_reflns.observed_criterion_I_max         ? 
_reflns.observed_criterion_I_min         ? 
_reflns.observed_criterion_sigma_F       ? 
_reflns.observed_criterion_sigma_I       ? 
_reflns.percent_possible_obs             99.8 
_reflns.R_free_details                   ? 
_reflns.Rmerge_F_all                     ? 
_reflns.Rmerge_F_obs                     ? 
_reflns.Friedel_coverage                 ? 
_reflns.number_gt                        ? 
_reflns.threshold_expression             ? 
_reflns.pdbx_redundancy                  6.0 
_reflns.pdbx_Rmerge_I_obs                0.036 
_reflns.pdbx_Rmerge_I_all                ? 
_reflns.pdbx_Rsym_value                  ? 
_reflns.pdbx_netI_over_av_sigmaI         ? 
_reflns.pdbx_netI_over_sigmaI            21.9 
_reflns.pdbx_res_netI_over_av_sigmaI_2   ? 
_reflns.pdbx_res_netI_over_sigmaI_2      ? 
_reflns.pdbx_chi_squared                 ? 
_reflns.pdbx_scaling_rejects             ? 
_reflns.pdbx_d_res_high_opt              ? 
_reflns.pdbx_d_res_low_opt               ? 
_reflns.pdbx_d_res_opt_method            ? 
_reflns.phase_calculation_details        ? 
_reflns.pdbx_Rrim_I_all                  0.040 
_reflns.pdbx_Rpim_I_all                  0.017 
_reflns.pdbx_d_opt                       ? 
_reflns.pdbx_number_measured_all         ? 
_reflns.pdbx_diffrn_id                   1 
_reflns.pdbx_ordinal                     1 
_reflns.pdbx_CC_half                     0.999 
_reflns.pdbx_CC_star                     ? 
_reflns.pdbx_R_split                     ? 
# 
_reflns_shell.d_res_high                  1.047 
_reflns_shell.d_res_low                   1.06 
_reflns_shell.meanI_over_sigI_all         ? 
_reflns_shell.meanI_over_sigI_obs         ? 
_reflns_shell.number_measured_all         ? 
_reflns_shell.number_measured_obs         ? 
_reflns_shell.number_possible             ? 
_reflns_shell.number_unique_all           ? 
_reflns_shell.number_unique_obs           836 
_reflns_shell.percent_possible_all        98.4 
_reflns_shell.percent_possible_obs        ? 
_reflns_shell.Rmerge_F_all                ? 
_reflns_shell.Rmerge_F_obs                ? 
_reflns_shell.Rmerge_I_all                ? 
_reflns_shell.Rmerge_I_obs                0.857 
_reflns_shell.meanI_over_sigI_gt          ? 
_reflns_shell.meanI_over_uI_all           ? 
_reflns_shell.meanI_over_uI_gt            ? 
_reflns_shell.number_measured_gt          ? 
_reflns_shell.number_unique_gt            ? 
_reflns_shell.percent_possible_gt         ? 
_reflns_shell.Rmerge_F_gt                 ? 
_reflns_shell.Rmerge_I_gt                 ? 
_reflns_shell.pdbx_redundancy             4.5 
_reflns_shell.pdbx_Rsym_value             0.442 
_reflns_shell.pdbx_chi_squared            ? 
_reflns_shell.pdbx_netI_over_sigmaI_all   ? 
_reflns_shell.pdbx_netI_over_sigmaI_obs   ? 
_reflns_shell.pdbx_Rrim_I_all             0.969 
_reflns_shell.pdbx_Rpim_I_all             0.442 
_reflns_shell.pdbx_rejects                ? 
_reflns_shell.pdbx_ordinal                1 
_reflns_shell.pdbx_diffrn_id              1 
_reflns_shell.pdbx_CC_half                0.735 
_reflns_shell.pdbx_CC_star                ? 
_reflns_shell.pdbx_R_split                ? 
# 
_refine.aniso_B[1][1]                            ? 
_refine.aniso_B[1][2]                            ? 
_refine.aniso_B[1][3]                            ? 
_refine.aniso_B[2][2]                            ? 
_refine.aniso_B[2][3]                            ? 
_refine.aniso_B[3][3]                            ? 
_refine.B_iso_max                                ? 
_refine.B_iso_mean                               ? 
_refine.B_iso_min                                ? 
_refine.correlation_coeff_Fo_to_Fc               ? 
_refine.correlation_coeff_Fo_to_Fc_free          ? 
_refine.details                                  ? 
_refine.diff_density_max                         ? 
_refine.diff_density_max_esd                     ? 
_refine.diff_density_min                         ? 
_refine.diff_density_min_esd                     ? 
_refine.diff_density_rms                         ? 
_refine.diff_density_rms_esd                     ? 
_refine.entry_id                                 6VER 
_refine.pdbx_refine_id                           'X-RAY DIFFRACTION' 
_refine.ls_abs_structure_details                 ? 
_refine.ls_abs_structure_Flack                   ? 
_refine.ls_abs_structure_Flack_esd               ? 
_refine.ls_abs_structure_Rogers                  ? 
_refine.ls_abs_structure_Rogers_esd              ? 
_refine.ls_d_res_high                            1.047 
_refine.ls_d_res_low                             24.933 
_refine.ls_extinction_coef                       ? 
_refine.ls_extinction_coef_esd                   ? 
_refine.ls_extinction_expression                 ? 
_refine.ls_extinction_method                     ? 
_refine.ls_goodness_of_fit_all                   ? 
_refine.ls_goodness_of_fit_all_esd               ? 
_refine.ls_goodness_of_fit_obs                   ? 
_refine.ls_goodness_of_fit_obs_esd               ? 
_refine.ls_hydrogen_treatment                    ? 
_refine.ls_matrix_type                           ? 
_refine.ls_number_constraints                    ? 
_refine.ls_number_parameters                     ? 
_refine.ls_number_reflns_all                     ? 
_refine.ls_number_reflns_obs                     17629 
_refine.ls_number_reflns_R_free                  1763 
_refine.ls_number_reflns_R_work                  ? 
_refine.ls_number_restraints                     ? 
_refine.ls_percent_reflns_obs                    99.65 
_refine.ls_percent_reflns_R_free                 10.00 
_refine.ls_R_factor_all                          ? 
_refine.ls_R_factor_obs                          0.1880 
_refine.ls_R_factor_R_free                       0.2051 
_refine.ls_R_factor_R_free_error                 ? 
_refine.ls_R_factor_R_free_error_details         ? 
_refine.ls_R_factor_R_work                       0.1863 
_refine.ls_R_Fsqd_factor_obs                     ? 
_refine.ls_R_I_factor_obs                        ? 
_refine.ls_redundancy_reflns_all                 ? 
_refine.ls_redundancy_reflns_obs                 ? 
_refine.ls_restrained_S_all                      ? 
_refine.ls_restrained_S_obs                      ? 
_refine.ls_shift_over_esd_max                    ? 
_refine.ls_shift_over_esd_mean                   ? 
_refine.ls_structure_factor_coef                 ? 
_refine.ls_weighting_details                     ? 
_refine.ls_weighting_scheme                      ? 
_refine.ls_wR_factor_all                         ? 
_refine.ls_wR_factor_obs                         ? 
_refine.ls_wR_factor_R_free                      ? 
_refine.ls_wR_factor_R_work                      ? 
_refine.occupancy_max                            ? 
_refine.occupancy_min                            ? 
_refine.solvent_model_details                    ? 
_refine.solvent_model_param_bsol                 ? 
_refine.solvent_model_param_ksol                 ? 
_refine.pdbx_R_complete                          ? 
_refine.ls_R_factor_gt                           ? 
_refine.ls_goodness_of_fit_gt                    ? 
_refine.ls_goodness_of_fit_ref                   ? 
_refine.ls_shift_over_su_max                     ? 
_refine.ls_shift_over_su_max_lt                  ? 
_refine.ls_shift_over_su_mean                    ? 
_refine.ls_shift_over_su_mean_lt                 ? 
_refine.pdbx_ls_sigma_I                          ? 
_refine.pdbx_ls_sigma_F                          1.37 
_refine.pdbx_ls_sigma_Fsqd                       ? 
_refine.pdbx_data_cutoff_high_absF               ? 
_refine.pdbx_data_cutoff_high_rms_absF           ? 
_refine.pdbx_data_cutoff_low_absF                ? 
_refine.pdbx_isotropic_thermal_model             ? 
_refine.pdbx_ls_cross_valid_method               'FREE R-VALUE' 
_refine.pdbx_method_to_determine_struct          'MOLECULAR REPLACEMENT' 
_refine.pdbx_starting_model                      'Editted version of human insulin component of PDB entry 4OGA' 
_refine.pdbx_stereochemistry_target_values       ? 
_refine.pdbx_R_Free_selection_details            'Random selection' 
_refine.pdbx_stereochem_target_val_spec_case     ? 
_refine.pdbx_overall_ESU_R                       ? 
_refine.pdbx_overall_ESU_R_Free                  ? 
_refine.pdbx_solvent_vdw_probe_radii             1.11 
_refine.pdbx_solvent_ion_probe_radii             ? 
_refine.pdbx_solvent_shrinkage_radii             0.90 
_refine.pdbx_real_space_R                        ? 
_refine.pdbx_density_correlation                 ? 
_refine.pdbx_pd_number_of_powder_patterns        ? 
_refine.pdbx_pd_number_of_points                 ? 
_refine.pdbx_pd_meas_number_of_points            ? 
_refine.pdbx_pd_proc_ls_prof_R_factor            ? 
_refine.pdbx_pd_proc_ls_prof_wR_factor           ? 
_refine.pdbx_pd_Marquardt_correlation_coeff      ? 
_refine.pdbx_pd_Fsqrd_R_factor                   ? 
_refine.pdbx_pd_ls_matrix_band_width             ? 
_refine.pdbx_overall_phase_error                 21.25 
_refine.pdbx_overall_SU_R_free_Cruickshank_DPI   ? 
_refine.pdbx_overall_SU_R_free_Blow_DPI          ? 
_refine.pdbx_overall_SU_R_Blow_DPI               ? 
_refine.pdbx_TLS_residual_ADP_flag               ? 
_refine.pdbx_diffrn_id                           1 
_refine.overall_SU_B                             ? 
_refine.overall_SU_ML                            0.12 
_refine.overall_SU_R_Cruickshank_DPI             ? 
_refine.overall_SU_R_free                        ? 
_refine.overall_FOM_free_R_set                   ? 
_refine.overall_FOM_work_R_set                   ? 
_refine.pdbx_average_fsc_overall                 ? 
_refine.pdbx_average_fsc_work                    ? 
_refine.pdbx_average_fsc_free                    ? 
# 
_refine_hist.pdbx_refine_id                   'X-RAY DIFFRACTION' 
_refine_hist.cycle_id                         LAST 
_refine_hist.details                          ? 
_refine_hist.d_res_high                       1.047 
_refine_hist.d_res_low                        24.933 
_refine_hist.number_atoms_solvent             38 
_refine_hist.number_atoms_total               373 
_refine_hist.number_reflns_all                ? 
_refine_hist.number_reflns_obs                ? 
_refine_hist.number_reflns_R_free             ? 
_refine_hist.number_reflns_R_work             ? 
_refine_hist.R_factor_all                     ? 
_refine_hist.R_factor_obs                     ? 
_refine_hist.R_factor_R_free                  ? 
_refine_hist.R_factor_R_work                  ? 
_refine_hist.pdbx_number_residues_total       ? 
_refine_hist.pdbx_B_iso_mean_ligand           ? 
_refine_hist.pdbx_B_iso_mean_solvent          ? 
_refine_hist.pdbx_number_atoms_protein        335 
_refine_hist.pdbx_number_atoms_nucleic_acid   0 
_refine_hist.pdbx_number_atoms_ligand         0 
_refine_hist.pdbx_number_atoms_lipid          ? 
_refine_hist.pdbx_number_atoms_carb           ? 
_refine_hist.pdbx_pseudo_atom_details         ? 
# 
loop_
_refine_ls_restr.pdbx_refine_id 
_refine_ls_restr.criterion 
_refine_ls_restr.dev_ideal 
_refine_ls_restr.dev_ideal_target 
_refine_ls_restr.number 
_refine_ls_restr.rejects 
_refine_ls_restr.type 
_refine_ls_restr.weight 
_refine_ls_restr.pdbx_restraint_function 
'X-RAY DIFFRACTION' ? 0.011  ? 398 ? f_bond_d           ? ? 
'X-RAY DIFFRACTION' ? 1.274  ? 550 ? f_angle_d          ? ? 
'X-RAY DIFFRACTION' ? 20.507 ? 155 ? f_dihedral_angle_d ? ? 
'X-RAY DIFFRACTION' ? 0.081  ? 63  ? f_chiral_restr     ? ? 
'X-RAY DIFFRACTION' ? 0.007  ? 72  ? f_plane_restr      ? ? 
# 
loop_
_refine_ls_shell.pdbx_refine_id 
_refine_ls_shell.d_res_high 
_refine_ls_shell.d_res_low 
_refine_ls_shell.number_reflns_all 
_refine_ls_shell.number_reflns_obs 
_refine_ls_shell.number_reflns_R_free 
_refine_ls_shell.number_reflns_R_work 
_refine_ls_shell.percent_reflns_obs 
_refine_ls_shell.percent_reflns_R_free 
_refine_ls_shell.R_factor_all 
_refine_ls_shell.R_factor_obs 
_refine_ls_shell.R_factor_R_free 
_refine_ls_shell.R_factor_R_free_error 
_refine_ls_shell.R_factor_R_work 
_refine_ls_shell.redundancy_reflns_all 
_refine_ls_shell.redundancy_reflns_obs 
_refine_ls_shell.wR_factor_all 
_refine_ls_shell.wR_factor_obs 
_refine_ls_shell.wR_factor_R_free 
_refine_ls_shell.wR_factor_R_work 
_refine_ls_shell.pdbx_R_complete 
_refine_ls_shell.pdbx_total_number_of_bins_used 
_refine_ls_shell.pdbx_phase_error 
_refine_ls_shell.pdbx_fsc_work 
_refine_ls_shell.pdbx_fsc_free 
'X-RAY DIFFRACTION' 1.0470 1.0753 . . 132 1181 98.00  . . . 0.3345 . 0.3212 . . . . . . . . . . . 
'X-RAY DIFFRACTION' 1.0753 1.1069 . . 130 1176 99.00  . . . 0.3096 . 0.2901 . . . . . . . . . . . 
'X-RAY DIFFRACTION' 1.1069 1.1427 . . 134 1205 99.00  . . . 0.2769 . 0.2749 . . . . . . . . . . . 
'X-RAY DIFFRACTION' 1.1427 1.1835 . . 135 1213 100.00 . . . 0.2121 . 0.2294 . . . . . . . . . . . 
'X-RAY DIFFRACTION' 1.1835 1.2309 . . 133 1200 100.00 . . . 0.2002 . 0.2115 . . . . . . . . . . . 
'X-RAY DIFFRACTION' 1.2309 1.2869 . . 134 1204 100.00 . . . 0.2041 . 0.1904 . . . . . . . . . . . 
'X-RAY DIFFRACTION' 1.2869 1.3547 . . 135 1211 100.00 . . . 0.1802 . 0.1771 . . . . . . . . . . . 
'X-RAY DIFFRACTION' 1.3547 1.4396 . . 135 1224 100.00 . . . 0.1826 . 0.1739 . . . . . . . . . . . 
'X-RAY DIFFRACTION' 1.4396 1.5507 . . 136 1217 100.00 . . . 0.1779 . 0.1504 . . . . . . . . . . . 
'X-RAY DIFFRACTION' 1.5507 1.7068 . . 136 1223 100.00 . . . 0.1943 . 0.1687 . . . . . . . . . . . 
'X-RAY DIFFRACTION' 1.7068 1.9537 . . 138 1240 100.00 . . . 0.1907 . 0.1789 . . . . . . . . . . . 
'X-RAY DIFFRACTION' 1.9537 2.4611 . . 139 1255 100.00 . . . 0.1916 . 0.1719 . . . . . . . . . . . 
'X-RAY DIFFRACTION' 2.4611 24.933 . . 146 1317 99.00  . . . 0.2170 . 0.1896 . . . . . . . . . . . 
# 
_struct.entry_id                     6VER 
_struct.title                        'Human insulin analog: [GluB10,TyrB20]-DOI' 
_struct.pdbx_model_details           ? 
_struct.pdbx_formula_weight          ? 
_struct.pdbx_formula_weight_method   ? 
_struct.pdbx_model_type_details      ? 
_struct.pdbx_CASP_flag               N 
# 
_struct_keywords.entry_id        6VER 
_struct_keywords.text            HORMONE 
_struct_keywords.pdbx_keywords   HORMONE 
# 
loop_
_struct_asym.id 
_struct_asym.pdbx_blank_PDB_chainid_flag 
_struct_asym.pdbx_modified 
_struct_asym.entity_id 
_struct_asym.details 
A N N 1 ? 
B N N 2 ? 
C N N 3 ? 
D N N 3 ? 
# 
loop_
_struct_ref.id 
_struct_ref.db_name 
_struct_ref.db_code 
_struct_ref.pdbx_db_accession 
_struct_ref.pdbx_db_isoform 
_struct_ref.entity_id 
_struct_ref.pdbx_seq_one_letter_code 
_struct_ref.pdbx_align_begin 
1 UNP INS_HUMAN P01308 ? 1 GIVEQCCTSICSLYQLENYCN  90 
2 UNP INS_HUMAN P01308 ? 2 FVNQHLCGSHLVEALYLVCGER 25 
# 
loop_
_struct_ref_seq.align_id 
_struct_ref_seq.ref_id 
_struct_ref_seq.pdbx_PDB_id_code 
_struct_ref_seq.pdbx_strand_id 
_struct_ref_seq.seq_align_beg 
_struct_ref_seq.pdbx_seq_align_beg_ins_code 
_struct_ref_seq.seq_align_end 
_struct_ref_seq.pdbx_seq_align_end_ins_code 
_struct_ref_seq.pdbx_db_accession 
_struct_ref_seq.db_align_beg 
_struct_ref_seq.pdbx_db_align_beg_ins_code 
_struct_ref_seq.db_align_end 
_struct_ref_seq.pdbx_db_align_end_ins_code 
_struct_ref_seq.pdbx_auth_seq_align_beg 
_struct_ref_seq.pdbx_auth_seq_align_end 
1 1 6VER A 1 ? 21 ? P01308 90 ? 110 ? 1 21 
2 2 6VER B 1 ? 22 ? P01308 25 ? 46  ? 1 22 
# 
loop_
_struct_ref_seq_dif.align_id 
_struct_ref_seq_dif.pdbx_pdb_id_code 
_struct_ref_seq_dif.mon_id 
_struct_ref_seq_dif.pdbx_pdb_strand_id 
_struct_ref_seq_dif.seq_num 
_struct_ref_seq_dif.pdbx_pdb_ins_code 
_struct_ref_seq_dif.pdbx_seq_db_name 
_struct_ref_seq_dif.pdbx_seq_db_accession_code 
_struct_ref_seq_dif.db_mon_id 
_struct_ref_seq_dif.pdbx_seq_db_seq_num 
_struct_ref_seq_dif.details 
_struct_ref_seq_dif.pdbx_auth_seq_num 
_struct_ref_seq_dif.pdbx_ordinal 
2 6VER GLU B 10 ? UNP P01308 HIS 34 'engineered mutation' 10 1 
2 6VER TYR B 20 ? UNP P01308 GLY 44 'engineered mutation' 20 2 
# 
_pdbx_struct_assembly.id                   1 
_pdbx_struct_assembly.details              author_and_software_defined_assembly 
_pdbx_struct_assembly.method_details       PISA 
_pdbx_struct_assembly.oligomeric_details   dimeric 
_pdbx_struct_assembly.oligomeric_count     2 
# 
loop_
_pdbx_struct_assembly_prop.biol_id 
_pdbx_struct_assembly_prop.type 
_pdbx_struct_assembly_prop.value 
_pdbx_struct_assembly_prop.details 
1 'ABSA (A^2)' 980  ? 
1 MORE         -15  ? 
1 'SSA (A^2)'  3610 ? 
# 
_pdbx_struct_assembly_gen.assembly_id       1 
_pdbx_struct_assembly_gen.oper_expression   1 
_pdbx_struct_assembly_gen.asym_id_list      A,B,C,D 
# 
_pdbx_struct_assembly_auth_evidence.id                     1 
_pdbx_struct_assembly_auth_evidence.assembly_id            1 
_pdbx_struct_assembly_auth_evidence.experimental_support   'equilibrium centrifugation' 
_pdbx_struct_assembly_auth_evidence.details                ? 
# 
_pdbx_struct_oper_list.id                   1 
_pdbx_struct_oper_list.type                 'identity operation' 
_pdbx_struct_oper_list.name                 1_555 
_pdbx_struct_oper_list.symmetry_operation   x,y,z 
_pdbx_struct_oper_list.matrix[1][1]         1.0000000000 
_pdbx_struct_oper_list.matrix[1][2]         0.0000000000 
_pdbx_struct_oper_list.matrix[1][3]         0.0000000000 
_pdbx_struct_oper_list.vector[1]            0.0000000000 
_pdbx_struct_oper_list.matrix[2][1]         0.0000000000 
_pdbx_struct_oper_list.matrix[2][2]         1.0000000000 
_pdbx_struct_oper_list.matrix[2][3]         0.0000000000 
_pdbx_struct_oper_list.vector[2]            0.0000000000 
_pdbx_struct_oper_list.matrix[3][1]         0.0000000000 
_pdbx_struct_oper_list.matrix[3][2]         0.0000000000 
_pdbx_struct_oper_list.matrix[3][3]         1.0000000000 
_pdbx_struct_oper_list.vector[3]            0.0000000000 
# 
loop_
_struct_conf.conf_type_id 
_struct_conf.id 
_struct_conf.pdbx_PDB_helix_id 
_struct_conf.beg_label_comp_id 
_struct_conf.beg_label_asym_id 
_struct_conf.beg_label_seq_id 
_struct_conf.pdbx_beg_PDB_ins_code 
_struct_conf.end_label_comp_id 
_struct_conf.end_label_asym_id 
_struct_conf.end_label_seq_id 
_struct_conf.pdbx_end_PDB_ins_code 
_struct_conf.beg_auth_comp_id 
_struct_conf.beg_auth_asym_id 
_struct_conf.beg_auth_seq_id 
_struct_conf.end_auth_comp_id 
_struct_conf.end_auth_asym_id 
_struct_conf.end_auth_seq_id 
_struct_conf.pdbx_PDB_helix_class 
_struct_conf.details 
_struct_conf.pdbx_PDB_helix_length 
HELX_P HELX_P1 AA1 GLY A 1  ? THR A 8  ? GLY A 1  THR A 8  1 ? 8  
HELX_P HELX_P2 AA2 SER A 12 ? CYS A 20 ? SER A 12 CYS A 20 5 ? 9  
HELX_P HELX_P3 AA3 CYS B 7  ? TYR B 20 ? CYS B 7  TYR B 20 1 ? 14 
# 
_struct_conf_type.id          HELX_P 
_struct_conf_type.criteria    ? 
_struct_conf_type.reference   ? 
# 
loop_
_struct_conn.id 
_struct_conn.conn_type_id 
_struct_conn.pdbx_leaving_atom_flag 
_struct_conn.pdbx_PDB_id 
_struct_conn.ptnr1_label_asym_id 
_struct_conn.ptnr1_label_comp_id 
_struct_conn.ptnr1_label_seq_id 
_struct_conn.ptnr1_label_atom_id 
_struct_conn.pdbx_ptnr1_label_alt_id 
_struct_conn.pdbx_ptnr1_PDB_ins_code 
_struct_conn.pdbx_ptnr1_standard_comp_id 
_struct_conn.ptnr1_symmetry 
_struct_conn.ptnr2_label_asym_id 
_struct_conn.ptnr2_label_comp_id 
_struct_conn.ptnr2_label_seq_id 
_struct_conn.ptnr2_label_atom_id 
_struct_conn.pdbx_ptnr2_label_alt_id 
_struct_conn.pdbx_ptnr2_PDB_ins_code 
_struct_conn.ptnr1_auth_asym_id 
_struct_conn.ptnr1_auth_comp_id 
_struct_conn.ptnr1_auth_seq_id 
_struct_conn.ptnr2_auth_asym_id 
_struct_conn.ptnr2_auth_comp_id 
_struct_conn.ptnr2_auth_seq_id 
_struct_conn.ptnr2_symmetry 
_struct_conn.pdbx_ptnr3_label_atom_id 
_struct_conn.pdbx_ptnr3_label_seq_id 
_struct_conn.pdbx_ptnr3_label_comp_id 
_struct_conn.pdbx_ptnr3_label_asym_id 
_struct_conn.pdbx_ptnr3_label_alt_id 
_struct_conn.pdbx_ptnr3_PDB_ins_code 
_struct_conn.details 
_struct_conn.pdbx_dist_value 
_struct_conn.pdbx_value_order 
_struct_conn.pdbx_role 
disulf1 disulf ? ? A CYS 6  SG ? ? ? 1_555 A CYS 11 SG ? ? A CYS 6  A CYS 11 1_555 ? ? ? ? ? ? ? 2.040 ? ? 
disulf2 disulf ? ? A CYS 7  SG ? ? ? 1_555 B CYS 7  SG ? ? A CYS 7  B CYS 7  1_555 ? ? ? ? ? ? ? 2.032 ? ? 
disulf3 disulf ? ? A CYS 20 SG ? ? ? 1_555 B CYS 19 SG ? ? A CYS 20 B CYS 19 1_555 ? ? ? ? ? ? ? 1.994 ? ? 
# 
_struct_conn_type.id          disulf 
_struct_conn_type.criteria    ? 
_struct_conn_type.reference   ? 
# 
loop_
_pdbx_modification_feature.ordinal 
_pdbx_modification_feature.label_comp_id 
_pdbx_modification_feature.label_asym_id 
_pdbx_modification_feature.label_seq_id 
_pdbx_modification_feature.label_alt_id 
_pdbx_modification_feature.modified_residue_label_comp_id 
_pdbx_modification_feature.modified_residue_label_asym_id 
_pdbx_modification_feature.modified_residue_label_seq_id 
_pdbx_modification_feature.modified_residue_label_alt_id 
_pdbx_modification_feature.auth_comp_id 
_pdbx_modification_feature.auth_asym_id 
_pdbx_modification_feature.auth_seq_id 
_pdbx_modification_feature.PDB_ins_code 
_pdbx_modification_feature.symmetry 
_pdbx_modification_feature.modified_residue_auth_comp_id 
_pdbx_modification_feature.modified_residue_auth_asym_id 
_pdbx_modification_feature.modified_residue_auth_seq_id 
_pdbx_modification_feature.modified_residue_PDB_ins_code 
_pdbx_modification_feature.modified_residue_symmetry 
_pdbx_modification_feature.comp_id_linking_atom 
_pdbx_modification_feature.modified_residue_id_linking_atom 
_pdbx_modification_feature.modified_residue_id 
_pdbx_modification_feature.ref_pcm_id 
_pdbx_modification_feature.ref_comp_id 
_pdbx_modification_feature.type 
_pdbx_modification_feature.category 
1 CYS A 6  ? CYS A 11 ? CYS A 6  ? 1_555 CYS A 11 ? 1_555 SG SG . . . None 'Disulfide bridge' 
2 CYS A 7  ? CYS B 7  ? CYS A 7  ? 1_555 CYS B 7  ? 1_555 SG SG . . . None 'Disulfide bridge' 
3 CYS A 20 ? CYS B 19 ? CYS A 20 ? 1_555 CYS B 19 ? 1_555 SG SG . . . None 'Disulfide bridge' 
# 
_pdbx_entry_details.entry_id                   6VER 
_pdbx_entry_details.compound_details           ? 
_pdbx_entry_details.source_details             ? 
_pdbx_entry_details.nonpolymer_details         ? 
_pdbx_entry_details.sequence_details           ? 
_pdbx_entry_details.has_ligand_of_interest     ? 
_pdbx_entry_details.has_protein_modification   Y 
# 
_pdbx_validate_torsion.id              1 
_pdbx_validate_torsion.PDB_model_num   1 
_pdbx_validate_torsion.auth_comp_id    SER 
_pdbx_validate_torsion.auth_asym_id    A 
_pdbx_validate_torsion.auth_seq_id     9 
_pdbx_validate_torsion.PDB_ins_code    ? 
_pdbx_validate_torsion.label_alt_id    A 
_pdbx_validate_torsion.phi             -91.86 
_pdbx_validate_torsion.psi             -158.54 
# 
_pdbx_unobs_or_zero_occ_residues.id               1 
_pdbx_unobs_or_zero_occ_residues.PDB_model_num    1 
_pdbx_unobs_or_zero_occ_residues.polymer_flag     Y 
_pdbx_unobs_or_zero_occ_residues.occupancy_flag   1 
_pdbx_unobs_or_zero_occ_residues.auth_asym_id     A 
_pdbx_unobs_or_zero_occ_residues.auth_comp_id     ASN 
_pdbx_unobs_or_zero_occ_residues.auth_seq_id      21 
_pdbx_unobs_or_zero_occ_residues.PDB_ins_code     ? 
_pdbx_unobs_or_zero_occ_residues.label_asym_id    A 
_pdbx_unobs_or_zero_occ_residues.label_comp_id    ASN 
_pdbx_unobs_or_zero_occ_residues.label_seq_id     21 
# 
loop_
_chem_comp_atom.comp_id 
_chem_comp_atom.atom_id 
_chem_comp_atom.type_symbol 
_chem_comp_atom.pdbx_aromatic_flag 
_chem_comp_atom.pdbx_stereo_config 
_chem_comp_atom.pdbx_ordinal 
ALA N    N N N 1   
ALA CA   C N S 2   
ALA C    C N N 3   
ALA O    O N N 4   
ALA CB   C N N 5   
ALA OXT  O N N 6   
ALA H    H N N 7   
ALA H2   H N N 8   
ALA HA   H N N 9   
ALA HB1  H N N 10  
ALA HB2  H N N 11  
ALA HB3  H N N 12  
ALA HXT  H N N 13  
ARG N    N N N 14  
ARG CA   C N S 15  
ARG C    C N N 16  
ARG O    O N N 17  
ARG CB   C N N 18  
ARG CG   C N N 19  
ARG CD   C N N 20  
ARG NE   N N N 21  
ARG CZ   C N N 22  
ARG NH1  N N N 23  
ARG NH2  N N N 24  
ARG OXT  O N N 25  
ARG H    H N N 26  
ARG H2   H N N 27  
ARG HA   H N N 28  
ARG HB2  H N N 29  
ARG HB3  H N N 30  
ARG HG2  H N N 31  
ARG HG3  H N N 32  
ARG HD2  H N N 33  
ARG HD3  H N N 34  
ARG HE   H N N 35  
ARG HH11 H N N 36  
ARG HH12 H N N 37  
ARG HH21 H N N 38  
ARG HH22 H N N 39  
ARG HXT  H N N 40  
ASN N    N N N 41  
ASN CA   C N S 42  
ASN C    C N N 43  
ASN O    O N N 44  
ASN CB   C N N 45  
ASN CG   C N N 46  
ASN OD1  O N N 47  
ASN ND2  N N N 48  
ASN OXT  O N N 49  
ASN H    H N N 50  
ASN H2   H N N 51  
ASN HA   H N N 52  
ASN HB2  H N N 53  
ASN HB3  H N N 54  
ASN HD21 H N N 55  
ASN HD22 H N N 56  
ASN HXT  H N N 57  
CYS N    N N N 58  
CYS CA   C N R 59  
CYS C    C N N 60  
CYS O    O N N 61  
CYS CB   C N N 62  
CYS SG   S N N 63  
CYS OXT  O N N 64  
CYS H    H N N 65  
CYS H2   H N N 66  
CYS HA   H N N 67  
CYS HB2  H N N 68  
CYS HB3  H N N 69  
CYS HG   H N N 70  
CYS HXT  H N N 71  
GLN N    N N N 72  
GLN CA   C N S 73  
GLN C    C N N 74  
GLN O    O N N 75  
GLN CB   C N N 76  
GLN CG   C N N 77  
GLN CD   C N N 78  
GLN OE1  O N N 79  
GLN NE2  N N N 80  
GLN OXT  O N N 81  
GLN H    H N N 82  
GLN H2   H N N 83  
GLN HA   H N N 84  
GLN HB2  H N N 85  
GLN HB3  H N N 86  
GLN HG2  H N N 87  
GLN HG3  H N N 88  
GLN HE21 H N N 89  
GLN HE22 H N N 90  
GLN HXT  H N N 91  
GLU N    N N N 92  
GLU CA   C N S 93  
GLU C    C N N 94  
GLU O    O N N 95  
GLU CB   C N N 96  
GLU CG   C N N 97  
GLU CD   C N N 98  
GLU OE1  O N N 99  
GLU OE2  O N N 100 
GLU OXT  O N N 101 
GLU H    H N N 102 
GLU H2   H N N 103 
GLU HA   H N N 104 
GLU HB2  H N N 105 
GLU HB3  H N N 106 
GLU HG2  H N N 107 
GLU HG3  H N N 108 
GLU HE2  H N N 109 
GLU HXT  H N N 110 
GLY N    N N N 111 
GLY CA   C N N 112 
GLY C    C N N 113 
GLY O    O N N 114 
GLY OXT  O N N 115 
GLY H    H N N 116 
GLY H2   H N N 117 
GLY HA2  H N N 118 
GLY HA3  H N N 119 
GLY HXT  H N N 120 
HIS N    N N N 121 
HIS CA   C N S 122 
HIS C    C N N 123 
HIS O    O N N 124 
HIS CB   C N N 125 
HIS CG   C Y N 126 
HIS ND1  N Y N 127 
HIS CD2  C Y N 128 
HIS CE1  C Y N 129 
HIS NE2  N Y N 130 
HIS OXT  O N N 131 
HIS H    H N N 132 
HIS H2   H N N 133 
HIS HA   H N N 134 
HIS HB2  H N N 135 
HIS HB3  H N N 136 
HIS HD1  H N N 137 
HIS HD2  H N N 138 
HIS HE1  H N N 139 
HIS HE2  H N N 140 
HIS HXT  H N N 141 
HOH O    O N N 142 
HOH H1   H N N 143 
HOH H2   H N N 144 
ILE N    N N N 145 
ILE CA   C N S 146 
ILE C    C N N 147 
ILE O    O N N 148 
ILE CB   C N S 149 
ILE CG1  C N N 150 
ILE CG2  C N N 151 
ILE CD1  C N N 152 
ILE OXT  O N N 153 
ILE H    H N N 154 
ILE H2   H N N 155 
ILE HA   H N N 156 
ILE HB   H N N 157 
ILE HG12 H N N 158 
ILE HG13 H N N 159 
ILE HG21 H N N 160 
ILE HG22 H N N 161 
ILE HG23 H N N 162 
ILE HD11 H N N 163 
ILE HD12 H N N 164 
ILE HD13 H N N 165 
ILE HXT  H N N 166 
LEU N    N N N 167 
LEU CA   C N S 168 
LEU C    C N N 169 
LEU O    O N N 170 
LEU CB   C N N 171 
LEU CG   C N N 172 
LEU CD1  C N N 173 
LEU CD2  C N N 174 
LEU OXT  O N N 175 
LEU H    H N N 176 
LEU H2   H N N 177 
LEU HA   H N N 178 
LEU HB2  H N N 179 
LEU HB3  H N N 180 
LEU HG   H N N 181 
LEU HD11 H N N 182 
LEU HD12 H N N 183 
LEU HD13 H N N 184 
LEU HD21 H N N 185 
LEU HD22 H N N 186 
LEU HD23 H N N 187 
LEU HXT  H N N 188 
PHE N    N N N 189 
PHE CA   C N S 190 
PHE C    C N N 191 
PHE O    O N N 192 
PHE CB   C N N 193 
PHE CG   C Y N 194 
PHE CD1  C Y N 195 
PHE CD2  C Y N 196 
PHE CE1  C Y N 197 
PHE CE2  C Y N 198 
PHE CZ   C Y N 199 
PHE OXT  O N N 200 
PHE H    H N N 201 
PHE H2   H N N 202 
PHE HA   H N N 203 
PHE HB2  H N N 204 
PHE HB3  H N N 205 
PHE HD1  H N N 206 
PHE HD2  H N N 207 
PHE HE1  H N N 208 
PHE HE2  H N N 209 
PHE HZ   H N N 210 
PHE HXT  H N N 211 
SER N    N N N 212 
SER CA   C N S 213 
SER C    C N N 214 
SER O    O N N 215 
SER CB   C N N 216 
SER OG   O N N 217 
SER OXT  O N N 218 
SER H    H N N 219 
SER H2   H N N 220 
SER HA   H N N 221 
SER HB2  H N N 222 
SER HB3  H N N 223 
SER HG   H N N 224 
SER HXT  H N N 225 
THR N    N N N 226 
THR CA   C N S 227 
THR C    C N N 228 
THR O    O N N 229 
THR CB   C N R 230 
THR OG1  O N N 231 
THR CG2  C N N 232 
THR OXT  O N N 233 
THR H    H N N 234 
THR H2   H N N 235 
THR HA   H N N 236 
THR HB   H N N 237 
THR HG1  H N N 238 
THR HG21 H N N 239 
THR HG22 H N N 240 
THR HG23 H N N 241 
THR HXT  H N N 242 
TYR N    N N N 243 
TYR CA   C N S 244 
TYR C    C N N 245 
TYR O    O N N 246 
TYR CB   C N N 247 
TYR CG   C Y N 248 
TYR CD1  C Y N 249 
TYR CD2  C Y N 250 
TYR CE1  C Y N 251 
TYR CE2  C Y N 252 
TYR CZ   C Y N 253 
TYR OH   O N N 254 
TYR OXT  O N N 255 
TYR H    H N N 256 
TYR H2   H N N 257 
TYR HA   H N N 258 
TYR HB2  H N N 259 
TYR HB3  H N N 260 
TYR HD1  H N N 261 
TYR HD2  H N N 262 
TYR HE1  H N N 263 
TYR HE2  H N N 264 
TYR HH   H N N 265 
TYR HXT  H N N 266 
VAL N    N N N 267 
VAL CA   C N S 268 
VAL C    C N N 269 
VAL O    O N N 270 
VAL CB   C N N 271 
VAL CG1  C N N 272 
VAL CG2  C N N 273 
VAL OXT  O N N 274 
VAL H    H N N 275 
VAL H2   H N N 276 
VAL HA   H N N 277 
VAL HB   H N N 278 
VAL HG11 H N N 279 
VAL HG12 H N N 280 
VAL HG13 H N N 281 
VAL HG21 H N N 282 
VAL HG22 H N N 283 
VAL HG23 H N N 284 
VAL HXT  H N N 285 
# 
loop_
_chem_comp_bond.comp_id 
_chem_comp_bond.atom_id_1 
_chem_comp_bond.atom_id_2 
_chem_comp_bond.value_order 
_chem_comp_bond.pdbx_aromatic_flag 
_chem_comp_bond.pdbx_stereo_config 
_chem_comp_bond.pdbx_ordinal 
ALA N   CA   sing N N 1   
ALA N   H    sing N N 2   
ALA N   H2   sing N N 3   
ALA CA  C    sing N N 4   
ALA CA  CB   sing N N 5   
ALA CA  HA   sing N N 6   
ALA C   O    doub N N 7   
ALA C   OXT  sing N N 8   
ALA CB  HB1  sing N N 9   
ALA CB  HB2  sing N N 10  
ALA CB  HB3  sing N N 11  
ALA OXT HXT  sing N N 12  
ARG N   CA   sing N N 13  
ARG N   H    sing N N 14  
ARG N   H2   sing N N 15  
ARG CA  C    sing N N 16  
ARG CA  CB   sing N N 17  
ARG CA  HA   sing N N 18  
ARG C   O    doub N N 19  
ARG C   OXT  sing N N 20  
ARG CB  CG   sing N N 21  
ARG CB  HB2  sing N N 22  
ARG CB  HB3  sing N N 23  
ARG CG  CD   sing N N 24  
ARG CG  HG2  sing N N 25  
ARG CG  HG3  sing N N 26  
ARG CD  NE   sing N N 27  
ARG CD  HD2  sing N N 28  
ARG CD  HD3  sing N N 29  
ARG NE  CZ   sing N N 30  
ARG NE  HE   sing N N 31  
ARG CZ  NH1  sing N N 32  
ARG CZ  NH2  doub N N 33  
ARG NH1 HH11 sing N N 34  
ARG NH1 HH12 sing N N 35  
ARG NH2 HH21 sing N N 36  
ARG NH2 HH22 sing N N 37  
ARG OXT HXT  sing N N 38  
ASN N   CA   sing N N 39  
ASN N   H    sing N N 40  
ASN N   H2   sing N N 41  
ASN CA  C    sing N N 42  
ASN CA  CB   sing N N 43  
ASN CA  HA   sing N N 44  
ASN C   O    doub N N 45  
ASN C   OXT  sing N N 46  
ASN CB  CG   sing N N 47  
ASN CB  HB2  sing N N 48  
ASN CB  HB3  sing N N 49  
ASN CG  OD1  doub N N 50  
ASN CG  ND2  sing N N 51  
ASN ND2 HD21 sing N N 52  
ASN ND2 HD22 sing N N 53  
ASN OXT HXT  sing N N 54  
CYS N   CA   sing N N 55  
CYS N   H    sing N N 56  
CYS N   H2   sing N N 57  
CYS CA  C    sing N N 58  
CYS CA  CB   sing N N 59  
CYS CA  HA   sing N N 60  
CYS C   O    doub N N 61  
CYS C   OXT  sing N N 62  
CYS CB  SG   sing N N 63  
CYS CB  HB2  sing N N 64  
CYS CB  HB3  sing N N 65  
CYS SG  HG   sing N N 66  
CYS OXT HXT  sing N N 67  
GLN N   CA   sing N N 68  
GLN N   H    sing N N 69  
GLN N   H2   sing N N 70  
GLN CA  C    sing N N 71  
GLN CA  CB   sing N N 72  
GLN CA  HA   sing N N 73  
GLN C   O    doub N N 74  
GLN C   OXT  sing N N 75  
GLN CB  CG   sing N N 76  
GLN CB  HB2  sing N N 77  
GLN CB  HB3  sing N N 78  
GLN CG  CD   sing N N 79  
GLN CG  HG2  sing N N 80  
GLN CG  HG3  sing N N 81  
GLN CD  OE1  doub N N 82  
GLN CD  NE2  sing N N 83  
GLN NE2 HE21 sing N N 84  
GLN NE2 HE22 sing N N 85  
GLN OXT HXT  sing N N 86  
GLU N   CA   sing N N 87  
GLU N   H    sing N N 88  
GLU N   H2   sing N N 89  
GLU CA  C    sing N N 90  
GLU CA  CB   sing N N 91  
GLU CA  HA   sing N N 92  
GLU C   O    doub N N 93  
GLU C   OXT  sing N N 94  
GLU CB  CG   sing N N 95  
GLU CB  HB2  sing N N 96  
GLU CB  HB3  sing N N 97  
GLU CG  CD   sing N N 98  
GLU CG  HG2  sing N N 99  
GLU CG  HG3  sing N N 100 
GLU CD  OE1  doub N N 101 
GLU CD  OE2  sing N N 102 
GLU OE2 HE2  sing N N 103 
GLU OXT HXT  sing N N 104 
GLY N   CA   sing N N 105 
GLY N   H    sing N N 106 
GLY N   H2   sing N N 107 
GLY CA  C    sing N N 108 
GLY CA  HA2  sing N N 109 
GLY CA  HA3  sing N N 110 
GLY C   O    doub N N 111 
GLY C   OXT  sing N N 112 
GLY OXT HXT  sing N N 113 
HIS N   CA   sing N N 114 
HIS N   H    sing N N 115 
HIS N   H2   sing N N 116 
HIS CA  C    sing N N 117 
HIS CA  CB   sing N N 118 
HIS CA  HA   sing N N 119 
HIS C   O    doub N N 120 
HIS C   OXT  sing N N 121 
HIS CB  CG   sing N N 122 
HIS CB  HB2  sing N N 123 
HIS CB  HB3  sing N N 124 
HIS CG  ND1  sing Y N 125 
HIS CG  CD2  doub Y N 126 
HIS ND1 CE1  doub Y N 127 
HIS ND1 HD1  sing N N 128 
HIS CD2 NE2  sing Y N 129 
HIS CD2 HD2  sing N N 130 
HIS CE1 NE2  sing Y N 131 
HIS CE1 HE1  sing N N 132 
HIS NE2 HE2  sing N N 133 
HIS OXT HXT  sing N N 134 
HOH O   H1   sing N N 135 
HOH O   H2   sing N N 136 
ILE N   CA   sing N N 137 
ILE N   H    sing N N 138 
ILE N   H2   sing N N 139 
ILE CA  C    sing N N 140 
ILE CA  CB   sing N N 141 
ILE CA  HA   sing N N 142 
ILE C   O    doub N N 143 
ILE C   OXT  sing N N 144 
ILE CB  CG1  sing N N 145 
ILE CB  CG2  sing N N 146 
ILE CB  HB   sing N N 147 
ILE CG1 CD1  sing N N 148 
ILE CG1 HG12 sing N N 149 
ILE CG1 HG13 sing N N 150 
ILE CG2 HG21 sing N N 151 
ILE CG2 HG22 sing N N 152 
ILE CG2 HG23 sing N N 153 
ILE CD1 HD11 sing N N 154 
ILE CD1 HD12 sing N N 155 
ILE CD1 HD13 sing N N 156 
ILE OXT HXT  sing N N 157 
LEU N   CA   sing N N 158 
LEU N   H    sing N N 159 
LEU N   H2   sing N N 160 
LEU CA  C    sing N N 161 
LEU CA  CB   sing N N 162 
LEU CA  HA   sing N N 163 
LEU C   O    doub N N 164 
LEU C   OXT  sing N N 165 
LEU CB  CG   sing N N 166 
LEU CB  HB2  sing N N 167 
LEU CB  HB3  sing N N 168 
LEU CG  CD1  sing N N 169 
LEU CG  CD2  sing N N 170 
LEU CG  HG   sing N N 171 
LEU CD1 HD11 sing N N 172 
LEU CD1 HD12 sing N N 173 
LEU CD1 HD13 sing N N 174 
LEU CD2 HD21 sing N N 175 
LEU CD2 HD22 sing N N 176 
LEU CD2 HD23 sing N N 177 
LEU OXT HXT  sing N N 178 
PHE N   CA   sing N N 179 
PHE N   H    sing N N 180 
PHE N   H2   sing N N 181 
PHE CA  C    sing N N 182 
PHE CA  CB   sing N N 183 
PHE CA  HA   sing N N 184 
PHE C   O    doub N N 185 
PHE C   OXT  sing N N 186 
PHE CB  CG   sing N N 187 
PHE CB  HB2  sing N N 188 
PHE CB  HB3  sing N N 189 
PHE CG  CD1  doub Y N 190 
PHE CG  CD2  sing Y N 191 
PHE CD1 CE1  sing Y N 192 
PHE CD1 HD1  sing N N 193 
PHE CD2 CE2  doub Y N 194 
PHE CD2 HD2  sing N N 195 
PHE CE1 CZ   doub Y N 196 
PHE CE1 HE1  sing N N 197 
PHE CE2 CZ   sing Y N 198 
PHE CE2 HE2  sing N N 199 
PHE CZ  HZ   sing N N 200 
PHE OXT HXT  sing N N 201 
SER N   CA   sing N N 202 
SER N   H    sing N N 203 
SER N   H2   sing N N 204 
SER CA  C    sing N N 205 
SER CA  CB   sing N N 206 
SER CA  HA   sing N N 207 
SER C   O    doub N N 208 
SER C   OXT  sing N N 209 
SER CB  OG   sing N N 210 
SER CB  HB2  sing N N 211 
SER CB  HB3  sing N N 212 
SER OG  HG   sing N N 213 
SER OXT HXT  sing N N 214 
THR N   CA   sing N N 215 
THR N   H    sing N N 216 
THR N   H2   sing N N 217 
THR CA  C    sing N N 218 
THR CA  CB   sing N N 219 
THR CA  HA   sing N N 220 
THR C   O    doub N N 221 
THR C   OXT  sing N N 222 
THR CB  OG1  sing N N 223 
THR CB  CG2  sing N N 224 
THR CB  HB   sing N N 225 
THR OG1 HG1  sing N N 226 
THR CG2 HG21 sing N N 227 
THR CG2 HG22 sing N N 228 
THR CG2 HG23 sing N N 229 
THR OXT HXT  sing N N 230 
TYR N   CA   sing N N 231 
TYR N   H    sing N N 232 
TYR N   H2   sing N N 233 
TYR CA  C    sing N N 234 
TYR CA  CB   sing N N 235 
TYR CA  HA   sing N N 236 
TYR C   O    doub N N 237 
TYR C   OXT  sing N N 238 
TYR CB  CG   sing N N 239 
TYR CB  HB2  sing N N 240 
TYR CB  HB3  sing N N 241 
TYR CG  CD1  doub Y N 242 
TYR CG  CD2  sing Y N 243 
TYR CD1 CE1  sing Y N 244 
TYR CD1 HD1  sing N N 245 
TYR CD2 CE2  doub Y N 246 
TYR CD2 HD2  sing N N 247 
TYR CE1 CZ   doub Y N 248 
TYR CE1 HE1  sing N N 249 
TYR CE2 CZ   sing Y N 250 
TYR CE2 HE2  sing N N 251 
TYR CZ  OH   sing N N 252 
TYR OH  HH   sing N N 253 
TYR OXT HXT  sing N N 254 
VAL N   CA   sing N N 255 
VAL N   H    sing N N 256 
VAL N   H2   sing N N 257 
VAL CA  C    sing N N 258 
VAL CA  CB   sing N N 259 
VAL CA  HA   sing N N 260 
VAL C   O    doub N N 261 
VAL C   OXT  sing N N 262 
VAL CB  CG1  sing N N 263 
VAL CB  CG2  sing N N 264 
VAL CB  HB   sing N N 265 
VAL CG1 HG11 sing N N 266 
VAL CG1 HG12 sing N N 267 
VAL CG1 HG13 sing N N 268 
VAL CG2 HG21 sing N N 269 
VAL CG2 HG22 sing N N 270 
VAL CG2 HG23 sing N N 271 
VAL OXT HXT  sing N N 272 
# 
loop_
_pdbx_audit_support.funding_organization 
_pdbx_audit_support.country 
_pdbx_audit_support.grant_number 
_pdbx_audit_support.ordinal 
'National Health and Medical Research Council (NHMRC, Australia)' Australia       APP1143546         1 
'Other private'                                                   'United States' 5-CDA-2018-572-A-N 2 
# 
_pdbx_initial_refinement_model.id               1 
_pdbx_initial_refinement_model.entity_id_list   ? 
_pdbx_initial_refinement_model.type             'experimental model' 
_pdbx_initial_refinement_model.source_name      PDB 
_pdbx_initial_refinement_model.accession_code   4OGA 
_pdbx_initial_refinement_model.details          'Editted version of human insulin component of PDB entry 4OGA' 
# 
_atom_sites.entry_id                    6VER 
_atom_sites.Cartn_transf_matrix[1][1]   ? 
_atom_sites.Cartn_transf_matrix[1][2]   ? 
_atom_sites.Cartn_transf_matrix[1][3]   ? 
_atom_sites.Cartn_transf_matrix[2][1]   ? 
_atom_sites.Cartn_transf_matrix[2][2]   ? 
_atom_sites.Cartn_transf_matrix[2][3]   ? 
_atom_sites.Cartn_transf_matrix[3][1]   ? 
_atom_sites.Cartn_transf_matrix[3][2]   ? 
_atom_sites.Cartn_transf_matrix[3][3]   ? 
_atom_sites.Cartn_transf_vector[1]      ? 
_atom_sites.Cartn_transf_vector[2]      ? 
_atom_sites.Cartn_transf_vector[3]      ? 
_atom_sites.fract_transf_matrix[1][1]   0.00579408 
_atom_sites.fract_transf_matrix[1][2]   0.01764811 
_atom_sites.fract_transf_matrix[1][3]   0.03219368 
_atom_sites.fract_transf_matrix[2][1]   -0.02877065 
_atom_sites.fract_transf_matrix[2][2]   0.01641385 
_atom_sites.fract_transf_matrix[2][3]   -0.00381981 
_atom_sites.fract_transf_matrix[3][1]   -0.01071672 
_atom_sites.fract_transf_matrix[3][2]   -0.01626122 
_atom_sites.fract_transf_matrix[3][3]   0.01084292 
_atom_sites.fract_transf_vector[1]      -0.154439 
_atom_sites.fract_transf_vector[2]      0.209625 
_atom_sites.fract_transf_vector[3]      -0.093773 
_atom_sites.solution_primary            ? 
_atom_sites.solution_secondary          ? 
_atom_sites.solution_hydrogens          ? 
_atom_sites.special_details             ? 
# 
loop_
_atom_type.symbol 
C 
H 
N 
O 
S 
# 
loop_
_atom_site.group_PDB 
_atom_site.id 
_atom_site.type_symbol 
_atom_site.label_atom_id 
_atom_site.label_alt_id 
_atom_site.label_comp_id 
_atom_site.label_asym_id 
_atom_site.label_entity_id 
_atom_site.label_seq_id 
_atom_site.pdbx_PDB_ins_code 
_atom_site.Cartn_x 
_atom_site.Cartn_y 
_atom_site.Cartn_z 
_atom_site.occupancy 
_atom_site.B_iso_or_equiv 
_atom_site.pdbx_formal_charge 
_atom_site.auth_seq_id 
_atom_site.auth_comp_id 
_atom_site.auth_asym_id 
_atom_site.auth_atom_id 
_atom_site.pdbx_PDB_model_num 
ATOM   1   N N    . GLY A 1 1  ? 2.200   3.250   -11.366 1.00 16.11 ? 1   GLY A N    1 
ATOM   2   C CA   . GLY A 1 1  ? 0.977   3.253   -10.550 1.00 15.06 ? 1   GLY A CA   1 
ATOM   3   C C    . GLY A 1 1  ? 1.301   2.982   -9.105  1.00 12.70 ? 1   GLY A C    1 
ATOM   4   O O    . GLY A 1 1  ? 2.469   3.001   -8.699  1.00 13.81 ? 1   GLY A O    1 
ATOM   5   H H1   . GLY A 1 1  ? 1.993   3.436   -12.211 1.00 19.33 ? 1   GLY A H1   1 
ATOM   6   H H2   . GLY A 1 1  ? 2.763   3.865   -11.057 1.00 19.33 ? 1   GLY A H2   1 
ATOM   7   H H3   . GLY A 1 1  ? 2.583   2.448   -11.323 1.00 19.33 ? 1   GLY A H3   1 
ATOM   8   H HA2  . GLY A 1 1  ? 0.541   4.117   -10.616 1.00 18.07 ? 1   GLY A HA2  1 
ATOM   9   H HA3  . GLY A 1 1  ? 0.369   2.568   -10.869 1.00 18.07 ? 1   GLY A HA3  1 
ATOM   10  N N    . ILE A 1 2  ? 0.270   2.717   -8.320  1.00 13.71 ? 2   ILE A N    1 
ATOM   11  C CA   . ILE A 1 2  ? 0.456   2.576   -6.892  1.00 13.90 ? 2   ILE A CA   1 
ATOM   12  C C    . ILE A 1 2  ? 1.332   1.390   -6.584  1.00 12.12 ? 2   ILE A C    1 
ATOM   13  O O    . ILE A 1 2  ? 2.094   1.430   -5.631  1.00 11.81 ? 2   ILE A O    1 
ATOM   14  C CB   . ILE A 1 2  ? -0.925  2.535   -6.213  1.00 15.65 ? 2   ILE A CB   1 
ATOM   15  C CG1  . ILE A 1 2  ? -0.778  2.669   -4.713  1.00 16.84 ? 2   ILE A CG1  1 
ATOM   16  C CG2  . ILE A 1 2  ? -1.696  1.252   -6.530  1.00 17.06 ? 2   ILE A CG2  1 
ATOM   17  C CD1  . ILE A 1 2  ? -0.104  3.946   -4.237  1.00 17.38 ? 2   ILE A CD1  1 
ATOM   18  H H    . ILE A 1 2  ? -0.542  2.615   -8.587  1.00 16.46 ? 2   ILE A H    1 
ATOM   19  H HA   . ILE A 1 2  ? 0.928   3.344   -6.535  1.00 16.69 ? 2   ILE A HA   1 
ATOM   20  H HB   . ILE A 1 2  ? -1.430  3.284   -6.567  1.00 18.79 ? 2   ILE A HB   1 
ATOM   21  H HG12 . ILE A 1 2  ? -1.662  2.643   -4.314  1.00 20.21 ? 2   ILE A HG12 1 
ATOM   22  H HG13 . ILE A 1 2  ? -0.246  1.925   -4.390  1.00 20.21 ? 2   ILE A HG13 1 
ATOM   23  H HG21 . ILE A 1 2  ? -2.587  1.316   -6.150  1.00 20.47 ? 2   ILE A HG21 1 
ATOM   24  H HG22 . ILE A 1 2  ? -1.753  1.147   -7.493  1.00 20.47 ? 2   ILE A HG22 1 
ATOM   25  H HG23 . ILE A 1 2  ? -1.225  0.497   -6.144  1.00 20.47 ? 2   ILE A HG23 1 
ATOM   26  H HD11 . ILE A 1 2  ? -0.230  4.033   -3.280  1.00 20.85 ? 2   ILE A HD11 1 
ATOM   27  H HD12 . ILE A 1 2  ? 0.843   3.900   -4.444  1.00 20.85 ? 2   ILE A HD12 1 
ATOM   28  H HD13 . ILE A 1 2  ? -0.506  4.703   -4.693  1.00 20.85 ? 2   ILE A HD13 1 
ATOM   29  N N    . VAL A 1 3  ? 1.234   0.304   -7.361  1.00 13.76 ? 3   VAL A N    1 
ATOM   30  C CA   A VAL A 1 3  ? 2.004   -0.879  -7.016  0.45 14.54 ? 3   VAL A CA   1 
ATOM   31  C CA   B VAL A 1 3  ? 2.006   -0.878  -7.014  0.55 14.29 ? 3   VAL A CA   1 
ATOM   32  C C    . VAL A 1 3  ? 3.487   -0.598  -7.170  1.00 13.10 ? 3   VAL A C    1 
ATOM   33  O O    . VAL A 1 3  ? 4.281   -0.921  -6.300  1.00 13.74 ? 3   VAL A O    1 
ATOM   34  C CB   A VAL A 1 3  ? 1.541   -2.123  -7.795  0.45 16.59 ? 3   VAL A CB   1 
ATOM   35  C CB   B VAL A 1 3  ? 1.543   -2.150  -7.752  0.55 15.62 ? 3   VAL A CB   1 
ATOM   36  C CG1  A VAL A 1 3  ? 1.857   -2.035  -9.267  0.45 19.10 ? 3   VAL A CG1  1 
ATOM   37  C CG1  B VAL A 1 3  ? 2.065   -2.256  -9.158  0.55 16.23 ? 3   VAL A CG1  1 
ATOM   38  C CG2  A VAL A 1 3  ? 2.207   -3.361  -7.212  0.45 18.01 ? 3   VAL A CG2  1 
ATOM   39  C CG2  B VAL A 1 3  ? 2.017   -3.392  -6.966  0.55 18.21 ? 3   VAL A CG2  1 
ATOM   40  H H    . VAL A 1 3  ? 0.747   0.233   -8.066  1.00 16.51 ? 3   VAL A H    1 
ATOM   41  H HA   . VAL A 1 3  ? 1.835   -1.084  -6.084  1.00 17.15 ? 3   VAL A HA   1 
ATOM   42  H HB   A VAL A 1 3  ? 0.576   -2.182  -7.711  0.45 19.90 ? 3   VAL A HB   1 
ATOM   43  H HB   B VAL A 1 3  ? 0.575   -2.106  -7.807  0.55 18.75 ? 3   VAL A HB   1 
ATOM   44  H HG11 A VAL A 1 3  ? 1.323   -2.690  -9.745  0.45 22.91 ? 3   VAL A HG11 1 
ATOM   45  H HG11 B VAL A 1 3  ? 1.573   -2.947  -9.627  0.55 19.48 ? 3   VAL A HG11 1 
ATOM   46  H HG12 A VAL A 1 3  ? 1.646   -1.143  -9.583  0.45 22.91 ? 3   VAL A HG12 1 
ATOM   47  H HG12 B VAL A 1 3  ? 1.943   -1.403  -9.605  0.55 19.48 ? 3   VAL A HG12 1 
ATOM   48  H HG13 A VAL A 1 3  ? 2.801   -2.218  -9.399  0.45 22.91 ? 3   VAL A HG13 1 
ATOM   49  H HG13 B VAL A 1 3  ? 3.008   -2.481  -9.129  0.55 19.48 ? 3   VAL A HG13 1 
ATOM   50  H HG21 A VAL A 1 3  ? 1.864   -4.147  -7.664  0.45 21.61 ? 3   VAL A HG21 1 
ATOM   51  H HG21 B VAL A 1 3  ? 1.765   -4.190  -7.456  0.55 21.85 ? 3   VAL A HG21 1 
ATOM   52  H HG22 A VAL A 1 3  ? 3.167   -3.295  -7.346  0.45 21.61 ? 3   VAL A HG22 1 
ATOM   53  H HG22 B VAL A 1 3  ? 2.981   -3.354  -6.868  0.55 21.85 ? 3   VAL A HG22 1 
ATOM   54  H HG23 A VAL A 1 3  ? 2.008   -3.410  -6.265  0.45 21.61 ? 3   VAL A HG23 1 
ATOM   55  H HG23 B VAL A 1 3  ? 1.594   -3.393  -6.093  0.55 21.85 ? 3   VAL A HG23 1 
ATOM   56  N N    . GLU A 1 4  ? 3.876   0.046   -8.266  1.00 12.52 ? 4   GLU A N    1 
ATOM   57  C CA   . GLU A 1 4  ? 5.275   0.402   -8.460  1.00 12.94 ? 4   GLU A CA   1 
ATOM   58  C C    . GLU A 1 4  ? 5.736   1.381   -7.391  1.00 12.77 ? 4   GLU A C    1 
ATOM   59  O O    . GLU A 1 4  ? 6.839   1.253   -6.852  1.00 13.26 ? 4   GLU A O    1 
ATOM   60  C CB   . GLU A 1 4  ? 5.455   1.012   -9.839  1.00 13.95 ? 4   GLU A CB   1 
ATOM   61  C CG   . GLU A 1 4  ? 5.279   0.007   -10.984 1.00 15.22 ? 4   GLU A CG   1 
ATOM   62  C CD   . GLU A 1 4  ? 3.842   -0.107  -11.487 1.00 14.20 ? 4   GLU A CD   1 
ATOM   63  O OE1  . GLU A 1 4  ? 3.651   -0.878  -12.455 1.00 16.77 ? 4   GLU A OE1  1 
ATOM   64  O OE2  . GLU A 1 4  ? 2.946   0.579   -10.963 1.00 13.74 ? 4   GLU A OE2  1 
ATOM   65  H H    . GLU A 1 4  ? 3.357   0.287   -8.907  1.00 15.02 ? 4   GLU A H    1 
ATOM   66  H HA   . GLU A 1 4  ? 5.820   -0.396  -8.401  1.00 15.53 ? 4   GLU A HA   1 
ATOM   67  H HB2  . GLU A 1 4  ? 4.798   1.715   -9.959  1.00 16.74 ? 4   GLU A HB2  1 
ATOM   68  H HB3  . GLU A 1 4  ? 6.351   1.378   -9.903  1.00 16.74 ? 4   GLU A HB3  1 
ATOM   69  H HG2  . GLU A 1 4  ? 5.833   0.284   -11.731 1.00 18.27 ? 4   GLU A HG2  1 
ATOM   70  H HG3  . GLU A 1 4  ? 5.554   -0.870  -10.675 1.00 18.27 ? 4   GLU A HG3  1 
ATOM   71  N N    A GLN A 1 5  ? 4.908   2.370   -7.057  0.40 13.95 ? 5   GLN A N    1 
ATOM   72  N N    B GLN A 1 5  ? 4.888   2.348   -7.028  0.60 11.28 ? 5   GLN A N    1 
ATOM   73  C CA   A GLN A 1 5  ? 5.280   3.350   -6.045  0.40 14.56 ? 5   GLN A CA   1 
ATOM   74  C CA   B GLN A 1 5  ? 5.232   3.365   -6.039  0.60 11.42 ? 5   GLN A CA   1 
ATOM   75  C C    A GLN A 1 5  ? 5.527   2.692   -4.696  0.40 13.34 ? 5   GLN A C    1 
ATOM   76  C C    B GLN A 1 5  ? 5.454   2.759   -4.664  0.60 12.31 ? 5   GLN A C    1 
ATOM   77  O O    A GLN A 1 5  ? 6.486   3.034   -3.997  0.40 13.71 ? 5   GLN A O    1 
ATOM   78  O O    B GLN A 1 5  ? 6.325   3.210   -3.914  0.60 13.16 ? 5   GLN A O    1 
ATOM   79  C CB   A GLN A 1 5  ? 4.184   4.411   -5.920  0.40 16.15 ? 5   GLN A CB   1 
ATOM   80  C CB   B GLN A 1 5  ? 4.140   4.435   -5.966  0.60 14.05 ? 5   GLN A CB   1 
ATOM   81  C CG   A GLN A 1 5  ? 4.056   5.309   -7.146  0.40 18.28 ? 5   GLN A CG   1 
ATOM   82  C CG   B GLN A 1 5  ? 4.466   5.573   -4.987  0.60 15.94 ? 5   GLN A CG   1 
ATOM   83  C CD   A GLN A 1 5  ? 3.156   6.521   -6.929  0.40 21.59 ? 5   GLN A CD   1 
ATOM   84  C CD   B GLN A 1 5  ? 5.683   6.399   -5.402  0.60 17.22 ? 5   GLN A CD   1 
ATOM   85  O OE1  A GLN A 1 5  ? 2.331   6.552   -6.013  0.40 23.50 ? 5   GLN A OE1  1 
ATOM   86  O OE1  B GLN A 1 5  ? 5.758   6.871   -6.531  0.60 19.39 ? 5   GLN A OE1  1 
ATOM   87  N NE2  A GLN A 1 5  ? 3.312   7.524   -7.790  0.40 22.60 ? 5   GLN A NE2  1 
ATOM   88  N NE2  B GLN A 1 5  ? 6.633   6.570   -4.486  0.60 17.16 ? 5   GLN A NE2  1 
ATOM   89  H H    A GLN A 1 5  ? 4.129   2.495   -7.398  0.40 16.74 ? 5   GLN A H    1 
ATOM   90  H H    B GLN A 1 5  ? 4.094   2.440   -7.345  0.60 13.54 ? 5   GLN A H    1 
ATOM   91  H HA   A GLN A 1 5  ? 6.101   3.787   -6.322  0.40 17.48 ? 5   GLN A HA   1 
ATOM   92  H HA   B GLN A 1 5  ? 6.057   3.790   -6.324  0.60 13.70 ? 5   GLN A HA   1 
ATOM   93  H HB2  A GLN A 1 5  ? 3.333   3.965   -5.790  0.40 19.38 ? 5   GLN A HB2  1 
ATOM   94  H HB2  B GLN A 1 5  ? 4.024   4.824   -6.846  0.60 16.86 ? 5   GLN A HB2  1 
ATOM   95  H HB3  A GLN A 1 5  ? 4.382   4.976   -5.157  0.40 19.38 ? 5   GLN A HB3  1 
ATOM   96  H HB3  B GLN A 1 5  ? 3.314   4.020   -5.674  0.60 16.86 ? 5   GLN A HB3  1 
ATOM   97  H HG2  A GLN A 1 5  ? 4.937   5.635   -7.387  0.40 21.94 ? 5   GLN A HG2  1 
ATOM   98  H HG2  B GLN A 1 5  ? 3.704   6.172   -4.938  0.60 19.13 ? 5   GLN A HG2  1 
ATOM   99  H HG3  A GLN A 1 5  ? 3.684   4.791   -7.876  0.40 21.94 ? 5   GLN A HG3  1 
ATOM   100 H HG3  B GLN A 1 5  ? 4.647   5.194   -4.113  0.60 19.13 ? 5   GLN A HG3  1 
ATOM   101 H HE21 A GLN A 1 5  ? 3.894   7.463   -8.420  0.40 27.13 ? 5   GLN A HE21 1 
ATOM   102 H HE21 B GLN A 1 5  ? 6.543   6.223   -3.703  0.60 20.59 ? 5   GLN A HE21 1 
ATOM   103 H HE22 A GLN A 1 5  ? 2.831   8.233   -7.717  0.40 27.13 ? 5   GLN A HE22 1 
ATOM   104 H HE22 B GLN A 1 5  ? 7.335   7.028   -4.675  0.60 20.59 ? 5   GLN A HE22 1 
ATOM   105 N N    . CYS A 1 6  ? 4.681   1.743   -4.316  1.00 12.27 ? 6   CYS A N    1 
ATOM   106 C CA   . CYS A 1 6  ? 4.767   1.151   -2.991  1.00 12.82 ? 6   CYS A CA   1 
ATOM   107 C C    . CYS A 1 6  ? 5.720   -0.017  -2.885  1.00 12.39 ? 6   CYS A C    1 
ATOM   108 O O    . CYS A 1 6  ? 6.215   -0.288  -1.777  1.00 12.91 ? 6   CYS A O    1 
ATOM   109 C CB   . CYS A 1 6  ? 3.384   0.644   -2.555  1.00 13.40 ? 6   CYS A CB   1 
ATOM   110 S SG   . CYS A 1 6  ? 2.106   1.852   -2.254  1.00 14.59 ? 6   CYS A SG   1 
ATOM   111 H H    A CYS A 1 6  ? 4.050   1.424   -4.804  0.40 14.72 ? 6   CYS A H    1 
ATOM   112 H H    B CYS A 1 6  ? 4.097   1.376   -4.829  0.60 14.72 ? 6   CYS A H    1 
ATOM   113 H HA   . CYS A 1 6  ? 5.079   1.848   -2.393  1.00 15.38 ? 6   CYS A HA   1 
ATOM   114 H HB2  . CYS A 1 6  ? 3.052   0.057   -3.253  1.00 16.08 ? 6   CYS A HB2  1 
ATOM   115 H HB3  . CYS A 1 6  ? 3.498   0.148   -1.730  1.00 16.08 ? 6   CYS A HB3  1 
ATOM   116 N N    . CYS A 1 7  ? 5.940   -0.726  -3.989  1.00 12.48 ? 7   CYS A N    1 
ATOM   117 C CA   . CYS A 1 7  ? 6.730   -1.943  -3.998  1.00 13.21 ? 7   CYS A CA   1 
ATOM   118 C C    . CYS A 1 7  ? 8.138   -1.652  -4.504  1.00 13.23 ? 7   CYS A C    1 
ATOM   119 O O    . CYS A 1 7  ? 9.108   -1.986  -3.820  1.00 14.63 ? 7   CYS A O    1 
ATOM   120 C CB   . CYS A 1 7  ? 6.001   -3.043  -4.783  1.00 12.96 ? 7   CYS A CB   1 
ATOM   121 S SG   . CYS A 1 7  ? 6.968   -4.529  -4.995  1.00 14.38 ? 7   CYS A SG   1 
ATOM   122 H H    . CYS A 1 7  ? 5.631   -0.513  -4.763  1.00 14.98 ? 7   CYS A H    1 
ATOM   123 H HA   . CYS A 1 7  ? 6.825   -2.302  -3.102  1.00 15.85 ? 7   CYS A HA   1 
ATOM   124 H HB2  . CYS A 1 7  ? 5.190   -3.281  -4.306  1.00 15.55 ? 7   CYS A HB2  1 
ATOM   125 H HB3  . CYS A 1 7  ? 5.780   -2.703  -5.664  1.00 15.55 ? 7   CYS A HB3  1 
ATOM   126 N N    . THR A 1 8  ? 8.283   -1.048  -5.699  1.00 14.00 ? 8   THR A N    1 
ATOM   127 C CA   . THR A 1 8  ? 9.630   -0.666  -6.179  1.00 14.75 ? 8   THR A CA   1 
ATOM   128 C C    . THR A 1 8  ? 10.199  0.505   -5.364  1.00 15.06 ? 8   THR A C    1 
ATOM   129 O O    . THR A 1 8  ? 11.310  0.418   -4.831  1.00 16.38 ? 8   THR A O    1 
ATOM   130 C CB   . THR A 1 8  ? 9.613   -0.402  -7.678  1.00 15.45 ? 8   THR A CB   1 
ATOM   131 O OG1  . THR A 1 8  ? 9.567   -1.655  -8.361  1.00 16.48 ? 8   THR A OG1  1 
ATOM   132 C CG2  . THR A 1 8  ? 10.854  0.361   -8.100  1.00 16.63 ? 8   THR A CG2  1 
ATOM   133 H H    . THR A 1 8  ? 7.642   -0.853  -6.238  1.00 16.80 ? 8   THR A H    1 
ATOM   134 H HA   . THR A 1 8  ? 10.237  -1.411  -6.048  1.00 17.70 ? 8   THR A HA   1 
ATOM   135 H HB   . THR A 1 8  ? 8.840   0.135   -7.915  1.00 18.54 ? 8   THR A HB   1 
ATOM   136 H HG1  . THR A 1 8  ? 10.235  -2.120  -8.153  1.00 19.78 ? 8   THR A HG1  1 
ATOM   137 H HG21 . THR A 1 8  ? 10.964  0.310   -9.062  1.00 19.96 ? 8   THR A HG21 1 
ATOM   138 H HG22 . THR A 1 8  ? 10.776  1.292   -7.841  1.00 19.96 ? 8   THR A HG22 1 
ATOM   139 H HG23 . THR A 1 8  ? 11.638  -0.019  -7.673  1.00 19.96 ? 8   THR A HG23 1 
ATOM   140 N N    A SER A 1 9  ? 9.433   1.591   -5.240  0.38 15.19 ? 9   SER A N    1 
ATOM   141 N N    B SER A 1 9  ? 9.473   1.609   -5.269  0.62 15.29 ? 9   SER A N    1 
ATOM   142 C CA   A SER A 1 9  ? 9.786   2.737   -4.408  0.38 15.82 ? 9   SER A CA   1 
ATOM   143 C CA   B SER A 1 9  ? 9.860   2.709   -4.387  0.62 16.33 ? 9   SER A CA   1 
ATOM   144 C C    A SER A 1 9  ? 9.193   2.553   -3.011  0.38 16.35 ? 9   SER A C    1 
ATOM   145 C C    B SER A 1 9  ? 9.135   2.564   -3.052  0.62 16.22 ? 9   SER A C    1 
ATOM   146 O O    A SER A 1 9  ? 8.901   1.433   -2.588  0.38 16.92 ? 9   SER A O    1 
ATOM   147 O O    B SER A 1 9  ? 8.689   1.468   -2.714  0.62 15.39 ? 9   SER A O    1 
ATOM   148 C CB   A SER A 1 9  ? 9.324   4.029   -5.101  0.38 16.63 ? 9   SER A CB   1 
ATOM   149 C CB   B SER A 1 9  ? 9.677   4.043   -5.113  0.62 16.77 ? 9   SER A CB   1 
ATOM   150 O OG   A SER A 1 9  ? 9.708   5.203   -4.395  0.38 18.30 ? 9   SER A OG   1 
ATOM   151 O OG   B SER A 1 9  ? 8.327   4.225   -5.503  0.62 15.56 ? 9   SER A OG   1 
ATOM   152 H H    A SER A 1 9  ? 8.679   1.689   -5.643  0.38 18.23 ? 9   SER A H    1 
ATOM   153 H H    B SER A 1 9  ? 8.746   1.749   -5.707  0.62 18.34 ? 9   SER A H    1 
ATOM   154 H HA   A SER A 1 9  ? 10.752  2.766   -4.317  0.38 18.98 ? 9   SER A HA   1 
ATOM   155 H HA   B SER A 1 9  ? 10.806  2.638   -4.185  0.62 19.59 ? 9   SER A HA   1 
ATOM   156 H HB2  A SER A 1 9  ? 9.719   4.061   -5.988  0.38 19.96 ? 9   SER A HB2  1 
ATOM   157 H HB2  B SER A 1 9  ? 9.934   4.764   -4.518  0.62 20.13 ? 9   SER A HB2  1 
ATOM   158 H HB3  A SER A 1 9  ? 8.357   4.012   -5.170  0.38 19.96 ? 9   SER A HB3  1 
ATOM   159 H HB3  B SER A 1 9  ? 10.237  4.050   -5.905  0.62 20.13 ? 9   SER A HB3  1 
ATOM   160 H HG   A SER A 1 9  ? 10.542  5.220   -4.296  0.38 21.96 ? 9   SER A HG   1 
ATOM   161 H HG   B SER A 1 9  ? 7.826   4.179   -4.831  0.62 18.68 ? 9   SER A HG   1 
ATOM   162 N N    . ILE A 1 10 ? 9.033   3.653   -2.276  1.00 16.06 ? 10  ILE A N    1 
ATOM   163 C CA   . ILE A 1 10 ? 8.324   3.685   -1.008  1.00 16.66 ? 10  ILE A CA   1 
ATOM   164 C C    . ILE A 1 10 ? 7.097   4.563   -1.176  1.00 16.68 ? 10  ILE A C    1 
ATOM   165 O O    . ILE A 1 10 ? 7.187   5.648   -1.752  1.00 17.53 ? 10  ILE A O    1 
ATOM   166 C CB   . ILE A 1 10 ? 9.212   4.293   0.108   1.00 18.66 ? 10  ILE A CB   1 
ATOM   167 C CG1  . ILE A 1 10 ? 10.500  3.498   0.274   1.00 19.69 ? 10  ILE A CG1  1 
ATOM   168 C CG2  . ILE A 1 10 ? 8.419   4.367   1.399   1.00 19.28 ? 10  ILE A CG2  1 
ATOM   169 C CD1  . ILE A 1 10 ? 10.236  2.103   0.712   1.00 17.40 ? 10  ILE A CD1  1 
ATOM   170 H H    A ILE A 1 10 ? 9.341   4.422   -2.507  0.38 19.27 ? 10  ILE A H    1 
ATOM   171 H H    B ILE A 1 10 ? 9.384   4.411   -2.482  0.62 19.27 ? 10  ILE A H    1 
ATOM   172 H HA   . ILE A 1 10 ? 8.060   2.784   -0.769  1.00 20.00 ? 10  ILE A HA   1 
ATOM   173 H HB   . ILE A 1 10 ? 9.473   5.192   -0.145  1.00 22.39 ? 10  ILE A HB   1 
ATOM   174 H HG12 . ILE A 1 10 ? 10.967  3.467   -0.576  1.00 23.62 ? 10  ILE A HG12 1 
ATOM   175 H HG13 . ILE A 1 10 ? 11.056  3.926   0.943   1.00 23.62 ? 10  ILE A HG13 1 
ATOM   176 H HG21 . ILE A 1 10 ? 9.031   4.501   2.139   1.00 23.14 ? 10  ILE A HG21 1 
ATOM   177 H HG22 . ILE A 1 10 ? 7.798   5.110   1.346   1.00 23.14 ? 10  ILE A HG22 1 
ATOM   178 H HG23 . ILE A 1 10 ? 7.932   3.537   1.519   1.00 23.14 ? 10  ILE A HG23 1 
ATOM   179 H HD11 . ILE A 1 10 ? 11.081  1.638   0.811   1.00 20.88 ? 10  ILE A HD11 1 
ATOM   180 H HD12 . ILE A 1 10 ? 9.766   2.122   1.560   1.00 20.88 ? 10  ILE A HD12 1 
ATOM   181 H HD13 . ILE A 1 10 ? 9.692   1.659   0.042   1.00 20.88 ? 10  ILE A HD13 1 
ATOM   182 N N    . CYS A 1 11 ? 5.968   4.123   -0.635  1.00 13.87 ? 11  CYS A N    1 
ATOM   183 C CA   . CYS A 1 11 ? 4.772   4.949   -0.586  1.00 14.22 ? 11  CYS A CA   1 
ATOM   184 C C    . CYS A 1 11 ? 4.341   5.134   0.856   1.00 12.96 ? 11  CYS A C    1 
ATOM   185 O O    . CYS A 1 11 ? 4.634   4.321   1.715   1.00 13.80 ? 11  CYS A O    1 
ATOM   186 C CB   . CYS A 1 11 ? 3.605   4.344   -1.406  1.00 14.58 ? 11  CYS A CB   1 
ATOM   187 S SG   . CYS A 1 11 ? 2.878   2.856   -0.655  1.00 14.55 ? 11  CYS A SG   1 
ATOM   188 H H    . CYS A 1 11 ? 5.872   3.342   -0.287  1.00 16.64 ? 11  CYS A H    1 
ATOM   189 H HA   . CYS A 1 11 ? 4.976   5.818   -0.966  1.00 17.06 ? 11  CYS A HA   1 
ATOM   190 H HB2  . CYS A 1 11 ? 2.903   5.008   -1.488  1.00 17.49 ? 11  CYS A HB2  1 
ATOM   191 H HB3  . CYS A 1 11 ? 3.935   4.101   -2.286  1.00 17.49 ? 11  CYS A HB3  1 
ATOM   192 N N    . SER A 1 12 ? 3.574   6.205   1.147   1.00 16.19 ? 12  SER A N    1 
ATOM   193 C CA   . SER A 1 12 ? 2.919   6.267   2.453   1.00 16.41 ? 12  SER A CA   1 
ATOM   194 C C    . SER A 1 12 ? 1.630   5.439   2.409   1.00 16.27 ? 12  SER A C    1 
ATOM   195 O O    . SER A 1 12 ? 0.997   5.320   1.355   1.00 16.30 ? 12  SER A O    1 
ATOM   196 C CB   . SER A 1 12 ? 2.656   7.697   2.933   1.00 16.75 ? 12  SER A CB   1 
ATOM   197 O OG   . SER A 1 12 ? 1.452   8.160   2.379   1.00 17.74 ? 12  SER A OG   1 
ATOM   198 H H    . SER A 1 12 ? 3.430   6.873   0.626   1.00 19.43 ? 12  SER A H    1 
ATOM   199 H HA   . SER A 1 12 ? 3.511   5.895   3.124   1.00 19.70 ? 12  SER A HA   1 
ATOM   200 H HB2  . SER A 1 12 ? 2.589   7.703   3.901   1.00 20.10 ? 12  SER A HB2  1 
ATOM   201 H HB3  . SER A 1 12 ? 3.384   8.271   2.648   1.00 20.10 ? 12  SER A HB3  1 
ATOM   202 H HG   . SER A 1 12 ? 0.799   7.819   2.782   1.00 21.29 ? 12  SER A HG   1 
ATOM   203 N N    . LEU A 1 13 ? 1.214   4.898   3.552   1.00 16.71 ? 13  LEU A N    1 
ATOM   204 C CA   . LEU A 1 13 ? -0.033  4.128   3.578   1.00 17.46 ? 13  LEU A CA   1 
ATOM   205 C C    . LEU A 1 13 ? -1.238  4.983   3.171   1.00 16.93 ? 13  LEU A C    1 
ATOM   206 O O    . LEU A 1 13 ? -2.212  4.462   2.613   1.00 18.10 ? 13  LEU A O    1 
ATOM   207 C CB   . LEU A 1 13 ? -0.288  3.515   4.954   1.00 16.88 ? 13  LEU A CB   1 
ATOM   208 C CG   . LEU A 1 13 ? 0.771   2.512   5.455   1.00 17.76 ? 13  LEU A CG   1 
ATOM   209 C CD1  . LEU A 1 13 ? 0.278   1.858   6.708   1.00 20.84 ? 13  LEU A CD1  1 
ATOM   210 C CD2  . LEU A 1 13 ? 1.080   1.496   4.417   1.00 18.46 ? 13  LEU A CD2  1 
ATOM   211 H H    . LEU A 1 13 ? 1.621   4.958   4.308   1.00 20.05 ? 13  LEU A H    1 
ATOM   212 H HA   . LEU A 1 13 ? 0.061   3.394   2.952   1.00 20.95 ? 13  LEU A HA   1 
ATOM   213 H HB2  . LEU A 1 13 ? -0.331  4.235   5.603   1.00 20.25 ? 13  LEU A HB2  1 
ATOM   214 H HB3  . LEU A 1 13 ? -1.136  3.046   4.923   1.00 20.25 ? 13  LEU A HB3  1 
ATOM   215 H HG   . LEU A 1 13 ? 1.598   2.982   5.648   1.00 21.31 ? 13  LEU A HG   1 
ATOM   216 H HD11 . LEU A 1 13 ? 0.973   1.277   7.055   1.00 25.01 ? 13  LEU A HD11 1 
ATOM   217 H HD12 . LEU A 1 13 ? 0.065   2.545   7.359   1.00 25.01 ? 13  LEU A HD12 1 
ATOM   218 H HD13 . LEU A 1 13 ? -0.515  1.339   6.503   1.00 25.01 ? 13  LEU A HD13 1 
ATOM   219 H HD21 . LEU A 1 13 ? 1.602   0.783   4.817   1.00 22.15 ? 13  LEU A HD21 1 
ATOM   220 H HD22 . LEU A 1 13 ? 0.249   1.141   4.066   1.00 22.15 ? 13  LEU A HD22 1 
ATOM   221 H HD23 . LEU A 1 13 ? 1.588   1.916   3.705   1.00 22.15 ? 13  LEU A HD23 1 
ATOM   222 N N    . TYR A 1 14 ? -1.165  6.295   3.377   1.00 17.48 ? 14  TYR A N    1 
ATOM   223 C CA   . TYR A 1 14 ? -2.250  7.178   2.969   1.00 17.42 ? 14  TYR A CA   1 
ATOM   224 C C    . TYR A 1 14 ? -2.499  7.144   1.462   1.00 18.55 ? 14  TYR A C    1 
ATOM   225 O O    . TYR A 1 14 ? -3.605  7.394   0.997   1.00 18.37 ? 14  TYR A O    1 
ATOM   226 C CB   . TYR A 1 14 ? -1.936  8.617   3.388   1.00 17.88 ? 14  TYR A CB   1 
ATOM   227 C CG   . TYR A 1 14 ? -1.641  8.835   4.840   1.00 18.46 ? 14  TYR A CG   1 
ATOM   228 C CD1  . TYR A 1 14 ? -2.674  8.975   5.771   1.00 18.18 ? 14  TYR A CD1  1 
ATOM   229 C CD2  . TYR A 1 14 ? -0.332  8.948   5.301   1.00 18.38 ? 14  TYR A CD2  1 
ATOM   230 C CE1  . TYR A 1 14 ? -2.420  9.208   7.112   1.00 17.30 ? 14  TYR A CE1  1 
ATOM   231 C CE2  . TYR A 1 14 ? -0.073  9.191   6.647   1.00 17.86 ? 14  TYR A CE2  1 
ATOM   232 C CZ   . TYR A 1 14 ? -1.133  9.333   7.542   1.00 16.88 ? 14  TYR A CZ   1 
ATOM   233 O OH   . TYR A 1 14 ? -0.939  9.568   8.870   1.00 17.66 ? 14  TYR A OH   1 
ATOM   234 H H    . TYR A 1 14 ? -0.501  6.698   3.746   1.00 20.97 ? 14  TYR A H    1 
ATOM   235 H HA   . TYR A 1 14 ? -3.061  6.890   3.418   1.00 20.90 ? 14  TYR A HA   1 
ATOM   236 H HB2  . TYR A 1 14 ? -1.155  8.913   2.891   1.00 21.45 ? 14  TYR A HB2  1 
ATOM   237 H HB3  . TYR A 1 14 ? -2.700  9.171   3.165   1.00 21.45 ? 14  TYR A HB3  1 
ATOM   238 H HD1  . TYR A 1 14 ? -3.555  8.911   5.482   1.00 21.82 ? 14  TYR A HD1  1 
ATOM   239 H HD2  . TYR A 1 14 ? 0.376   8.859   4.705   1.00 22.06 ? 14  TYR A HD2  1 
ATOM   240 H HE1  . TYR A 1 14 ? -3.123  9.278   7.717   1.00 20.76 ? 14  TYR A HE1  1 
ATOM   241 H HE2  . TYR A 1 14 ? 0.804   9.258   6.949   1.00 21.43 ? 14  TYR A HE2  1 
ATOM   242 H HH   . TYR A 1 14 ? -0.117  9.640   9.032   1.00 21.20 ? 14  TYR A HH   1 
ATOM   243 N N    . GLN A 1 15 ? -1.508  6.765   0.676   1.00 17.99 ? 15  GLN A N    1 
ATOM   244 C CA   . GLN A 1 15 ? -1.666  6.654   -0.770  1.00 18.70 ? 15  GLN A CA   1 
ATOM   245 C C    . GLN A 1 15 ? -2.497  5.458   -1.254  1.00 17.31 ? 15  GLN A C    1 
ATOM   246 O O    . GLN A 1 15 ? -2.880  5.438   -2.406  1.00 19.92 ? 15  GLN A O    1 
ATOM   247 C CB   . GLN A 1 15 ? -0.309  6.739   -1.441  1.00 19.53 ? 15  GLN A CB   1 
ATOM   248 C CG   . GLN A 1 15 ? 0.322   8.064   -1.128  1.00 21.00 ? 15  GLN A CG   1 
ATOM   249 C CD   . GLN A 1 15 ? 1.670   8.203   -1.747  1.00 22.23 ? 15  GLN A CD   1 
ATOM   250 O OE1  . GLN A 1 15 ? 2.684   7.680   -1.235  1.00 23.57 ? 15  GLN A OE1  1 
ATOM   251 N NE2  . GLN A 1 15 ? 1.721   8.871   -2.886  1.00 24.55 ? 15  GLN A NE2  1 
ATOM   252 H H    . GLN A 1 15 ? -0.721  6.560   0.953   1.00 21.59 ? 15  GLN A H    1 
ATOM   253 H HA   . GLN A 1 15 ? -2.181  7.418   -1.073  1.00 22.44 ? 15  GLN A HA   1 
ATOM   254 H HB2  . GLN A 1 15 ? 0.266   6.031   -1.111  1.00 23.43 ? 15  GLN A HB2  1 
ATOM   255 H HB3  . GLN A 1 15 ? -0.414  6.661   -2.403  1.00 23.43 ? 15  GLN A HB3  1 
ATOM   256 H HG2  . GLN A 1 15 ? -0.243  8.774   -1.470  1.00 25.20 ? 15  GLN A HG2  1 
ATOM   257 H HG3  . GLN A 1 15 ? 0.420   8.151   -0.167  1.00 25.20 ? 15  GLN A HG3  1 
ATOM   258 H HE21 . GLN A 1 15 ? 1.002   9.196   -3.227  1.00 29.46 ? 15  GLN A HE21 1 
ATOM   259 H HE22 . GLN A 1 15 ? 2.475   8.981   -3.287  1.00 29.46 ? 15  GLN A HE22 1 
ATOM   260 N N    A LEU A 1 16 ? -2.764  4.474   -0.384  0.67 18.30 ? 16  LEU A N    1 
ATOM   261 N N    B LEU A 1 16 ? -2.875  4.536   -0.366  0.33 16.42 ? 16  LEU A N    1 
ATOM   262 C CA   A LEU A 1 16 ? -3.568  3.317   -0.757  0.67 18.47 ? 16  LEU A CA   1 
ATOM   263 C CA   B LEU A 1 16 ? -3.694  3.404   -0.773  0.33 16.57 ? 16  LEU A CA   1 
ATOM   264 C C    A LEU A 1 16 ? -5.056  3.585   -0.706  0.67 17.57 ? 16  LEU A C    1 
ATOM   265 C C    B LEU A 1 16 ? -5.184  3.689   -0.716  0.33 17.65 ? 16  LEU A C    1 
ATOM   266 O O    A LEU A 1 16 ? -5.843  2.803   -1.254  0.67 19.80 ? 16  LEU A O    1 
ATOM   267 O O    B LEU A 1 16 ? -5.972  2.983   -1.356  0.33 16.96 ? 16  LEU A O    1 
ATOM   268 C CB   A LEU A 1 16 ? -3.232  2.150   0.185   0.67 16.64 ? 16  LEU A CB   1 
ATOM   269 C CB   B LEU A 1 16 ? -3.386  2.194   0.125   0.33 15.70 ? 16  LEU A CB   1 
ATOM   270 C CG   A LEU A 1 16 ? -1.818  1.548   0.107   0.67 16.67 ? 16  LEU A CG   1 
ATOM   271 C CG   B LEU A 1 16 ? -2.037  1.481   0.002   0.33 16.54 ? 16  LEU A CG   1 
ATOM   272 C CD1  A LEU A 1 16 ? -1.557  0.491   1.181   0.67 17.49 ? 16  LEU A CD1  1 
ATOM   273 C CD1  B LEU A 1 16 ? -0.930  2.498   0.141   0.33 17.60 ? 16  LEU A CD1  1 
ATOM   274 C CD2  A LEU A 1 16 ? -1.622  0.993   -1.323  0.67 15.51 ? 16  LEU A CD2  1 
ATOM   275 C CD2  B LEU A 1 16 ? -1.855  0.403   1.045   0.33 16.86 ? 16  LEU A CD2  1 
ATOM   276 H H    A LEU A 1 16 ? -2.487  4.460   0.431   0.67 21.96 ? 16  LEU A H    1 
ATOM   277 H H    B LEU A 1 16 ? -2.670  4.547   0.469   0.33 19.70 ? 16  LEU A H    1 
ATOM   278 H HA   A LEU A 1 16 ? -3.348  3.061   -1.666  0.67 22.16 ? 16  LEU A HA   1 
ATOM   279 H HA   B LEU A 1 16 ? -3.473  3.174   -1.688  0.33 19.88 ? 16  LEU A HA   1 
ATOM   280 H HB2  A LEU A 1 16 ? -3.355  2.460   1.096   0.67 19.97 ? 16  LEU A HB2  1 
ATOM   281 H HB2  B LEU A 1 16 ? -3.448  2.495   1.045   0.33 18.84 ? 16  LEU A HB2  1 
ATOM   282 H HB3  A LEU A 1 16 ? -3.854  1.429   -0.005  0.67 19.97 ? 16  LEU A HB3  1 
ATOM   283 H HB3  B LEU A 1 16 ? -4.063  1.524   -0.052  0.33 18.84 ? 16  LEU A HB3  1 
ATOM   284 H HG   A LEU A 1 16 ? -1.156  2.234   0.287   0.67 20.00 ? 16  LEU A HG   1 
ATOM   285 H HG   B LEU A 1 16 ? -2.000  1.047   -0.865  0.33 19.85 ? 16  LEU A HG   1 
ATOM   286 H HD11 A LEU A 1 16 ? -0.648  0.163   1.087   0.67 20.98 ? 16  LEU A HD11 1 
ATOM   287 H HD11 B LEU A 1 16 ? -0.094  2.035   0.302   0.33 21.13 ? 16  LEU A HD11 1 
ATOM   288 H HD12 A LEU A 1 16 ? -1.675  0.894   2.055   0.67 20.98 ? 16  LEU A HD12 1 
ATOM   289 H HD12 B LEU A 1 16 ? -0.871  3.014   -0.678  0.33 21.13 ? 16  LEU A HD12 1 
ATOM   290 H HD13 A LEU A 1 16 ? -2.185  -0.239  1.065   0.67 20.98 ? 16  LEU A HD13 1 
ATOM   291 H HD13 B LEU A 1 16 ? -1.133  3.084   0.887   0.33 21.13 ? 16  LEU A HD13 1 
ATOM   292 H HD21 A LEU A 1 16 ? -1.189  0.127   -1.269  0.67 18.61 ? 16  LEU A HD21 1 
ATOM   293 H HD21 B LEU A 1 16 ? -0.986  -0.013  0.922   0.33 20.23 ? 16  LEU A HD21 1 
ATOM   294 H HD22 A LEU A 1 16 ? -2.490  0.903   -1.748  0.67 18.61 ? 16  LEU A HD22 1 
ATOM   295 H HD22 B LEU A 1 16 ? -1.908  0.804   1.927   0.33 20.23 ? 16  LEU A HD22 1 
ATOM   296 H HD23 A LEU A 1 16 ? -1.069  1.609   -1.829  0.67 18.61 ? 16  LEU A HD23 1 
ATOM   297 H HD23 B LEU A 1 16 ? -2.555  -0.259  0.940   0.33 20.23 ? 16  LEU A HD23 1 
ATOM   298 N N    A GLU A 1 17 ? -5.472  4.682   -0.066  0.67 17.23 ? 17  GLU A N    1 
ATOM   299 N N    B GLU A 1 17 ? -5.592  4.720   0.020   0.33 18.18 ? 17  GLU A N    1 
ATOM   300 C CA   A GLU A 1 17 ? -6.898  4.965   0.141   0.67 19.19 ? 17  GLU A CA   1 
ATOM   301 C CA   B GLU A 1 17 ? -7.015  5.005   0.197   0.33 18.27 ? 17  GLU A CA   1 
ATOM   302 C C    A GLU A 1 17 ? -7.640  5.106   -1.172  0.67 19.62 ? 17  GLU A C    1 
ATOM   303 C C    B GLU A 1 17 ? -7.726  5.242   -1.132  0.33 20.04 ? 17  GLU A C    1 
ATOM   304 O O    A GLU A 1 17 ? -8.780  4.650   -1.309  0.67 21.91 ? 17  GLU A O    1 
ATOM   305 O O    B GLU A 1 17 ? -8.931  4.982   -1.244  0.33 20.27 ? 17  GLU A O    1 
ATOM   306 C CB   A GLU A 1 17 ? -7.037  6.212   0.971   0.67 23.24 ? 17  GLU A CB   1 
ATOM   307 C CB   B GLU A 1 17 ? -7.180  6.179   1.156   0.33 19.04 ? 17  GLU A CB   1 
ATOM   308 C CG   A GLU A 1 17 ? -7.032  5.902   2.416   0.67 26.44 ? 17  GLU A CG   1 
ATOM   309 C CG   B GLU A 1 17 ? -8.586  6.318   1.635   0.33 19.94 ? 17  GLU A CG   1 
ATOM   310 C CD   A GLU A 1 17 ? -7.743  6.954   3.185   0.67 27.72 ? 17  GLU A CD   1 
ATOM   311 C CD   B GLU A 1 17 ? -8.849  7.591   2.413   0.33 23.10 ? 17  GLU A CD   1 
ATOM   312 O OE1  A GLU A 1 17 ? -7.268  8.102   3.131   0.67 28.91 ? 17  GLU A OE1  1 
ATOM   313 O OE1  B GLU A 1 17 ? -7.899  8.331   2.750   0.33 22.48 ? 17  GLU A OE1  1 
ATOM   314 O OE2  A GLU A 1 17 ? -8.795  6.652   3.784   0.67 28.46 ? 17  GLU A OE2  1 
ATOM   315 O OE2  B GLU A 1 17 ? -10.035 7.844   2.697   0.33 23.98 ? 17  GLU A OE2  1 
ATOM   316 H H    A GLU A 1 17 ? -4.950  5.283   0.260   0.67 20.68 ? 17  GLU A H    1 
ATOM   317 H H    B GLU A 1 17 ? -5.071  5.270   0.427   0.33 21.82 ? 17  GLU A H    1 
ATOM   318 H HA   A GLU A 1 17 ? -7.303  4.226   0.620   0.67 23.03 ? 17  GLU A HA   1 
ATOM   319 H HA   B GLU A 1 17 ? -7.450  4.236   0.598   0.33 21.92 ? 17  GLU A HA   1 
ATOM   320 H HB2  A GLU A 1 17 ? -6.296  6.809   0.784   0.67 27.89 ? 17  GLU A HB2  1 
ATOM   321 H HB2  B GLU A 1 17 ? -6.609  6.043   1.928   0.33 22.85 ? 17  GLU A HB2  1 
ATOM   322 H HB3  A GLU A 1 17 ? -7.876  6.650   0.756   0.67 27.89 ? 17  GLU A HB3  1 
ATOM   323 H HB3  B GLU A 1 17 ? -6.933  6.999   0.700   0.33 22.85 ? 17  GLU A HB3  1 
ATOM   324 H HG2  A GLU A 1 17 ? -7.478  5.055   2.567   0.67 31.73 ? 17  GLU A HG2  1 
ATOM   325 H HG2  B GLU A 1 17 ? -9.177  6.315   0.866   0.33 23.93 ? 17  GLU A HG2  1 
ATOM   326 H HG3  A GLU A 1 17 ? -6.116  5.856   2.734   0.67 31.73 ? 17  GLU A HG3  1 
ATOM   327 H HG3  B GLU A 1 17 ? -8.791  5.569   2.216   0.33 23.93 ? 17  GLU A HG3  1 
ATOM   328 N N    . ASN A 1 18 ? -7.031  5.774   -2.132  1.00 20.51 ? 18  ASN A N    1 
ATOM   329 C CA   . ASN A 1 18 ? -7.648  5.953   -3.437  1.00 22.98 ? 18  ASN A CA   1 
ATOM   330 C C    . ASN A 1 18 ? -8.044  4.644   -4.119  1.00 22.26 ? 18  ASN A C    1 
ATOM   331 O O    . ASN A 1 18 ? -8.881  4.671   -5.026  1.00 24.01 ? 18  ASN A O    1 
ATOM   332 C CB   . ASN A 1 18 ? -6.652  6.740   -4.283  1.00 28.65 ? 18  ASN A CB   1 
ATOM   333 C CG   . ASN A 1 18 ? -7.134  6.992   -5.664  1.00 33.51 ? 18  ASN A CG   1 
ATOM   334 O OD1  . ASN A 1 18 ? -8.147  7.658   -5.871  1.00 35.93 ? 18  ASN A OD1  1 
ATOM   335 N ND2  . ASN A 1 18 ? -6.405  6.476   -6.647  1.00 36.00 ? 18  ASN A ND2  1 
ATOM   336 H H    . ASN A 1 18 ? -6.256  6.140   -2.057  1.00 24.61 ? 18  ASN A H    1 
ATOM   337 H HA   . ASN A 1 18 ? -8.478  6.446   -3.356  1.00 27.58 ? 18  ASN A HA   1 
ATOM   338 H HB2  . ASN A 1 18 ? -6.490  7.598   -3.862  1.00 34.38 ? 18  ASN A HB2  1 
ATOM   339 H HB3  . ASN A 1 18 ? -5.824  6.239   -4.343  1.00 34.38 ? 18  ASN A HB3  1 
ATOM   340 H HD21 . ASN A 1 18 ? -6.641  6.593   -7.465  1.00 43.20 ? 18  ASN A HD21 1 
ATOM   341 H HD22 . ASN A 1 18 ? -5.696  6.024   -6.464  1.00 43.20 ? 18  ASN A HD22 1 
ATOM   342 N N    . TYR A 1 19 ? -7.493  3.515   -3.697  1.00 20.45 ? 19  TYR A N    1 
ATOM   343 C CA   . TYR A 1 19 ? -7.731  2.238   -4.361  1.00 24.48 ? 19  TYR A CA   1 
ATOM   344 C C    . TYR A 1 19 ? -8.751  1.370   -3.648  1.00 26.91 ? 19  TYR A C    1 
ATOM   345 O O    . TYR A 1 19 ? -9.013  0.246   -4.095  1.00 30.48 ? 19  TYR A O    1 
ATOM   346 C CB   . TYR A 1 19 ? -6.397  1.493   -4.603  1.00 26.57 ? 19  TYR A CB   1 
ATOM   347 C CG   . TYR A 1 19 ? -5.542  2.323   -5.528  1.00 30.04 ? 19  TYR A CG   1 
ATOM   348 C CD1  . TYR A 1 19 ? -4.775  3.368   -5.032  1.00 31.49 ? 19  TYR A CD1  1 
ATOM   349 C CD2  . TYR A 1 19 ? -5.606  2.158   -6.906  1.00 30.64 ? 19  TYR A CD2  1 
ATOM   350 C CE1  . TYR A 1 19 ? -4.047  4.181   -5.865  1.00 31.29 ? 19  TYR A CE1  1 
ATOM   351 C CE2  . TYR A 1 19 ? -4.881  2.972   -7.756  1.00 31.41 ? 19  TYR A CE2  1 
ATOM   352 C CZ   . TYR A 1 19 ? -4.098  3.986   -7.229  1.00 32.58 ? 19  TYR A CZ   1 
ATOM   353 O OH   . TYR A 1 19 ? -3.370  4.809   -8.055  1.00 34.14 ? 19  TYR A OH   1 
ATOM   354 H H    . TYR A 1 19 ? -6.968  3.461   -3.017  1.00 24.53 ? 19  TYR A H    1 
ATOM   355 H HA   . TYR A 1 19 ? -8.100  2.406   -5.242  1.00 29.37 ? 19  TYR A HA   1 
ATOM   356 H HB2  . TYR A 1 19 ? -5.929  1.372   -3.761  1.00 31.88 ? 19  TYR A HB2  1 
ATOM   357 H HB3  . TYR A 1 19 ? -6.568  0.633   -5.014  1.00 31.88 ? 19  TYR A HB3  1 
ATOM   358 H HD1  . TYR A 1 19 ? -4.754  3.521   -4.115  1.00 37.79 ? 19  TYR A HD1  1 
ATOM   359 H HD2  . TYR A 1 19 ? -6.145  1.489   -7.262  1.00 36.77 ? 19  TYR A HD2  1 
ATOM   360 H HE1  . TYR A 1 19 ? -3.520  4.860   -5.510  1.00 37.54 ? 19  TYR A HE1  1 
ATOM   361 H HE2  . TYR A 1 19 ? -4.919  2.840   -8.676  1.00 37.69 ? 19  TYR A HE2  1 
ATOM   362 H HH   . TYR A 1 19 ? -3.476  4.577   -8.856  1.00 40.97 ? 19  TYR A HH   1 
ATOM   363 N N    . CYS A 1 20 ? -9.345  1.868   -2.566  1.00 26.92 ? 20  CYS A N    1 
ATOM   364 C CA   . CYS A 1 20 ? -10.357 1.137   -1.815  1.00 28.53 ? 20  CYS A CA   1 
ATOM   365 C C    . CYS A 1 20 ? -11.663 1.073   -2.586  1.00 31.86 ? 20  CYS A C    1 
ATOM   366 O O    . CYS A 1 20 ? -12.028 2.021   -3.279  1.00 34.24 ? 20  CYS A O    1 
ATOM   367 C CB   . CYS A 1 20 ? -10.621 1.833   -0.477  1.00 26.23 ? 20  CYS A CB   1 
ATOM   368 S SG   . CYS A 1 20 ? -9.148  2.083   0.564   1.00 26.84 ? 20  CYS A SG   1 
ATOM   369 H H    . CYS A 1 20 ? -9.174  2.646   -2.240  1.00 32.31 ? 20  CYS A H    1 
ATOM   370 H HA   . CYS A 1 20 ? -10.036 0.235   -1.656  1.00 34.24 ? 20  CYS A HA   1 
ATOM   371 H HB2  . CYS A 1 20 ? -11.003 2.708   -0.657  1.00 31.48 ? 20  CYS A HB2  1 
ATOM   372 H HB3  . CYS A 1 20 ? -11.249 1.295   0.030   1.00 31.48 ? 20  CYS A HB3  1 
ATOM   373 N N    . PHE B 2 1  ? 6.515   -1.490  8.663   1.00 33.64 ? 1   PHE B N    1 
ATOM   374 C CA   . PHE B 2 1  ? 6.234   -0.926  7.325   1.00 32.37 ? 1   PHE B CA   1 
ATOM   375 C C    . PHE B 2 1  ? 6.770   0.504   7.199   1.00 29.35 ? 1   PHE B C    1 
ATOM   376 O O    . PHE B 2 1  ? 6.792   1.047   6.101   1.00 32.12 ? 1   PHE B O    1 
ATOM   377 C CB   . PHE B 2 1  ? 4.725   -0.798  7.133   1.00 32.38 ? 1   PHE B CB   1 
ATOM   378 C CG   . PHE B 2 1  ? 4.163   0.285   7.991   1.00 33.31 ? 1   PHE B CG   1 
ATOM   379 C CD1  . PHE B 2 1  ? 4.058   0.085   9.345   1.00 35.90 ? 1   PHE B CD1  1 
ATOM   380 C CD2  . PHE B 2 1  ? 3.854   1.534   7.479   1.00 35.06 ? 1   PHE B CD2  1 
ATOM   381 C CE1  . PHE B 2 1  ? 3.637   1.071   10.145  1.00 36.75 ? 1   PHE B CE1  1 
ATOM   382 C CE2  . PHE B 2 1  ? 3.394   2.535   8.291   1.00 35.89 ? 1   PHE B CE2  1 
ATOM   383 C CZ   . PHE B 2 1  ? 3.288   2.311   9.618   1.00 36.56 ? 1   PHE B CZ   1 
ATOM   384 H H1   . PHE B 2 1  ? 5.998   -2.202  8.801   1.00 40.37 ? 1   PHE B H1   1 
ATOM   385 H H2   . PHE B 2 1  ? 7.370   -1.732  8.710   1.00 40.37 ? 1   PHE B H2   1 
ATOM   386 H H3   . PHE B 2 1  ? 6.346   -0.877  9.286   1.00 40.37 ? 1   PHE B H3   1 
ATOM   387 H HA   . PHE B 2 1  ? 6.641   -1.510  6.667   1.00 38.84 ? 1   PHE B HA   1 
ATOM   388 H HB2  . PHE B 2 1  ? 4.536   -0.586  6.207   1.00 38.85 ? 1   PHE B HB2  1 
ATOM   389 H HB3  . PHE B 2 1  ? 4.298   -1.634  7.376   1.00 38.85 ? 1   PHE B HB3  1 
ATOM   390 H HD1  . PHE B 2 1  ? 4.280   -0.742  9.708   1.00 43.07 ? 1   PHE B HD1  1 
ATOM   391 H HD2  . PHE B 2 1  ? 3.961   1.695   6.569   1.00 42.07 ? 1   PHE B HD2  1 
ATOM   392 H HE1  . PHE B 2 1  ? 3.578   0.927   11.063  1.00 44.10 ? 1   PHE B HE1  1 
ATOM   393 H HE2  . PHE B 2 1  ? 3.156   3.360   7.934   1.00 43.07 ? 1   PHE B HE2  1 
ATOM   394 H HZ   . PHE B 2 1  ? 2.982   2.986   10.180  1.00 43.87 ? 1   PHE B HZ   1 
ATOM   395 N N    . VAL B 2 2  ? 7.138   1.152   8.307   1.00 26.29 ? 2   VAL B N    1 
ATOM   396 C CA   . VAL B 2 2  ? 7.383   2.596   8.215   1.00 22.96 ? 2   VAL B CA   1 
ATOM   397 C C    . VAL B 2 2  ? 8.586   2.799   7.309   1.00 19.95 ? 2   VAL B C    1 
ATOM   398 O O    . VAL B 2 2  ? 9.683   2.299   7.591   1.00 19.77 ? 2   VAL B O    1 
ATOM   399 C CB   . VAL B 2 2  ? 7.590   3.228   9.586   1.00 22.91 ? 2   VAL B CB   1 
ATOM   400 C CG1  . VAL B 2 2  ? 7.999   4.706   9.465   1.00 23.10 ? 2   VAL B CG1  1 
ATOM   401 C CG2  . VAL B 2 2  ? 6.313   3.119   10.399  1.00 25.78 ? 2   VAL B CG2  1 
ATOM   402 H H    . VAL B 2 2  ? 7.247   0.800   9.086   1.00 31.55 ? 2   VAL B H    1 
ATOM   403 H HA   . VAL B 2 2  ? 6.607   3.028   7.826   1.00 27.55 ? 2   VAL B HA   1 
ATOM   404 H HB   . VAL B 2 2  ? 8.305   2.754   10.038  1.00 27.49 ? 2   VAL B HB   1 
ATOM   405 H HG11 . VAL B 2 2  ? 7.918   5.129   10.335  1.00 27.72 ? 2   VAL B HG11 1 
ATOM   406 H HG12 . VAL B 2 2  ? 8.918   4.756   9.158   1.00 27.72 ? 2   VAL B HG12 1 
ATOM   407 H HG13 . VAL B 2 2  ? 7.414   5.145   8.828   1.00 27.72 ? 2   VAL B HG13 1 
ATOM   408 H HG21 . VAL B 2 2  ? 6.482   3.441   11.298  1.00 30.93 ? 2   VAL B HG21 1 
ATOM   409 H HG22 . VAL B 2 2  ? 5.624   3.659   9.979   1.00 30.93 ? 2   VAL B HG22 1 
ATOM   410 H HG23 . VAL B 2 2  ? 6.034   2.190   10.427  1.00 30.93 ? 2   VAL B HG23 1 
ATOM   411 N N    . ASN B 2 3  ? 8.384   3.488   6.190   1.00 19.31 ? 3   ASN B N    1 
ATOM   412 C CA   . ASN B 2 3  ? 9.463   3.710   5.238   1.00 19.52 ? 3   ASN B CA   1 
ATOM   413 C C    . ASN B 2 3  ? 10.015  2.392   4.696   1.00 20.57 ? 3   ASN B C    1 
ATOM   414 O O    . ASN B 2 3  ? 11.224  2.303   4.430   1.00 22.53 ? 3   ASN B O    1 
ATOM   415 C CB   . ASN B 2 3  ? 10.558  4.577   5.871   1.00 20.70 ? 3   ASN B CB   1 
ATOM   416 C CG   . ASN B 2 3  ? 11.407  5.283   4.840   1.00 20.52 ? 3   ASN B CG   1 
ATOM   417 O OD1  . ASN B 2 3  ? 10.905  5.718   3.801   1.00 22.34 ? 3   ASN B OD1  1 
ATOM   418 N ND2  . ASN B 2 3  ? 12.696  5.390   5.098   1.00 21.34 ? 3   ASN B ND2  1 
ATOM   419 H H    . ASN B 2 3  ? 7.631   3.837   5.963   1.00 23.18 ? 3   ASN B H    1 
ATOM   420 H HA   . ASN B 2 3  ? 9.122   4.191   4.468   1.00 23.43 ? 3   ASN B HA   1 
ATOM   421 H HB2  . ASN B 2 3  ? 10.144  5.251   6.431   1.00 24.84 ? 3   ASN B HB2  1 
ATOM   422 H HB3  . ASN B 2 3  ? 11.139  4.013   6.404   1.00 24.84 ? 3   ASN B HB3  1 
ATOM   423 H HD21 . ASN B 2 3  ? 13.215  5.785   4.538   1.00 25.60 ? 3   ASN B HD21 1 
ATOM   424 H HD22 . ASN B 2 3  ? 13.017  5.063   5.827   1.00 25.60 ? 3   ASN B HD22 1 
ATOM   425 N N    . GLN B 2 4  ? 9.126   1.366   4.510   1.00 17.92 ? 4   GLN B N    1 
ATOM   426 C CA   . GLN B 2 4  ? 9.493   0.065   3.919   1.00 17.51 ? 4   GLN B CA   1 
ATOM   427 C C    . GLN B 2 4  ? 8.754   -0.291  2.609   1.00 16.22 ? 4   GLN B C    1 
ATOM   428 O O    . GLN B 2 4  ? 7.616   0.115   2.374   1.00 17.56 ? 4   GLN B O    1 
ATOM   429 C CB   . GLN B 2 4  ? 9.256   -1.122  4.907   1.00 18.94 ? 4   GLN B CB   1 
ATOM   430 C CG   . GLN B 2 4  ? 9.844   -0.969  6.308   1.00 21.84 ? 4   GLN B CG   1 
ATOM   431 C CD   . GLN B 2 4  ? 11.359  -0.772  6.343   1.00 24.78 ? 4   GLN B CD   1 
ATOM   432 O OE1  . GLN B 2 4  ? 12.111  -1.426  5.617   1.00 25.66 ? 4   GLN B OE1  1 
ATOM   433 N NE2  . GLN B 2 4  ? 11.811  0.126   7.213   1.00 26.10 ? 4   GLN B NE2  1 
ATOM   434 H H    . GLN B 2 4  ? 8.294   1.415   4.726   1.00 21.51 ? 4   GLN B H    1 
ATOM   435 H HA   . GLN B 2 4  ? 10.432  0.161   3.698   1.00 21.01 ? 4   GLN B HA   1 
ATOM   436 H HB2  . GLN B 2 4  ? 8.298   -1.240  5.012   1.00 22.72 ? 4   GLN B HB2  1 
ATOM   437 H HB3  . GLN B 2 4  ? 9.647   -1.919  4.518   1.00 22.72 ? 4   GLN B HB3  1 
ATOM   438 H HG2  . GLN B 2 4  ? 9.439   -0.195  6.730   1.00 26.21 ? 4   GLN B HG2  1 
ATOM   439 H HG3  . GLN B 2 4  ? 9.642   -1.769  6.817   1.00 26.21 ? 4   GLN B HG3  1 
ATOM   440 H HE21 . GLN B 2 4  ? 11.260  0.556   7.714   1.00 31.32 ? 4   GLN B HE21 1 
ATOM   441 H HE22 . GLN B 2 4  ? 12.656  0.278   7.275   1.00 31.32 ? 4   GLN B HE22 1 
ATOM   442 N N    . HIS B 2 5  ? 9.385   -1.117  1.776   1.00 16.35 ? 5   HIS B N    1 
ATOM   443 C CA   . HIS B 2 5  ? 8.786   -1.597  0.538   1.00 15.61 ? 5   HIS B CA   1 
ATOM   444 C C    . HIS B 2 5  ? 7.625   -2.530  0.861   1.00 16.13 ? 5   HIS B C    1 
ATOM   445 O O    . HIS B 2 5  ? 7.701   -3.374  1.758   1.00 18.91 ? 5   HIS B O    1 
ATOM   446 C CB   . HIS B 2 5  ? 9.826   -2.308  -0.332  1.00 16.08 ? 5   HIS B CB   1 
ATOM   447 C CG   . HIS B 2 5  ? 10.950  -1.420  -0.757  1.00 16.35 ? 5   HIS B CG   1 
ATOM   448 N ND1  . HIS B 2 5  ? 10.824  -0.489  -1.759  1.00 17.83 ? 5   HIS B ND1  1 
ATOM   449 C CD2  . HIS B 2 5  ? 12.222  -1.296  -0.295  1.00 16.09 ? 5   HIS B CD2  1 
ATOM   450 C CE1  . HIS B 2 5  ? 11.972  0.159   -1.898  1.00 18.24 ? 5   HIS B CE1  1 
ATOM   451 N NE2  . HIS B 2 5  ? 12.830  -0.314  -1.021  1.00 16.78 ? 5   HIS B NE2  1 
ATOM   452 H H    . HIS B 2 5  ? 10.179  -1.421  1.908   1.00 19.61 ? 5   HIS B H    1 
ATOM   453 H HA   . HIS B 2 5  ? 8.450   -0.847  0.023   1.00 18.73 ? 5   HIS B HA   1 
ATOM   454 H HB2  . HIS B 2 5  ? 10.204  -3.047  0.171   1.00 19.29 ? 5   HIS B HB2  1 
ATOM   455 H HB3  . HIS B 2 5  ? 9.390   -2.641  -1.132  1.00 19.29 ? 5   HIS B HB3  1 
ATOM   456 H HD1  . HIS B 2 5  ? 10.113  -0.348  -2.222  1.00 21.40 ? 5   HIS B HD1  1 
ATOM   457 H HD2  . HIS B 2 5  ? 12.608  -1.790  0.392   1.00 19.31 ? 5   HIS B HD2  1 
ATOM   458 H HE1  . HIS B 2 5  ? 12.144  0.834   -2.514  1.00 21.88 ? 5   HIS B HE1  1 
ATOM   459 N N    . LEU B 2 6  ? 6.533   -2.376  0.111   1.00 14.70 ? 6   LEU B N    1 
ATOM   460 C CA   . LEU B 2 6  ? 5.299   -3.153  0.305   1.00 14.89 ? 6   LEU B CA   1 
ATOM   461 C C    . LEU B 2 6  ? 4.962   -3.835  -1.012  1.00 13.90 ? 6   LEU B C    1 
ATOM   462 O O    . LEU B 2 6  ? 4.547   -3.175  -1.976  1.00 13.88 ? 6   LEU B O    1 
ATOM   463 C CB   . LEU B 2 6  ? 4.149   -2.259  0.721   1.00 14.45 ? 6   LEU B CB   1 
ATOM   464 C CG   . LEU B 2 6  ? 4.236   -1.733  2.138   1.00 16.17 ? 6   LEU B CG   1 
ATOM   465 C CD1  . LEU B 2 6  ? 3.175   -0.658  2.307   1.00 18.36 ? 6   LEU B CD1  1 
ATOM   466 C CD2  . LEU B 2 6  ? 4.014   -2.823  3.157   1.00 18.30 ? 6   LEU B CD2  1 
ATOM   467 H H    . LEU B 2 6  ? 6.480   -1.811  -0.536  1.00 17.64 ? 6   LEU B H    1 
ATOM   468 H HA   . LEU B 2 6  ? 5.451   -3.820  0.993   1.00 17.87 ? 6   LEU B HA   1 
ATOM   469 H HB2  . LEU B 2 6  ? 4.125   -1.493  0.126   1.00 17.34 ? 6   LEU B HB2  1 
ATOM   470 H HB3  . LEU B 2 6  ? 3.324   -2.764  0.646   1.00 17.34 ? 6   LEU B HB3  1 
ATOM   471 H HG   . LEU B 2 6  ? 5.122   -1.373  2.294   1.00 19.40 ? 6   LEU B HG   1 
ATOM   472 H HD11 . LEU B 2 6  ? 3.220   -0.310  3.211   1.00 22.03 ? 6   LEU B HD11 1 
ATOM   473 H HD12 . LEU B 2 6  ? 3.341   0.053   1.669   1.00 22.03 ? 6   LEU B HD12 1 
ATOM   474 H HD13 . LEU B 2 6  ? 2.301   -1.049  2.147   1.00 22.03 ? 6   LEU B HD13 1 
ATOM   475 H HD21 . LEU B 2 6  ? 3.966   -2.425  4.040   1.00 21.96 ? 6   LEU B HD21 1 
ATOM   476 H HD22 . LEU B 2 6  ? 3.184   -3.281  2.955   1.00 21.96 ? 6   LEU B HD22 1 
ATOM   477 H HD23 . LEU B 2 6  ? 4.754   -3.448  3.116   1.00 21.96 ? 6   LEU B HD23 1 
ATOM   478 N N    . CYS B 2 7  ? 5.083   -5.158  -1.037  1.00 14.71 ? 7   CYS B N    1 
ATOM   479 C CA   . CYS B 2 7  ? 4.869   -5.972  -2.224  1.00 15.44 ? 7   CYS B CA   1 
ATOM   480 C C    . CYS B 2 7  ? 4.061   -7.209  -1.858  1.00 15.10 ? 7   CYS B C    1 
ATOM   481 O O    . CYS B 2 7  ? 4.088   -7.679  -0.724  1.00 16.11 ? 7   CYS B O    1 
ATOM   482 C CB   . CYS B 2 7  ? 6.235   -6.439  -2.792  1.00 17.20 ? 7   CYS B CB   1 
ATOM   483 S SG   . CYS B 2 7  ? 7.440   -5.136  -3.114  1.00 16.71 ? 7   CYS B SG   1 
ATOM   484 H H    . CYS B 2 7  ? 5.297   -5.626  -0.347  1.00 17.65 ? 7   CYS B H    1 
ATOM   485 H HA   . CYS B 2 7  ? 4.376   -5.461  -2.883  1.00 18.53 ? 7   CYS B HA   1 
ATOM   486 H HB2  . CYS B 2 7  ? 6.637   -7.051  -2.154  1.00 20.64 ? 7   CYS B HB2  1 
ATOM   487 H HB3  . CYS B 2 7  ? 6.075   -6.896  -3.633  1.00 20.64 ? 7   CYS B HB3  1 
ATOM   488 N N    . GLY B 2 8  ? 3.363   -7.744  -2.863  1.00 15.16 ? 8   GLY B N    1 
ATOM   489 C CA   . GLY B 2 8  ? 2.718   -9.031  -2.665  1.00 15.54 ? 8   GLY B CA   1 
ATOM   490 C C    . GLY B 2 8  ? 1.786   -9.014  -1.469  1.00 14.22 ? 8   GLY B C    1 
ATOM   491 O O    . GLY B 2 8  ? 1.003   -8.077  -1.254  1.00 13.26 ? 8   GLY B O    1 
ATOM   492 H H    . GLY B 2 8  ? 3.252   -7.393  -3.641  1.00 18.19 ? 8   GLY B H    1 
ATOM   493 H HA2  . GLY B 2 8  ? 2.203   -9.260  -3.455  1.00 18.65 ? 8   GLY B HA2  1 
ATOM   494 H HA3  . GLY B 2 8  ? 3.394   -9.713  -2.520  1.00 18.65 ? 8   GLY B HA3  1 
ATOM   495 N N    A SER B 2 9  ? 1.871   -10.063 -0.656  0.69 15.27 ? 9   SER B N    1 
ATOM   496 N N    B SER B 2 9  ? 1.884   -10.070 -0.656  0.31 14.85 ? 9   SER B N    1 
ATOM   497 C CA   A SER B 2 9  ? 0.954   -10.196 0.473   0.69 15.16 ? 9   SER B CA   1 
ATOM   498 C CA   B SER B 2 9  ? 1.015   -10.213 0.511   0.31 14.76 ? 9   SER B CA   1 
ATOM   499 C C    A SER B 2 9  ? 1.158   -9.118  1.530   0.69 12.90 ? 9   SER B C    1 
ATOM   500 C C    B SER B 2 9  ? 1.124   -9.012  1.434   0.31 12.63 ? 9   SER B C    1 
ATOM   501 O O    A SER B 2 9  ? 0.222   -8.855  2.280   0.69 12.82 ? 9   SER B O    1 
ATOM   502 O O    B SER B 2 9  ? 0.129   -8.577  2.014   0.31 12.05 ? 9   SER B O    1 
ATOM   503 C CB   A SER B 2 9  ? 1.059   -11.592 1.078   0.69 16.54 ? 9   SER B CB   1 
ATOM   504 C CB   B SER B 2 9  ? 1.381   -11.479 1.277   0.31 16.58 ? 9   SER B CB   1 
ATOM   505 O OG   A SER B 2 9  ? 2.369   -11.809 1.543   0.69 17.21 ? 9   SER B OG   1 
ATOM   506 O OG   B SER B 2 9  ? 1.385   -12.606 0.427   0.31 18.25 ? 9   SER B OG   1 
ATOM   507 H H    A SER B 2 9  ? 2.440   -10.703 -0.734  0.69 18.33 ? 9   SER B H    1 
ATOM   508 H H    B SER B 2 9  ? 2.443   -10.716 -0.757  0.31 17.82 ? 9   SER B H    1 
ATOM   509 H HA   A SER B 2 9  ? 0.045   -10.097 0.149   0.69 18.19 ? 9   SER B HA   1 
ATOM   510 H HA   B SER B 2 9  ? 0.098   -10.283 0.202   0.31 17.71 ? 9   SER B HA   1 
ATOM   511 H HB2  A SER B 2 9  ? 0.440   -11.668 1.819   0.69 19.84 ? 9   SER B HB2  1 
ATOM   512 H HB2  B SER B 2 9  ? 2.267   -11.370 1.659   0.31 19.90 ? 9   SER B HB2  1 
ATOM   513 H HB3  A SER B 2 9  ? 0.847   -12.252 0.399   0.69 19.84 ? 9   SER B HB3  1 
ATOM   514 H HB3  B SER B 2 9  ? 0.731   -11.618 1.982   0.31 19.90 ? 9   SER B HB3  1 
ATOM   515 H HG   A SER B 2 9  ? 2.442   -12.592 1.840   0.69 20.65 ? 9   SER B HG   1 
ATOM   516 H HG   B SER B 2 9  ? 1.594   -13.293 0.862   0.31 21.90 ? 9   SER B HG   1 
ATOM   517 N N    . GLU B 2 10 ? 2.329   -8.480  1.611   1.00 13.75 ? 10  GLU B N    1 
ATOM   518 C CA   . GLU B 2 10 ? 2.504   -7.361  2.545   1.00 14.77 ? 10  GLU B CA   1 
ATOM   519 C C    . GLU B 2 10 ? 1.743   -6.126  2.086   1.00 11.97 ? 10  GLU B C    1 
ATOM   520 O O    . GLU B 2 10 ? 1.155   -5.409  2.885   1.00 12.41 ? 10  GLU B O    1 
ATOM   521 C CB   . GLU B 2 10 ? 3.975   -7.082  2.742   1.00 16.39 ? 10  GLU B CB   1 
ATOM   522 C CG   . GLU B 2 10 ? 4.597   -8.268  3.474   1.00 22.58 ? 10  GLU B CG   1 
ATOM   523 C CD   . GLU B 2 10 ? 6.029   -8.104  3.914   1.00 27.78 ? 10  GLU B CD   1 
ATOM   524 O OE1  . GLU B 2 10 ? 6.669   -7.087  3.576   1.00 28.98 ? 10  GLU B OE1  1 
ATOM   525 O OE2  . GLU B 2 10 ? 6.513   -9.029  4.611   1.00 32.23 ? 10  GLU B OE2  1 
ATOM   526 H H    A GLU B 2 10 ? 3.028   -8.669  1.147   0.69 16.50 ? 10  GLU B H    1 
ATOM   527 H H    B GLU B 2 10 ? 3.050   -8.736  1.215   0.31 16.50 ? 10  GLU B H    1 
ATOM   528 H HA   . GLU B 2 10 ? 2.142   -7.606  3.410   1.00 17.72 ? 10  GLU B HA   1 
ATOM   529 H HB2  . GLU B 2 10 ? 4.411   -6.974  1.882   1.00 19.67 ? 10  GLU B HB2  1 
ATOM   530 H HB3  . GLU B 2 10 ? 4.092   -6.281  3.276   1.00 19.67 ? 10  GLU B HB3  1 
ATOM   531 H HG2  . GLU B 2 10 ? 4.072   -8.440  4.270   1.00 27.10 ? 10  GLU B HG2  1 
ATOM   532 H HG3  . GLU B 2 10 ? 4.567   -9.037  2.884   1.00 27.10 ? 10  GLU B HG3  1 
ATOM   533 N N    . LEU B 2 11 ? 1.780   -5.856  0.785   1.00 12.10 ? 11  LEU B N    1 
ATOM   534 C CA   . LEU B 2 11 ? 0.984   -4.789  0.191   1.00 10.77 ? 11  LEU B CA   1 
ATOM   535 C C    . LEU B 2 11 ? -0.500  -5.071  0.374   1.00 9.96  ? 11  LEU B C    1 
ATOM   536 O O    . LEU B 2 11 ? -1.276  -4.179  0.722   1.00 10.63 ? 11  LEU B O    1 
ATOM   537 C CB   . LEU B 2 11 ? 1.339   -4.628  -1.273  1.00 11.68 ? 11  LEU B CB   1 
ATOM   538 C CG   . LEU B 2 11 ? 0.565   -3.539  -2.032  1.00 11.48 ? 11  LEU B CG   1 
ATOM   539 C CD1  . LEU B 2 11 ? 0.714   -2.183  -1.400  1.00 11.82 ? 11  LEU B CD1  1 
ATOM   540 C CD2  . LEU B 2 11 ? 1.081   -3.529  -3.439  1.00 12.37 ? 11  LEU B CD2  1 
ATOM   541 H H    . LEU B 2 11 ? 2.263   -6.280  0.214   1.00 14.52 ? 11  LEU B H    1 
ATOM   542 H HA   . LEU B 2 11 ? 1.187   -3.948  0.629   1.00 12.93 ? 11  LEU B HA   1 
ATOM   543 H HB2  . LEU B 2 11 ? 2.281   -4.406  -1.334  1.00 14.02 ? 11  LEU B HB2  1 
ATOM   544 H HB3  . LEU B 2 11 ? 1.166   -5.471  -1.721  1.00 14.02 ? 11  LEU B HB3  1 
ATOM   545 H HG   . LEU B 2 11 ? -0.385  -3.733  -2.012  1.00 13.78 ? 11  LEU B HG   1 
ATOM   546 H HD11 . LEU B 2 11 ? 0.312   -1.517  -1.981  1.00 14.19 ? 11  LEU B HD11 1 
ATOM   547 H HD12 . LEU B 2 11 ? 0.266   -2.183  -0.540  1.00 14.19 ? 11  LEU B HD12 1 
ATOM   548 H HD13 . LEU B 2 11 ? 1.657   -1.990  -1.282  1.00 14.19 ? 11  LEU B HD13 1 
ATOM   549 H HD21 . LEU B 2 11 ? 0.615   -2.841  -3.941  1.00 14.85 ? 11  LEU B HD21 1 
ATOM   550 H HD22 . LEU B 2 11 ? 2.032   -3.342  -3.425  1.00 14.85 ? 11  LEU B HD22 1 
ATOM   551 H HD23 . LEU B 2 11 ? 0.920   -4.397  -3.842  1.00 14.85 ? 11  LEU B HD23 1 
ATOM   552 N N    . VAL B 2 12 ? -0.914  -6.309  0.146   1.00 10.45 ? 12  VAL B N    1 
ATOM   553 C CA   . VAL B 2 12 ? -2.308  -6.684  0.359   1.00 11.03 ? 12  VAL B CA   1 
ATOM   554 C C    . VAL B 2 12 ? -2.722  -6.406  1.800   1.00 10.96 ? 12  VAL B C    1 
ATOM   555 O O    . VAL B 2 12 ? -3.797  -5.857  2.060   1.00 10.99 ? 12  VAL B O    1 
ATOM   556 C CB   . VAL B 2 12 ? -2.538  -8.149  -0.060  1.00 12.38 ? 12  VAL B CB   1 
ATOM   557 C CG1  . VAL B 2 12 ? -3.930  -8.584  0.337   1.00 13.34 ? 12  VAL B CG1  1 
ATOM   558 C CG2  . VAL B 2 12 ? -2.295  -8.317  -1.540  1.00 13.72 ? 12  VAL B CG2  1 
ATOM   559 H H    . VAL B 2 12 ? -0.414  -6.951  -0.131  1.00 12.54 ? 12  VAL B H    1 
ATOM   560 H HA   . VAL B 2 12 ? -2.873  -6.134  -0.206  1.00 13.24 ? 12  VAL B HA   1 
ATOM   561 H HB   . VAL B 2 12 ? -1.906  -8.725  0.400   1.00 14.86 ? 12  VAL B HB   1 
ATOM   562 H HG11 . VAL B 2 12 ? -4.110  -9.457  -0.046  1.00 16.01 ? 12  VAL B HG11 1 
ATOM   563 H HG12 . VAL B 2 12 ? -3.984  -8.629  1.304   1.00 16.01 ? 12  VAL B HG12 1 
ATOM   564 H HG13 . VAL B 2 12 ? -4.571  -7.937  0.000   1.00 16.01 ? 12  VAL B HG13 1 
ATOM   565 H HG21 . VAL B 2 12 ? -2.434  -9.247  -1.779  1.00 16.46 ? 12  VAL B HG21 1 
ATOM   566 H HG22 . VAL B 2 12 ? -2.914  -7.754  -2.028  1.00 16.46 ? 12  VAL B HG22 1 
ATOM   567 H HG23 . VAL B 2 12 ? -1.382  -8.058  -1.741  1.00 16.46 ? 12  VAL B HG23 1 
ATOM   568 N N    . GLU B 2 13 ? -1.903  -6.798  2.766   1.00 10.33 ? 13  GLU B N    1 
ATOM   569 C CA   . GLU B 2 13 ? -2.249  -6.602  4.152   1.00 11.19 ? 13  GLU B CA   1 
ATOM   570 C C    . GLU B 2 13 ? -2.430  -5.117  4.438   1.00 10.15 ? 13  GLU B C    1 
ATOM   571 O O    . GLU B 2 13 ? -3.372  -4.717  5.140   1.00 10.90 ? 13  GLU B O    1 
ATOM   572 C CB   . GLU B 2 13 ? -1.154  -7.191  5.022   1.00 12.45 ? 13  GLU B CB   1 
ATOM   573 C CG   . GLU B 2 13 ? -1.587  -7.299  6.471   1.00 15.66 ? 13  GLU B CG   1 
ATOM   574 C CD   . GLU B 2 13 ? -0.682  -8.138  7.388   1.00 20.45 ? 13  GLU B CD   1 
ATOM   575 O OE1  . GLU B 2 13 ? 0.309   -8.727  6.908   1.00 23.35 ? 13  GLU B OE1  1 
ATOM   576 O OE2  . GLU B 2 13 ? -0.978  -8.230  8.596   1.00 23.47 ? 13  GLU B OE2  1 
ATOM   577 H H    . GLU B 2 13 ? -1.142  -7.180  2.643   1.00 12.39 ? 13  GLU B H    1 
ATOM   578 H HA   . GLU B 2 13 ? -3.080  -7.055  4.362   1.00 13.42 ? 13  GLU B HA   1 
ATOM   579 H HB2  . GLU B 2 13 ? -0.935  -8.081  4.702   1.00 14.94 ? 13  GLU B HB2  1 
ATOM   580 H HB3  . GLU B 2 13 ? -0.370  -6.621  4.980   1.00 14.94 ? 13  GLU B HB3  1 
ATOM   581 H HG2  . GLU B 2 13 ? -1.623  -6.405  6.844   1.00 18.80 ? 13  GLU B HG2  1 
ATOM   582 H HG3  . GLU B 2 13 ? -2.470  -7.704  6.493   1.00 18.80 ? 13  GLU B HG3  1 
ATOM   583 N N    . ALA B 2 14 ? -1.531  -4.274  3.895   1.00 9.63  ? 14  ALA B N    1 
ATOM   584 C CA   . ALA B 2 14 ? -1.640  -2.841  4.099   1.00 10.55 ? 14  ALA B CA   1 
ATOM   585 C C    . ALA B 2 14 ? -2.926  -2.309  3.469   1.00 10.00 ? 14  ALA B C    1 
ATOM   586 O O    . ALA B 2 14 ? -3.574  -1.437  4.040   1.00 11.06 ? 14  ALA B O    1 
ATOM   587 C CB   . ALA B 2 14 ? -0.412  -2.140  3.535   1.00 11.39 ? 14  ALA B CB   1 
ATOM   588 H H    . ALA B 2 14 ? -0.860  -4.511  3.413   1.00 11.56 ? 14  ALA B H    1 
ATOM   589 H HA   . ALA B 2 14 ? -1.670  -2.647  5.049   1.00 12.66 ? 14  ALA B HA   1 
ATOM   590 H HB1  . ALA B 2 14 ? -0.483  -1.189  3.711   1.00 13.67 ? 14  ALA B HB1  1 
ATOM   591 H HB2  . ALA B 2 14 ? 0.381   -2.498  3.963   1.00 13.67 ? 14  ALA B HB2  1 
ATOM   592 H HB3  . ALA B 2 14 ? -0.371  -2.298  2.578   1.00 13.67 ? 14  ALA B HB3  1 
ATOM   593 N N    A LEU B 2 15 ? -3.253  -2.779  2.259   0.39 10.58 ? 15  LEU B N    1 
ATOM   594 N N    B LEU B 2 15 ? -3.320  -2.823  2.285   0.61 10.03 ? 15  LEU B N    1 
ATOM   595 C CA   A LEU B 2 15 ? -4.489  -2.392  1.591   0.39 11.42 ? 15  LEU B CA   1 
ATOM   596 C CA   B LEU B 2 15 ? -4.531  -2.343  1.628   0.61 10.97 ? 15  LEU B CA   1 
ATOM   597 C C    A LEU B 2 15 ? -5.711  -2.677  2.449   0.39 11.33 ? 15  LEU B C    1 
ATOM   598 C C    B LEU B 2 15 ? -5.768  -2.686  2.433   0.61 10.87 ? 15  LEU B C    1 
ATOM   599 O O    A LEU B 2 15 ? -6.559  -1.802  2.612   0.39 12.41 ? 15  LEU B O    1 
ATOM   600 O O    B LEU B 2 15 ? -6.683  -1.871  2.534   0.61 11.00 ? 15  LEU B O    1 
ATOM   601 C CB   A LEU B 2 15 ? -4.572  -3.099  0.247   0.39 11.79 ? 15  LEU B CB   1 
ATOM   602 C CB   B LEU B 2 15 ? -4.626  -2.911  0.221   0.61 11.56 ? 15  LEU B CB   1 
ATOM   603 C CG   A LEU B 2 15 ? -3.709  -2.436  -0.823  0.39 12.53 ? 15  LEU B CG   1 
ATOM   604 C CG   B LEU B 2 15 ? -5.832  -2.512  -0.655  0.61 13.37 ? 15  LEU B CG   1 
ATOM   605 C CD1  A LEU B 2 15 ? -3.495  -3.317  -2.024  0.39 12.87 ? 15  LEU B CD1  1 
ATOM   606 C CD1  B LEU B 2 15 ? -5.802  -1.003  -0.992  0.61 14.59 ? 15  LEU B CD1  1 
ATOM   607 C CD2  A LEU B 2 15 ? -4.343  -1.125  -1.272  0.39 14.12 ? 15  LEU B CD2  1 
ATOM   608 C CD2  B LEU B 2 15 ? -5.915  -3.356  -1.923  0.61 15.74 ? 15  LEU B CD2  1 
ATOM   609 H H    A LEU B 2 15 ? -2.772  -3.328  1.804   0.39 12.70 ? 15  LEU B H    1 
ATOM   610 H H    B LEU B 2 15 ? -2.905  -3.440  1.853   0.61 12.03 ? 15  LEU B H    1 
ATOM   611 H HA   A LEU B 2 15 ? -4.479  -1.435  1.430   0.39 13.70 ? 15  LEU B HA   1 
ATOM   612 H HA   B LEU B 2 15 ? -4.486  -1.378  1.555   0.61 13.16 ? 15  LEU B HA   1 
ATOM   613 H HB2  A LEU B 2 15 ? -4.269  -4.014  0.354   0.39 14.15 ? 15  LEU B HB2  1 
ATOM   614 H HB2  B LEU B 2 15 ? -3.830  -2.632  -0.261  0.61 13.87 ? 15  LEU B HB2  1 
ATOM   615 H HB3  A LEU B 2 15 ? -5.491  -3.088  -0.060  0.39 14.15 ? 15  LEU B HB3  1 
ATOM   616 H HB3  B LEU B 2 15 ? -4.646  -3.878  0.295   0.61 13.87 ? 15  LEU B HB3  1 
ATOM   617 H HG   A LEU B 2 15 ? -2.838  -2.267  -0.428  0.39 15.03 ? 15  LEU B HG   1 
ATOM   618 H HG   B LEU B 2 15 ? -6.640  -2.683  -0.144  0.61 16.05 ? 15  LEU B HG   1 
ATOM   619 H HD11 A LEU B 2 15 ? -2.937  -2.849  -2.664  0.39 15.45 ? 15  LEU B HD11 1 
ATOM   620 H HD11 B LEU B 2 15 ? -6.590  -0.781  -1.512  0.61 17.50 ? 15  LEU B HD11 1 
ATOM   621 H HD12 A LEU B 2 15 ? -3.059  -4.136  -1.741  0.39 15.45 ? 15  LEU B HD12 1 
ATOM   622 H HD12 B LEU B 2 15 ? -5.796  -0.494  -0.166  0.61 17.50 ? 15  LEU B HD12 1 
ATOM   623 H HD13 A LEU B 2 15 ? -4.356  -3.521  -2.422  0.39 15.45 ? 15  LEU B HD13 1 
ATOM   624 H HD13 B LEU B 2 15 ? -5.002  -0.810  -1.505  0.61 17.50 ? 15  LEU B HD13 1 
ATOM   625 H HD21 A LEU B 2 15 ? -3.825  -0.759  -2.006  0.39 16.94 ? 15  LEU B HD21 1 
ATOM   626 H HD21 B LEU B 2 15 ? -6.128  -4.271  -1.680  0.61 18.88 ? 15  LEU B HD21 1 
ATOM   627 H HD22 A LEU B 2 15 ? -5.253  -1.298  -1.562  0.39 16.94 ? 15  LEU B HD22 1 
ATOM   628 H HD22 B LEU B 2 15 ? -6.609  -2.996  -2.497  0.61 18.88 ? 15  LEU B HD22 1 
ATOM   629 H HD23 A LEU B 2 15 ? -4.345  -0.504  -0.526  0.39 16.94 ? 15  LEU B HD23 1 
ATOM   630 H HD23 B LEU B 2 15 ? -5.060  -3.326  -2.379  0.61 18.88 ? 15  LEU B HD23 1 
ATOM   631 N N    . TYR B 2 16 ? -5.853  -3.908  2.960   1.00 11.64 ? 16  TYR B N    1 
ATOM   632 C CA   . TYR B 2 16 ? -6.999  -4.230  3.806   1.00 12.21 ? 16  TYR B CA   1 
ATOM   633 C C    . TYR B 2 16 ? -7.062  -3.315  5.013   1.00 13.43 ? 16  TYR B C    1 
ATOM   634 O O    . TYR B 2 16 ? -8.135  -2.909  5.438   1.00 15.29 ? 16  TYR B O    1 
ATOM   635 C CB   . TYR B 2 16 ? -6.976  -5.701  4.225   1.00 13.64 ? 16  TYR B CB   1 
ATOM   636 C CG   . TYR B 2 16 ? -7.539  -6.654  3.183   1.00 13.71 ? 16  TYR B CG   1 
ATOM   637 C CD1  . TYR B 2 16 ? -8.907  -6.742  2.968   1.00 16.34 ? 16  TYR B CD1  1 
ATOM   638 C CD2  . TYR B 2 16 ? -6.720  -7.466  2.418   1.00 14.58 ? 16  TYR B CD2  1 
ATOM   639 C CE1  . TYR B 2 16 ? -9.427  -7.591  2.027   1.00 17.35 ? 16  TYR B CE1  1 
ATOM   640 C CE2  . TYR B 2 16 ? -7.235  -8.327  1.487   1.00 14.90 ? 16  TYR B CE2  1 
ATOM   641 C CZ   . TYR B 2 16 ? -8.587  -8.379  1.284   1.00 16.51 ? 16  TYR B CZ   1 
ATOM   642 O OH   . TYR B 2 16 ? -9.082  -9.221  0.340   1.00 17.62 ? 16  TYR B OH   1 
ATOM   643 H H    A TYR B 2 16 ? -5.309  -4.562  2.833   0.39 13.97 ? 16  TYR B H    1 
ATOM   644 H H    B TYR B 2 16 ? -5.286  -4.544  2.849   0.61 13.97 ? 16  TYR B H    1 
ATOM   645 H HA   . TYR B 2 16 ? -7.809  -4.098  3.290   1.00 14.65 ? 16  TYR B HA   1 
ATOM   646 H HB2  . TYR B 2 16 ? -6.058  -5.961  4.395   1.00 16.37 ? 16  TYR B HB2  1 
ATOM   647 H HB3  . TYR B 2 16 ? -7.505  -5.802  5.032   1.00 16.37 ? 16  TYR B HB3  1 
ATOM   648 H HD1  . TYR B 2 16 ? -9.484  -6.214  3.474   1.00 19.61 ? 16  TYR B HD1  1 
ATOM   649 H HD2  . TYR B 2 16 ? -5.799  -7.426  2.538   1.00 17.49 ? 16  TYR B HD2  1 
ATOM   650 H HE1  . TYR B 2 16 ? -10.345 -7.632  1.892   1.00 20.82 ? 16  TYR B HE1  1 
ATOM   651 H HE2  . TYR B 2 16 ? -6.668  -8.875  0.994   1.00 17.89 ? 16  TYR B HE2  1 
ATOM   652 H HH   . TYR B 2 16 ? -9.920  -9.168  0.318   1.00 21.15 ? 16  TYR B HH   1 
ATOM   653 N N    . LEU B 2 17 ? -5.927  -2.995  5.603   1.00 12.55 ? 17  LEU B N    1 
ATOM   654 C CA   . LEU B 2 17 ? -5.912  -2.139  6.786   1.00 14.10 ? 17  LEU B CA   1 
ATOM   655 C C    . LEU B 2 17 ? -6.415  -0.748  6.474   1.00 12.74 ? 17  LEU B C    1 
ATOM   656 O O    . LEU B 2 17 ? -7.225  -0.186  7.206   1.00 15.89 ? 17  LEU B O    1 
ATOM   657 C CB   . LEU B 2 17 ? -4.502  -2.100  7.344   1.00 15.43 ? 17  LEU B CB   1 
ATOM   658 C CG   . LEU B 2 17 ? -4.440  -1.334  8.647   1.00 17.57 ? 17  LEU B CG   1 
ATOM   659 C CD1  . LEU B 2 17 ? -3.514  -1.976  9.620   1.00 18.91 ? 17  LEU B CD1  1 
ATOM   660 C CD2  . LEU B 2 17 ? -4.042  0.088   8.325   1.00 18.13 ? 17  LEU B CD2  1 
ATOM   661 H H    . LEU B 2 17 ? -5.148  -3.254  5.346   1.00 15.06 ? 17  LEU B H    1 
ATOM   662 H HA   . LEU B 2 17 ? -6.506  -2.509  7.458   1.00 16.92 ? 17  LEU B HA   1 
ATOM   663 H HB2  . LEU B 2 17 ? -4.199  -3.006  7.508   1.00 18.52 ? 17  LEU B HB2  1 
ATOM   664 H HB3  . LEU B 2 17 ? -3.917  -1.664  6.705   1.00 18.52 ? 17  LEU B HB3  1 
ATOM   665 H HG   . LEU B 2 17 ? -5.304  -1.331  9.087   1.00 21.08 ? 17  LEU B HG   1 
ATOM   666 H HD11 . LEU B 2 17 ? -3.523  -1.469  10.447  1.00 22.69 ? 17  LEU B HD11 1 
ATOM   667 H HD12 . LEU B 2 17 ? -3.810  -2.885  9.786   1.00 22.69 ? 17  LEU B HD12 1 
ATOM   668 H HD13 . LEU B 2 17 ? -2.618  -1.984  9.247   1.00 22.69 ? 17  LEU B HD13 1 
ATOM   669 H HD21 . LEU B 2 17 ? -3.920  0.577   9.153   1.00 21.75 ? 17  LEU B HD21 1 
ATOM   670 H HD22 . LEU B 2 17 ? -3.212  0.077   7.822   1.00 21.75 ? 17  LEU B HD22 1 
ATOM   671 H HD23 . LEU B 2 17 ? -4.742  0.500   7.796   1.00 21.75 ? 17  LEU B HD23 1 
ATOM   672 N N    . VAL B 2 18 ? -5.937  -0.171  5.375   1.00 11.04 ? 18  VAL B N    1 
ATOM   673 C CA   . VAL B 2 18 ? -6.338  1.197   5.013   1.00 11.57 ? 18  VAL B CA   1 
ATOM   674 C C    . VAL B 2 18 ? -7.786  1.253   4.583   1.00 12.14 ? 18  VAL B C    1 
ATOM   675 O O    . VAL B 2 18 ? -8.469  2.252   4.826   1.00 13.77 ? 18  VAL B O    1 
ATOM   676 C CB   . VAL B 2 18 ? -5.439  1.750   3.921   1.00 13.21 ? 18  VAL B CB   1 
ATOM   677 C CG1  . VAL B 2 18 ? -5.982  3.069   3.367   1.00 16.10 ? 18  VAL B CG1  1 
ATOM   678 C CG2  . VAL B 2 18 ? -4.049  1.877   4.433   1.00 14.61 ? 18  VAL B CG2  1 
ATOM   679 H H    . VAL B 2 18 ? -5.388  -0.537  4.825   1.00 13.25 ? 18  VAL B H    1 
ATOM   680 H HA   . VAL B 2 18 ? -6.238  1.742   5.809   1.00 13.88 ? 18  VAL B HA   1 
ATOM   681 H HB   . VAL B 2 18 ? -5.422  1.134   3.173   1.00 15.85 ? 18  VAL B HB   1 
ATOM   682 H HG11 . VAL B 2 18 ? -5.268  3.536   2.906   1.00 19.32 ? 18  VAL B HG11 1 
ATOM   683 H HG12 . VAL B 2 18 ? -6.705  2.878   2.749   1.00 19.32 ? 18  VAL B HG12 1 
ATOM   684 H HG13 . VAL B 2 18 ? -6.309  3.610   4.103   1.00 19.32 ? 18  VAL B HG13 1 
ATOM   685 H HG21 . VAL B 2 18 ? -3.486  2.237   3.729   1.00 17.53 ? 18  VAL B HG21 1 
ATOM   686 H HG22 . VAL B 2 18 ? -4.047  2.474   5.197   1.00 17.53 ? 18  VAL B HG22 1 
ATOM   687 H HG23 . VAL B 2 18 ? -3.728  1.000   4.696   1.00 17.53 ? 18  VAL B HG23 1 
ATOM   688 N N    . CYS B 2 19 ? -8.257  0.215   3.919   1.00 12.58 ? 19  CYS B N    1 
ATOM   689 C CA   . CYS B 2 19 ? -9.527  0.291   3.229   1.00 15.13 ? 19  CYS B CA   1 
ATOM   690 C C    . CYS B 2 19 ? -10.688 -0.257  4.037   1.00 14.95 ? 19  CYS B C    1 
ATOM   691 O O    . CYS B 2 19 ? -11.831 -0.044  3.644   1.00 17.94 ? 19  CYS B O    1 
ATOM   692 C CB   . CYS B 2 19 ? -9.426  -0.480  1.915   1.00 18.09 ? 19  CYS B CB   1 
ATOM   693 S SG   . CYS B 2 19 ? -8.351  0.261   0.712   1.00 21.31 ? 19  CYS B SG   1 
ATOM   694 H H    . CYS B 2 19 ? -7.859  -0.544  3.853   1.00 15.10 ? 19  CYS B H    1 
ATOM   695 H HA   . CYS B 2 19 ? -9.724  1.221   3.035   1.00 18.16 ? 19  CYS B HA   1 
ATOM   696 H HB2  . CYS B 2 19 ? -9.089  -1.370  2.103   1.00 21.71 ? 19  CYS B HB2  1 
ATOM   697 H HB3  . CYS B 2 19 ? -10.312 -0.537  1.521   1.00 21.71 ? 19  CYS B HB3  1 
ATOM   698 N N    . TYR B 2 20 ? -10.437 -0.965  5.131   1.00 15.14 ? 20  TYR B N    1 
ATOM   699 C CA   . TYR B 2 20 ? -11.521 -1.495  5.944   1.00 16.26 ? 20  TYR B CA   1 
ATOM   700 C C    . TYR B 2 20 ? -12.423 -0.386  6.467   1.00 17.34 ? 20  TYR B C    1 
ATOM   701 O O    . TYR B 2 20 ? -11.943 0.638   6.925   1.00 15.83 ? 20  TYR B O    1 
ATOM   702 C CB   . TYR B 2 20 ? -10.932 -2.245  7.131   1.00 16.47 ? 20  TYR B CB   1 
ATOM   703 C CG   . TYR B 2 20 ? -11.955 -2.854  8.056   1.00 16.08 ? 20  TYR B CG   1 
ATOM   704 C CD1  . TYR B 2 20 ? -12.436 -4.112  7.849   1.00 18.26 ? 20  TYR B CD1  1 
ATOM   705 C CD2  . TYR B 2 20 ? -12.421 -2.155  9.155   1.00 15.01 ? 20  TYR B CD2  1 
ATOM   706 C CE1  . TYR B 2 20 ? -13.356 -4.685  8.694   1.00 19.02 ? 20  TYR B CE1  1 
ATOM   707 C CE2  . TYR B 2 20 ? -13.372 -2.701  10.006  1.00 15.37 ? 20  TYR B CE2  1 
ATOM   708 C CZ   . TYR B 2 20 ? -13.826 -3.979  9.761   1.00 17.33 ? 20  TYR B CZ   1 
ATOM   709 O OH   . TYR B 2 20 ? -14.729 -4.561  10.602  1.00 19.36 ? 20  TYR B OH   1 
ATOM   710 H H    . TYR B 2 20 ? -9.651  -1.152  5.425   1.00 18.17 ? 20  TYR B H    1 
ATOM   711 H HA   . TYR B 2 20 ? -12.057 -2.092  5.401   1.00 19.52 ? 20  TYR B HA   1 
ATOM   712 H HB2  . TYR B 2 20 ? -10.376 -2.966  6.795   1.00 19.77 ? 20  TYR B HB2  1 
ATOM   713 H HB3  . TYR B 2 20 ? -10.397 -1.628  7.653   1.00 19.77 ? 20  TYR B HB3  1 
ATOM   714 H HD1  . TYR B 2 20 ? -12.133 -4.597  7.115   1.00 21.91 ? 20  TYR B HD1  1 
ATOM   715 H HD2  . TYR B 2 20 ? -12.091 -1.302  9.325   1.00 18.02 ? 20  TYR B HD2  1 
ATOM   716 H HE1  . TYR B 2 20 ? -13.656 -5.552  8.540   1.00 22.82 ? 20  TYR B HE1  1 
ATOM   717 H HE2  . TYR B 2 20 ? -13.696 -2.214  10.728  1.00 18.44 ? 20  TYR B HE2  1 
ATOM   718 H HH   . TYR B 2 20 ? -14.929 -5.327  10.321  1.00 23.23 ? 20  TYR B HH   1 
ATOM   719 N N    . GLU B 2 21 ? -13.733 -0.637  6.457   1.00 17.80 ? 21  GLU B N    1 
ATOM   720 C CA   . GLU B 2 21 ? -14.729 0.300   6.966   1.00 18.57 ? 21  GLU B CA   1 
ATOM   721 C C    . GLU B 2 21 ? -15.591 -0.372  8.019   1.00 18.43 ? 21  GLU B C    1 
ATOM   722 O O    . GLU B 2 21 ? -16.125 -1.451  7.800   1.00 18.97 ? 21  GLU B O    1 
ATOM   723 C CB   . GLU B 2 21 ? -15.643 0.786   5.833   1.00 22.65 ? 21  GLU B CB   1 
ATOM   724 C CG   . GLU B 2 21 ? -14.884 1.644   4.863   1.00 25.09 ? 21  GLU B CG   1 
ATOM   725 C CD   . GLU B 2 21 ? -15.736 2.184   3.739   1.00 29.63 ? 21  GLU B CD   1 
ATOM   726 O OE1  . GLU B 2 21 ? -16.392 1.387   3.040   1.00 31.98 ? 21  GLU B OE1  1 
ATOM   727 O OE2  . GLU B 2 21 ? -15.735 3.417   3.555   1.00 33.37 ? 21  GLU B OE2  1 
ATOM   728 H H    . GLU B 2 21 ? -14.073 -1.364  6.150   1.00 21.37 ? 21  GLU B H    1 
ATOM   729 H HA   . GLU B 2 21 ? -14.268 1.052   7.370   1.00 22.29 ? 21  GLU B HA   1 
ATOM   730 H HB2  . GLU B 2 21 ? -16.000 0.022   5.354   1.00 27.18 ? 21  GLU B HB2  1 
ATOM   731 H HB3  . GLU B 2 21 ? -16.368 1.311   6.206   1.00 27.18 ? 21  GLU B HB3  1 
ATOM   732 H HG2  . GLU B 2 21 ? -14.509 2.400   5.340   1.00 30.11 ? 21  GLU B HG2  1 
ATOM   733 H HG3  . GLU B 2 21 ? -14.172 1.115   4.467   1.00 30.11 ? 21  GLU B HG3  1 
ATOM   734 N N    . ARG B 2 22 ? -15.768 0.293   9.156   1.00 18.47 ? 22  ARG B N    1 
ATOM   735 C CA   . ARG B 2 22 ? -16.617 -0.253  10.204  1.00 19.00 ? 22  ARG B CA   1 
ATOM   736 C C    . ARG B 2 22 ? -18.077 -0.097  9.820   1.00 19.31 ? 22  ARG B C    1 
ATOM   737 O O    . ARG B 2 22 ? -18.911 -0.695  10.479  1.00 21.39 ? 22  ARG B O    1 
ATOM   738 C CB   . ARG B 2 22 ? -16.357 0.422   11.544  1.00 19.22 ? 22  ARG B CB   1 
ATOM   739 C CG   . ARG B 2 22 ? -16.728 1.913   11.613  1.00 19.20 ? 22  ARG B CG   1 
ATOM   740 C CD   . ARG B 2 22 ? -16.335 2.589   12.959  1.00 19.82 ? 22  ARG B CD   1 
ATOM   741 N NE   . ARG B 2 22 ? -16.666 1.699   14.042  1.00 20.36 ? 22  ARG B NE   1 
ATOM   742 C CZ   . ARG B 2 22 ? -17.884 1.552   14.550  1.00 21.04 ? 22  ARG B CZ   1 
ATOM   743 N NH1  . ARG B 2 22 ? -18.879 2.329   14.127  1.00 24.55 ? 22  ARG B NH1  1 
ATOM   744 N NH2  . ARG B 2 22 ? -18.098 0.634   15.473  1.00 24.30 ? 22  ARG B NH2  1 
ATOM   745 O OXT  . ARG B 2 22 ? -18.396 0.646   8.895   1.00 20.13 ? 22  ARG B OXT  1 
ATOM   746 H H    . ARG B 2 22 ? -15.411 1.055   9.341   1.00 22.17 ? 22  ARG B H    1 
ATOM   747 H HA   . ARG B 2 22 ? -16.414 -1.194  10.318  1.00 22.80 ? 22  ARG B HA   1 
ATOM   748 H HB2  . ARG B 2 22 ? -16.877 -0.037  12.223  1.00 23.06 ? 22  ARG B HB2  1 
ATOM   749 H HB3  . ARG B 2 22 ? -15.411 0.349   11.745  1.00 23.06 ? 22  ARG B HB3  1 
ATOM   750 H HG2  . ARG B 2 22 ? -16.268 2.383   10.899  1.00 23.04 ? 22  ARG B HG2  1 
ATOM   751 H HG3  . ARG B 2 22 ? -17.687 2.002   11.504  1.00 23.04 ? 22  ARG B HG3  1 
ATOM   752 H HD2  . ARG B 2 22 ? -15.381 2.766   12.975  1.00 23.79 ? 22  ARG B HD2  1 
ATOM   753 H HD3  . ARG B 2 22 ? -16.828 3.417   13.069  1.00 23.79 ? 22  ARG B HD3  1 
ATOM   754 H HE   . ARG B 2 22 ? -16.031 1.229   14.382  1.00 24.43 ? 22  ARG B HE   1 
ATOM   755 H HH11 . ARG B 2 22 ? -18.733 2.925   13.525  1.00 29.46 ? 22  ARG B HH11 1 
ATOM   756 H HH12 . ARG B 2 22 ? -19.668 2.235   14.457  1.00 29.46 ? 22  ARG B HH12 1 
ATOM   757 H HH21 . ARG B 2 22 ? -17.450 0.135   15.741  1.00 29.16 ? 22  ARG B HH21 1 
ATOM   758 H HH22 . ARG B 2 22 ? -18.884 0.534   15.807  1.00 29.16 ? 22  ARG B HH22 1 
HETATM 759 O O    . HOH C 3 .  ? -7.744  10.239  1.132   1.00 40.13 ? 101 HOH A O    1 
HETATM 760 O O    . HOH C 3 .  ? 11.219  6.126   -2.510  1.00 25.23 ? 102 HOH A O    1 
HETATM 761 O O    . HOH C 3 .  ? 1.335   10.602  9.647   1.00 19.37 ? 103 HOH A O    1 
HETATM 762 O O    . HOH C 3 .  ? 0.550   -0.135  -11.839 1.00 19.29 ? 104 HOH A O    1 
HETATM 763 O O    . HOH C 3 .  ? 2.001   0.208   -14.331 1.00 36.05 ? 105 HOH A O    1 
HETATM 764 O O    . HOH C 3 .  ? -2.304  2.813   -9.605  1.00 35.02 ? 106 HOH A O    1 
HETATM 765 O O    . HOH C 3 .  ? 5.791   -1.664  -14.054 1.00 23.71 ? 107 HOH A O    1 
HETATM 766 O O    . HOH C 3 .  ? 3.295   5.796   -10.617 1.00 34.75 ? 108 HOH A O    1 
HETATM 767 O O    . HOH C 3 .  ? 2.224   -3.514  -12.832 1.00 36.09 ? 109 HOH A O    1 
HETATM 768 O O    . HOH C 3 .  ? -0.465  -0.200  -9.819  1.00 33.07 ? 110 HOH A O    1 
HETATM 769 O O    . HOH C 3 .  ? -7.558  9.099   -1.156  1.00 37.84 ? 111 HOH A O    1 
HETATM 770 O O    . HOH C 3 .  ? -0.245  -2.500  -12.166 1.00 30.74 ? 112 HOH A O    1 
HETATM 771 O O    . HOH C 3 .  ? 5.401   -4.425  -14.548 1.00 33.10 ? 113 HOH A O    1 
HETATM 772 O O    . HOH D 3 .  ? 2.825   -14.455 0.571   1.00 34.70 ? 101 HOH B O    1 
HETATM 773 O O    . HOH D 3 .  ? -11.645 -9.017  -0.203  1.00 20.69 ? 102 HOH B O    1 
HETATM 774 O O    . HOH D 3 .  ? -15.773 -6.982  10.574  1.00 33.38 ? 103 HOH B O    1 
HETATM 775 O O    . HOH D 3 .  ? -11.155 2.761   5.519   1.00 25.54 ? 104 HOH B O    1 
HETATM 776 O O    . HOH D 3 .  ? 6.909   -6.272  1.015   1.00 22.17 ? 105 HOH B O    1 
HETATM 777 O O    . HOH D 3 .  ? 11.514  7.290   1.639   1.00 20.78 ? 106 HOH B O    1 
HETATM 778 O O    . HOH D 3 .  ? -3.629  -8.054  9.326   1.00 33.22 ? 107 HOH B O    1 
HETATM 779 O O    . HOH D 3 .  ? -18.364 -2.636  12.371  1.00 19.77 ? 108 HOH B O    1 
HETATM 780 O O    . HOH D 3 .  ? -4.713  -6.317  6.992   1.00 17.67 ? 109 HOH B O    1 
HETATM 781 O O    . HOH D 3 .  ? -9.468  1.098   8.292   1.00 12.79 ? 110 HOH B O    1 
HETATM 782 O O    . HOH D 3 .  ? 1.741   -4.851  5.569   1.00 30.11 ? 111 HOH B O    1 
HETATM 783 O O    . HOH D 3 .  ? -12.569 3.369   7.147   1.00 44.05 ? 112 HOH B O    1 
HETATM 784 O O    . HOH D 3 .  ? 9.841   -4.570  3.134   1.00 36.29 ? 113 HOH B O    1 
HETATM 785 O O    . HOH D 3 .  ? -20.771 1.153   16.180  1.00 36.07 ? 114 HOH B O    1 
HETATM 786 O O    . HOH D 3 .  ? 6.145   1.496   0.412   1.00 16.48 ? 115 HOH B O    1 
HETATM 787 O O    . HOH D 3 .  ? -17.481 3.162   7.893   1.00 28.89 ? 116 HOH B O    1 
HETATM 788 O O    . HOH D 3 .  ? 1.144   -10.869 8.607   1.00 38.69 ? 117 HOH B O    1 
HETATM 789 O O    . HOH D 3 .  ? 11.761  -2.375  2.910   1.00 22.62 ? 118 HOH B O    1 
HETATM 790 O O    . HOH D 3 .  ? 3.924   -12.062 -1.244  1.00 23.38 ? 119 HOH B O    1 
HETATM 791 O O    . HOH D 3 .  ? -14.713 -2.768  4.728   1.00 25.36 ? 120 HOH B O    1 
HETATM 792 O O    . HOH D 3 .  ? -14.787 3.223   8.734   1.00 23.21 ? 121 HOH B O    1 
HETATM 793 O O    . HOH D 3 .  ? -12.290 -11.172 1.166   1.00 31.26 ? 122 HOH B O    1 
HETATM 794 O O    . HOH D 3 .  ? 9.345   -6.539  -0.162  1.00 37.33 ? 123 HOH B O    1 
HETATM 795 O O    . HOH D 3 .  ? -12.190 -8.783  -2.922  1.00 17.28 ? 124 HOH B O    1 
HETATM 796 O O    . HOH D 3 .  ? 9.582   -8.003  -2.345  1.00 31.01 ? 125 HOH B O    1 
# 
loop_
_atom_site_anisotrop.id 
_atom_site_anisotrop.type_symbol 
_atom_site_anisotrop.pdbx_label_atom_id 
_atom_site_anisotrop.pdbx_label_alt_id 
_atom_site_anisotrop.pdbx_label_comp_id 
_atom_site_anisotrop.pdbx_label_asym_id 
_atom_site_anisotrop.pdbx_label_seq_id 
_atom_site_anisotrop.pdbx_PDB_ins_code 
_atom_site_anisotrop.U[1][1] 
_atom_site_anisotrop.U[2][2] 
_atom_site_anisotrop.U[3][3] 
_atom_site_anisotrop.U[1][2] 
_atom_site_anisotrop.U[1][3] 
_atom_site_anisotrop.U[2][3] 
_atom_site_anisotrop.pdbx_auth_seq_id 
_atom_site_anisotrop.pdbx_auth_comp_id 
_atom_site_anisotrop.pdbx_auth_asym_id 
_atom_site_anisotrop.pdbx_auth_atom_id 
1   N N   . GLY A 1  ? 0.2091 0.2910 0.1121 0.0095  -0.0172 0.0234  1   GLY A N   
2   C CA  . GLY A 1  ? 0.2090 0.2254 0.1376 0.0112  -0.0089 -0.0141 1   GLY A CA  
3   C C   . GLY A 1  ? 0.1784 0.2143 0.0899 0.0130  -0.0075 -0.0043 1   GLY A C   
4   O O   . GLY A 1  ? 0.1705 0.2488 0.1053 -0.0124 -0.0152 0.0258  1   GLY A O   
10  N N   . ILE A 2  ? 0.1711 0.2470 0.1030 0.0223  0.0025  -0.0142 2   ILE A N   
11  C CA  . ILE A 2  ? 0.1503 0.2669 0.1111 0.0034  0.0318  -0.0183 2   ILE A CA  
12  C C   . ILE A 2  ? 0.1594 0.2317 0.0694 -0.0223 0.0134  0.0074  2   ILE A C   
13  O O   . ILE A 2  ? 0.1539 0.2147 0.0802 -0.0080 0.0109  0.0045  2   ILE A O   
14  C CB  . ILE A 2  ? 0.1650 0.3115 0.1183 0.0011  0.0315  -0.0257 2   ILE A CB  
15  C CG1 . ILE A 2  ? 0.1964 0.2847 0.1588 0.0283  0.0326  -0.0418 2   ILE A CG1 
16  C CG2 . ILE A 2  ? 0.1729 0.3144 0.1610 -0.0246 0.0380  -0.0359 2   ILE A CG2 
17  C CD1 . ILE A 2  ? 0.2269 0.2684 0.1650 0.0557  0.0000  -0.0427 2   ILE A CD1 
29  N N   . VAL A 3  ? 0.1639 0.2778 0.0813 -0.0246 0.0049  -0.0010 3   VAL A N   
30  C CA  A VAL A 3  ? 0.1786 0.2747 0.0990 -0.0132 0.0229  -0.0097 3   VAL A CA  
31  C CA  B VAL A 3  ? 0.1827 0.2758 0.0846 -0.0107 0.0199  -0.0027 3   VAL A CA  
32  C C   . VAL A 3  ? 0.1830 0.2366 0.0780 0.0166  0.0155  -0.0004 3   VAL A C   
33  O O   . VAL A 3  ? 0.2073 0.2376 0.0774 0.0046  -0.0074 0.0035  3   VAL A O   
34  C CB  A VAL A 3  ? 0.1892 0.2842 0.1568 -0.0322 0.0442  -0.0492 3   VAL A CB  
35  C CB  B VAL A 3  ? 0.1993 0.2849 0.1093 -0.0249 0.0298  -0.0279 3   VAL A CB  
36  C CG1 A VAL A 3  ? 0.2448 0.2942 0.1866 -0.0287 0.0286  -0.0393 3   VAL A CG1 
37  C CG1 B VAL A 3  ? 0.2633 0.2690 0.0844 0.0061  -0.0221 0.0167  3   VAL A CG1 
38  C CG2 A VAL A 3  ? 0.2030 0.2374 0.2438 -0.0063 0.0772  -0.0689 3   VAL A CG2 
39  C CG2 B VAL A 3  ? 0.2216 0.2449 0.2253 -0.0089 0.0555  -0.0451 3   VAL A CG2 
56  N N   . GLU A 4  ? 0.1414 0.2474 0.0868 0.0051  0.0117  -0.0109 4   GLU A N   
57  C CA  . GLU A 4  ? 0.1587 0.2633 0.0699 0.0135  0.0126  0.0105  4   GLU A CA  
58  C C   . GLU A 4  ? 0.1474 0.2654 0.0723 0.0015  0.0163  -0.0002 4   GLU A C   
59  O O   . GLU A 4  ? 0.1451 0.2607 0.0982 -0.0108 0.0001  -0.0146 4   GLU A O   
60  C CB  . GLU A 4  ? 0.1464 0.2825 0.1011 -0.0133 0.0225  -0.0056 4   GLU A CB  
61  C CG  . GLU A 4  ? 0.1864 0.2926 0.0994 0.0077  0.0137  -0.0148 4   GLU A CG  
62  C CD  . GLU A 4  ? 0.2130 0.2573 0.0692 0.0174  -0.0212 -0.0055 4   GLU A CD  
63  O OE1 . GLU A 4  ? 0.2061 0.2952 0.1358 0.0274  -0.0340 -0.0206 4   GLU A OE1 
64  O OE2 . GLU A 4  ? 0.1755 0.2455 0.1010 0.0144  -0.0010 0.0027  4   GLU A OE2 
71  N N   A GLN A 5  ? 0.1646 0.2507 0.1146 0.0118  -0.0040 0.0178  5   GLN A N   
72  N N   B GLN A 5  ? 0.1361 0.2325 0.0600 -0.0028 0.0071  -0.0132 5   GLN A N   
73  C CA  A GLN A 5  ? 0.1594 0.2366 0.1575 0.0205  -0.0112 0.0275  5   GLN A CA  
74  C CA  B GLN A 5  ? 0.1384 0.2350 0.0603 -0.0041 0.0073  -0.0108 5   GLN A CA  
75  C C   A GLN A 5  ? 0.1511 0.2275 0.1282 0.0187  -0.0293 0.0122  5   GLN A C   
76  C C   B GLN A 5  ? 0.1610 0.2354 0.0713 0.0026  0.0354  0.0035  5   GLN A C   
77  O O   A GLN A 5  ? 0.1461 0.2197 0.1553 0.0051  -0.0514 -0.0334 5   GLN A O   
78  O O   B GLN A 5  ? 0.1781 0.2516 0.0705 0.0013  0.0245  0.0190  5   GLN A O   
79  C CB  A GLN A 5  ? 0.1820 0.2390 0.1927 0.0054  -0.0103 0.0293  5   GLN A CB  
80  C CB  B GLN A 5  ? 0.1799 0.2466 0.1073 -0.0232 0.0008  -0.0215 5   GLN A CB  
81  C CG  A GLN A 5  ? 0.2159 0.2620 0.2167 -0.0131 -0.0181 0.0417  5   GLN A CG  
82  C CG  B GLN A 5  ? 0.2329 0.2616 0.1113 -0.0036 -0.0028 0.0112  5   GLN A CG  
83  C CD  A GLN A 5  ? 0.2809 0.2956 0.2438 -0.0058 0.0059  0.0672  5   GLN A CD  
84  C CD  B GLN A 5  ? 0.2507 0.2921 0.1115 -0.0365 -0.0027 0.0158  5   GLN A CD  
85  O OE1 A GLN A 5  ? 0.2971 0.3221 0.2739 -0.0039 0.0218  0.0807  5   GLN A OE1 
86  O OE1 B GLN A 5  ? 0.2960 0.3167 0.1240 -0.0701 -0.0242 0.0142  5   GLN A OE1 
87  N NE2 A GLN A 5  ? 0.3107 0.2911 0.2571 0.0043  0.0190  0.0751  5   GLN A NE2 
88  N NE2 B GLN A 5  ? 0.2161 0.3011 0.1348 -0.0763 -0.0316 0.0347  5   GLN A NE2 
105 N N   . CYS A 6  ? 0.1528 0.2208 0.0927 0.0139  -0.0025 -0.0087 6   CYS A N   
106 C CA  . CYS A 6  ? 0.1350 0.2614 0.0907 0.0226  0.0320  -0.0160 6   CYS A CA  
107 C C   . CYS A 6  ? 0.1390 0.2472 0.0847 0.0170  0.0314  -0.0094 6   CYS A C   
108 O O   . CYS A 6  ? 0.1644 0.2570 0.0691 0.0211  0.0007  -0.0236 6   CYS A O   
109 C CB  . CYS A 6  ? 0.1666 0.2666 0.0760 0.0390  0.0078  -0.0253 6   CYS A CB  
110 S SG  . CYS A 6  ? 0.1700 0.2698 0.1147 0.0389  0.0119  -0.0305 6   CYS A SG  
116 N N   . CYS A 7  ? 0.1538 0.2511 0.0693 0.0250  0.0204  -0.0021 7   CYS A N   
117 C CA  . CYS A 7  ? 0.1623 0.2683 0.0713 0.0375  0.0099  -0.0016 7   CYS A CA  
118 C C   . CYS A 7  ? 0.1274 0.2959 0.0795 0.0230  0.0127  -0.0126 7   CYS A C   
119 O O   . CYS A 7  ? 0.1553 0.3163 0.0845 0.0315  0.0091  -0.0194 7   CYS A O   
120 C CB  . CYS A 7  ? 0.1739 0.2469 0.0715 0.0555  0.0144  0.0048  7   CYS A CB  
121 S SG  . CYS A 7  ? 0.1815 0.2757 0.0892 0.0599  0.0315  0.0076  7   CYS A SG  
126 N N   . THR A 8  ? 0.1370 0.3098 0.0850 0.0246  0.0193  -0.0004 8   THR A N   
127 C CA  . THR A 8  ? 0.1386 0.3309 0.0909 0.0085  0.0211  -0.0013 8   THR A CA  
128 C C   . THR A 8  ? 0.1253 0.3557 0.0912 -0.0015 0.0084  0.0080  8   THR A C   
129 O O   . THR A 8  ? 0.1455 0.3629 0.1139 0.0037  0.0098  -0.0219 8   THR A O   
130 C CB  . THR A 8  ? 0.1528 0.3389 0.0952 0.0235  0.0249  -0.0036 8   THR A CB  
131 O OG1 . THR A 8  ? 0.1995 0.3327 0.0940 0.0532  0.0219  -0.0097 8   THR A OG1 
132 C CG2 . THR A 8  ? 0.1789 0.3512 0.1018 0.0219  0.0346  0.0027  8   THR A CG2 
140 N N   A SER A 9  ? 0.1373 0.3493 0.0907 -0.0015 0.0128  -0.0029 9   SER A N   
141 N N   B SER A 9  ? 0.1350 0.3561 0.0897 -0.0083 0.0027  0.0099  9   SER A N   
142 C CA  A SER A 9  ? 0.1438 0.3549 0.1024 -0.0051 0.0227  -0.0310 9   SER A CA  
143 C CA  B SER A 9  ? 0.1399 0.3801 0.1003 -0.0287 -0.0123 -0.0079 9   SER A CA  
144 C C   A SER A 9  ? 0.1457 0.3650 0.1105 -0.0026 0.0298  -0.0252 9   SER A C   
145 C C   B SER A 9  ? 0.1367 0.3806 0.0989 -0.0127 0.0115  -0.0109 9   SER A C   
146 O O   A SER A 9  ? 0.1544 0.3508 0.1377 0.0052  0.0227  -0.0179 9   SER A O   
147 O O   B SER A 9  ? 0.1329 0.3525 0.0995 0.0045  0.0225  0.0004  9   SER A O   
148 C CB  A SER A 9  ? 0.1776 0.3342 0.1201 -0.0031 0.0459  -0.0517 9   SER A CB  
149 C CB  B SER A 9  ? 0.1426 0.3741 0.1207 -0.0478 -0.0221 -0.0110 9   SER A CB  
150 O OG  A SER A 9  ? 0.1956 0.3681 0.1317 -0.0177 0.0440  -0.0653 9   SER A OG  
151 O OG  B SER A 9  ? 0.1342 0.3613 0.0958 -0.0376 0.0044  -0.0074 9   SER A OG  
162 N N   . ILE A 10 ? 0.1534 0.3631 0.0937 -0.0049 0.0082  -0.0202 10  ILE A N   
163 C CA  . ILE A 10 ? 0.1789 0.3630 0.0912 0.0077  -0.0031 -0.0066 10  ILE A CA  
164 C C   . ILE A 10 ? 0.2162 0.3245 0.0932 0.0296  0.0362  0.0023  10  ILE A C   
165 O O   . ILE A 10 ? 0.2036 0.3375 0.1251 -0.0100 0.0262  -0.0353 10  ILE A O   
166 C CB  . ILE A 10 ? 0.1971 0.4041 0.1079 0.0044  0.0083  -0.0126 10  ILE A CB  
167 C CG1 . ILE A 10 ? 0.1876 0.3774 0.1830 -0.0065 -0.0012 0.0224  10  ILE A CG1 
168 C CG2 . ILE A 10 ? 0.2173 0.4080 0.1074 0.0044  -0.0134 -0.0311 10  ILE A CG2 
169 C CD1 . ILE A 10 ? 0.1954 0.3211 0.1446 0.0252  0.0308  0.0285  10  ILE A CD1 
182 N N   . CYS A 11 ? 0.1906 0.2601 0.0761 0.0373  0.0191  0.0185  11  CYS A N   
183 C CA  . CYS A 11 ? 0.1906 0.2472 0.1027 0.0233  0.0053  0.0397  11  CYS A CA  
184 C C   . CYS A 11 ? 0.2135 0.1950 0.0837 0.0356  0.0114  -0.0007 11  CYS A C   
185 O O   . CYS A 11 ? 0.2430 0.1883 0.0929 0.0586  0.0262  0.0102  11  CYS A O   
186 C CB  . CYS A 11 ? 0.2056 0.2646 0.0837 0.0466  0.0123  0.0194  11  CYS A CB  
187 S SG  . CYS A 11 ? 0.1854 0.2640 0.1035 0.0239  0.0315  -0.0212 11  CYS A SG  
192 N N   . SER A 12 ? 0.2657 0.1994 0.1501 0.0643  0.0101  0.0271  12  SER A N   
193 C CA  . SER A 12 ? 0.2853 0.1852 0.1532 0.0924  0.0519  -0.0159 12  SER A CA  
194 C C   . SER A 12 ? 0.3242 0.1614 0.1326 0.0824  0.0429  -0.0218 12  SER A C   
195 O O   . SER A 12 ? 0.3414 0.1614 0.1165 0.0801  0.0540  -0.0017 12  SER A O   
196 C CB  . SER A 12 ? 0.2668 0.2417 0.1278 0.0542  -0.0006 -0.0017 12  SER A CB  
197 O OG  . SER A 12 ? 0.2784 0.2220 0.1738 0.0763  0.0245  -0.0066 12  SER A OG  
203 N N   . LEU A 13 ? 0.3065 0.1988 0.1296 0.1041  0.0315  -0.0096 13  LEU A N   
204 C CA  . LEU A 13 ? 0.3179 0.1994 0.1461 0.0996  0.0470  0.0017  13  LEU A CA  
205 C C   . LEU A 13 ? 0.3099 0.2063 0.1268 0.1000  0.0302  0.0180  13  LEU A C   
206 O O   . LEU A 13 ? 0.3128 0.2184 0.1565 0.1119  0.0683  0.0751  13  LEU A O   
207 C CB  . LEU A 13 ? 0.3049 0.1815 0.1549 0.0759  0.0212  0.0047  13  LEU A CB  
208 C CG  . LEU A 13 ? 0.2917 0.1712 0.2119 0.0718  0.0233  0.0305  13  LEU A CG  
209 C CD1 . LEU A 13 ? 0.3046 0.2382 0.2490 0.0537  0.0096  0.0934  13  LEU A CD1 
210 C CD2 . LEU A 13 ? 0.3246 0.1690 0.2078 0.0466  -0.0141 -0.0013 13  LEU A CD2 
222 N N   . TYR A 14 ? 0.3133 0.2257 0.1252 0.1192  0.0389  -0.0095 14  TYR A N   
223 C CA  . TYR A 14 ? 0.3376 0.2111 0.1130 0.1329  0.0247  0.0025  14  TYR A CA  
224 C C   . TYR A 14 ? 0.3670 0.2130 0.1247 0.1239  0.0468  0.0071  14  TYR A C   
225 O O   . TYR A 14 ? 0.3767 0.1912 0.1302 0.1192  0.0347  0.0135  14  TYR A O   
226 C CB  . TYR A 14 ? 0.3568 0.2109 0.1116 0.1269  0.0285  0.0132  14  TYR A CB  
227 C CG  . TYR A 14 ? 0.3833 0.1939 0.1241 0.1345  0.0454  0.0188  14  TYR A CG  
228 C CD1 . TYR A 14 ? 0.3716 0.1979 0.1213 0.1101  0.0519  0.0107  14  TYR A CD1 
229 C CD2 . TYR A 14 ? 0.3767 0.1995 0.1222 0.1333  0.0446  0.0223  14  TYR A CD2 
230 C CE1 . TYR A 14 ? 0.3620 0.1856 0.1096 0.1070  0.0296  0.0211  14  TYR A CE1 
231 C CE2 . TYR A 14 ? 0.3594 0.2057 0.1134 0.1143  0.0360  0.0251  14  TYR A CE2 
232 C CZ  . TYR A 14 ? 0.3429 0.1897 0.1085 0.1015  0.0328  0.0279  14  TYR A CZ  
233 O OH  . TYR A 14 ? 0.3479 0.2112 0.1122 0.0664  0.0296  0.0133  14  TYR A OH  
243 N N   . GLN A 15 ? 0.3471 0.2235 0.1130 0.1127  0.0417  0.0111  15  GLN A N   
244 C CA  . GLN A 15 ? 0.3578 0.2406 0.1121 0.1098  0.0352  0.0172  15  GLN A CA  
245 C C   . GLN A 15 ? 0.3499 0.1994 0.1085 0.0962  0.0226  -0.0123 15  GLN A C   
246 O O   . GLN A 15 ? 0.3792 0.2369 0.1407 0.1092  0.0558  0.0568  15  GLN A O   
247 C CB  . GLN A 15 ? 0.3734 0.2363 0.1323 0.1222  0.0329  0.0161  15  GLN A CB  
248 C CG  . GLN A 15 ? 0.3099 0.3232 0.1647 0.0996  0.0497  0.0295  15  GLN A CG  
249 C CD  . GLN A 15 ? 0.3123 0.3613 0.1710 0.1144  0.0437  0.0870  15  GLN A CD  
250 O OE1 . GLN A 15 ? 0.2926 0.3741 0.2289 0.1218  0.0774  0.0907  15  GLN A OE1 
251 N NE2 . GLN A 15 ? 0.3378 0.3398 0.2552 0.1284  0.0597  0.0801  15  GLN A NE2 
260 N N   A LEU A 16 ? 0.3826 0.2115 0.1012 0.0593  0.0068  -0.0072 16  LEU A N   
261 N N   B LEU A 16 ? 0.3311 0.1547 0.1381 0.1033  0.0151  -0.0184 16  LEU A N   
262 C CA  A LEU A 16 ? 0.3943 0.1884 0.1190 0.0332  0.0079  0.0175  16  LEU A CA  
263 C CA  B LEU A 16 ? 0.3484 0.1263 0.1550 0.0846  -0.0070 -0.0137 16  LEU A CA  
264 C C   A LEU A 16 ? 0.3921 0.1648 0.1109 0.0236  -0.0017 -0.0094 16  LEU A C   
265 C C   B LEU A 16 ? 0.3428 0.1925 0.1353 0.0673  -0.0047 -0.0050 16  LEU A C   
266 O O   A LEU A 16 ? 0.4064 0.1856 0.1604 0.0365  0.0143  -0.0032 16  LEU A O   
267 O O   B LEU A 16 ? 0.3584 0.1805 0.1055 0.0860  -0.0057 -0.0030 16  LEU A O   
268 C CB  A LEU A 16 ? 0.3090 0.2277 0.0956 0.0405  0.0232  0.0417  16  LEU A CB  
269 C CB  B LEU A 16 ? 0.3192 0.1156 0.1617 0.0559  -0.0062 -0.0394 16  LEU A CB  
270 C CG  A LEU A 16 ? 0.2265 0.2731 0.1336 0.0429  0.0586  0.0581  16  LEU A CG  
271 C CG  B LEU A 16 ? 0.3237 0.1230 0.1819 0.0372  -0.0144 -0.0423 16  LEU A CG  
272 C CD1 A LEU A 16 ? 0.2371 0.2573 0.1700 0.0470  0.0398  0.0797  16  LEU A CD1 
273 C CD1 B LEU A 16 ? 0.3466 0.1008 0.2214 0.0495  -0.0248 0.0075  16  LEU A CD1 
274 C CD2 A LEU A 16 ? 0.2176 0.2421 0.1297 0.0380  0.0860  0.0313  16  LEU A CD2 
275 C CD2 B LEU A 16 ? 0.3315 0.1399 0.1693 0.0364  -0.0100 -0.0439 16  LEU A CD2 
298 N N   A GLU A 17 ? 0.3613 0.1984 0.0949 0.0507  -0.0022 -0.0101 17  GLU A N   
299 N N   B GLU A 17 ? 0.3105 0.2473 0.1330 0.0747  0.0171  -0.0062 17  GLU A N   
300 C CA  A GLU A 17 ? 0.3777 0.2389 0.1124 0.0729  -0.0122 0.0252  17  GLU A CA  
301 C CA  B GLU A 17 ? 0.2983 0.2744 0.1214 0.1044  0.0366  -0.0038 17  GLU A CA  
302 C C   A GLU A 17 ? 0.3863 0.2147 0.1443 0.0932  -0.0049 0.0002  17  GLU A C   
303 C C   B GLU A 17 ? 0.3235 0.2800 0.1580 0.0967  0.0027  0.0077  17  GLU A C   
304 O O   A GLU A 17 ? 0.4229 0.2166 0.1930 0.1080  0.0153  0.0116  17  GLU A O   
305 O O   B GLU A 17 ? 0.3016 0.2739 0.1946 0.1195  -0.0026 0.0198  17  GLU A O   
306 C CB  A GLU A 17 ? 0.4142 0.2569 0.2120 0.0477  -0.0152 0.0520  17  GLU A CB  
307 C CB  B GLU A 17 ? 0.2765 0.2997 0.1473 0.1151  0.0554  0.0013  17  GLU A CB  
308 C CG  A GLU A 17 ? 0.4505 0.2558 0.2984 0.0202  0.0069  0.0377  17  GLU A CG  
309 C CG  B GLU A 17 ? 0.2734 0.3235 0.1608 0.1159  0.0733  -0.0046 17  GLU A CG  
310 C CD  A GLU A 17 ? 0.4737 0.2388 0.3408 0.0072  0.0262  0.0343  17  GLU A CD  
311 C CD  B GLU A 17 ? 0.2930 0.3157 0.2690 0.1065  0.0693  -0.0063 17  GLU A CD  
312 O OE1 A GLU A 17 ? 0.4979 0.2443 0.3561 -0.0194 0.0197  0.0367  17  GLU A OE1 
313 O OE1 B GLU A 17 ? 0.2512 0.3010 0.3018 0.1279  0.0806  -0.0104 17  GLU A OE1 
314 O OE2 A GLU A 17 ? 0.4649 0.2449 0.3715 -0.0101 0.0303  0.0312  17  GLU A OE2 
315 O OE2 B GLU A 17 ? 0.3304 0.2929 0.2878 0.1067  0.0967  -0.0371 17  GLU A OE2 
328 N N   . ASN A 18 ? 0.3644 0.2753 0.1394 0.0926  -0.0273 -0.0011 18  ASN A N   
329 C CA  . ASN A 18 ? 0.4090 0.2970 0.1672 0.0989  -0.0096 0.0270  18  ASN A CA  
330 C C   . ASN A 18 ? 0.3887 0.2805 0.1763 0.0610  -0.0397 -0.0146 18  ASN A C   
331 O O   . ASN A 18 ? 0.4070 0.2814 0.2237 0.0278  -0.0708 -0.0058 18  ASN A O   
332 C CB  . ASN A 18 ? 0.4840 0.3444 0.2603 0.0897  0.0042  0.0950  18  ASN A CB  
333 C CG  . ASN A 18 ? 0.5636 0.3605 0.3493 0.1108  0.0456  0.1201  18  ASN A CG  
334 O OD1 . ASN A 18 ? 0.5946 0.3736 0.3971 0.1020  0.0182  0.1623  18  ASN A OD1 
335 N ND2 . ASN A 18 ? 0.6077 0.3632 0.3970 0.1195  0.0727  0.1152  18  ASN A ND2 
342 N N   . TYR A 19 ? 0.3460 0.2350 0.1958 0.0968  0.0060  -0.0423 19  TYR A N   
343 C CA  . TYR A 19 ? 0.3376 0.3351 0.2573 0.0831  0.0133  -0.0219 19  TYR A CA  
344 C C   . TYR A 19 ? 0.3812 0.3342 0.3069 0.0982  -0.0044 0.0100  19  TYR A C   
345 O O   . TYR A 19 ? 0.4169 0.3591 0.3820 0.0579  0.0151  0.0086  19  TYR A O   
346 C CB  . TYR A 19 ? 0.3053 0.3734 0.3308 0.0848  0.0157  -0.0089 19  TYR A CB  
347 C CG  . TYR A 19 ? 0.2858 0.4479 0.4077 0.0681  0.0268  0.0225  19  TYR A CG  
348 C CD1 . TYR A 19 ? 0.2583 0.5011 0.4373 0.0522  0.0312  0.0289  19  TYR A CD1 
349 C CD2 . TYR A 19 ? 0.2642 0.5065 0.3935 0.0392  -0.0295 0.0670  19  TYR A CD2 
350 C CE1 . TYR A 19 ? 0.2151 0.5298 0.4437 0.0506  0.0301  0.0367  19  TYR A CE1 
351 C CE2 . TYR A 19 ? 0.2403 0.5482 0.4050 0.0333  0.0068  0.0604  19  TYR A CE2 
352 C CZ  . TYR A 19 ? 0.2579 0.5524 0.4275 0.0409  0.0316  0.0534  19  TYR A CZ  
353 O OH  . TYR A 19 ? 0.3089 0.5478 0.4405 0.0420  0.0514  0.0542  19  TYR A OH  
363 N N   . CYS A 20 ? 0.3761 0.4087 0.2381 0.1075  -0.0388 0.0562  20  CYS A N   
364 C CA  . CYS A 20 ? 0.3696 0.4848 0.2296 0.0931  -0.0651 0.0760  20  CYS A CA  
365 C C   . CYS A 20 ? 0.3842 0.5384 0.2879 0.0733  -0.0493 0.0856  20  CYS A C   
366 O O   . CYS A 20 ? 0.4158 0.5808 0.3043 0.0737  -0.0344 0.1112  20  CYS A O   
367 C CB  . CYS A 20 ? 0.3578 0.4359 0.2030 0.1408  -0.0527 0.0731  20  CYS A CB  
368 S SG  . CYS A 20 ? 0.5207 0.3382 0.1608 0.1670  0.0259  0.0295  20  CYS A SG  
373 N N   . PHE B 1  ? 0.5482 0.3282 0.4018 0.0938  0.0290  0.0421  1   PHE B N   
374 C CA  . PHE B 1  ? 0.5257 0.3561 0.3480 0.0963  0.0301  0.0391  1   PHE B CA  
375 C C   . PHE B 1  ? 0.4962 0.3240 0.2948 0.1227  0.0696  0.0537  1   PHE B C   
376 O O   . PHE B 1  ? 0.5130 0.3765 0.3312 0.0858  0.0521  0.0676  1   PHE B O   
377 C CB  . PHE B 1  ? 0.5136 0.3925 0.3241 0.0904  0.0170  -0.0020 1   PHE B CB  
378 C CG  . PHE B 1  ? 0.5279 0.4254 0.3124 0.0800  -0.0561 0.0155  1   PHE B CG  
379 C CD1 . PHE B 1  ? 0.5506 0.4560 0.3572 0.0781  -0.0656 0.0355  1   PHE B CD1 
380 C CD2 . PHE B 1  ? 0.5726 0.4495 0.3099 0.0701  -0.0668 0.0345  1   PHE B CD2 
381 C CE1 . PHE B 1  ? 0.5780 0.4849 0.3334 0.0711  -0.0731 0.0436  1   PHE B CE1 
382 C CE2 . PHE B 1  ? 0.5932 0.4633 0.3073 0.0790  -0.0673 0.0510  1   PHE B CE2 
383 C CZ  . PHE B 1  ? 0.5890 0.4698 0.3303 0.0782  -0.0638 0.0424  1   PHE B CZ  
395 N N   . VAL B 2  ? 0.3866 0.3230 0.2892 0.1025  0.0702  0.0576  2   VAL B N   
396 C CA  . VAL B 2  ? 0.3400 0.3538 0.1787 0.0757  0.1138  0.0192  2   VAL B CA  
397 C C   . VAL B 2  ? 0.2592 0.3498 0.1489 0.0607  0.0623  0.0306  2   VAL B C   
398 O O   . VAL B 2  ? 0.2546 0.3392 0.1575 0.0318  0.0285  0.0591  2   VAL B O   
399 C CB  . VAL B 2  ? 0.3532 0.3521 0.1652 0.0765  0.1080  0.0318  2   VAL B CB  
400 C CG1 . VAL B 2  ? 0.3178 0.3992 0.1606 0.0585  0.0878  0.0638  2   VAL B CG1 
401 C CG2 . VAL B 2  ? 0.4041 0.3707 0.2047 0.0810  0.1395  0.0367  2   VAL B CG2 
411 N N   . ASN B 3  ? 0.2307 0.3576 0.1456 0.0286  0.0562  0.0489  3   ASN B N   
412 C CA  . ASN B 3  ? 0.2436 0.3740 0.1241 0.0109  0.0548  -0.0053 3   ASN B CA  
413 C C   . ASN B 3  ? 0.2354 0.3781 0.1682 0.0442  0.0691  0.0000  3   ASN B C   
414 O O   . ASN B 3  ? 0.2355 0.4444 0.1761 0.0537  0.0491  0.0168  3   ASN B O   
415 C CB  . ASN B 3  ? 0.2479 0.4100 0.1286 -0.0456 0.0153  -0.0095 3   ASN B CB  
416 C CG  . ASN B 3  ? 0.2475 0.4118 0.1203 -0.0777 0.0172  -0.0256 3   ASN B CG  
417 O OD1 . ASN B 3  ? 0.2971 0.4071 0.1447 -0.0999 -0.0180 0.0087  3   ASN B OD1 
418 N ND2 . ASN B 3  ? 0.2006 0.4423 0.1679 -0.0800 -0.0021 0.0122  3   ASN B ND2 
425 N N   . GLN B 4  ? 0.2092 0.3358 0.1359 0.0914  0.0370  0.0619  4   GLN B N   
426 C CA  . GLN B 4  ? 0.2254 0.3222 0.1176 0.0972  0.0389  0.0377  4   GLN B CA  
427 C C   . GLN B 4  ? 0.1887 0.3204 0.1071 0.0964  0.0329  0.0406  4   GLN B C   
428 O O   . GLN B 4  ? 0.1938 0.3512 0.1224 0.0891  0.0398  0.0525  4   GLN B O   
429 C CB  . GLN B 4  ? 0.2703 0.3400 0.1092 0.0806  0.0364  0.0327  4   GLN B CB  
430 C CG  . GLN B 4  ? 0.3045 0.3754 0.1499 0.0607  0.0321  0.0192  4   GLN B CG  
431 C CD  . GLN B 4  ? 0.3285 0.3996 0.2135 0.0386  0.0324  0.0008  4   GLN B CD  
432 O OE1 . GLN B 4  ? 0.3260 0.3820 0.2668 0.0437  0.0106  0.0019  4   GLN B OE1 
433 N NE2 . GLN B 4  ? 0.3411 0.4215 0.2290 0.0338  0.0559  -0.0120 4   GLN B NE2 
442 N N   . HIS B 5  ? 0.1824 0.3414 0.0974 0.0516  0.0172  0.0102  5   HIS B N   
443 C CA  . HIS B 5  ? 0.1551 0.3473 0.0909 0.0151  0.0111  0.0213  5   HIS B CA  
444 C C   . HIS B 5  ? 0.1814 0.3394 0.0922 0.0419  0.0164  0.0241  5   HIS B C   
445 O O   . HIS B 5  ? 0.1848 0.4019 0.1318 0.0514  -0.0041 0.0744  5   HIS B O   
446 C CB  . HIS B 5  ? 0.1786 0.3457 0.0866 -0.0052 -0.0029 0.0002  5   HIS B CB  
447 C CG  . HIS B 5  ? 0.1663 0.3622 0.0926 -0.0042 0.0124  0.0025  5   HIS B CG  
448 N ND1 . HIS B 5  ? 0.1663 0.4084 0.1029 -0.0228 0.0002  0.0086  5   HIS B ND1 
449 C CD2 . HIS B 5  ? 0.1392 0.3641 0.1082 0.0030  0.0083  -0.0254 5   HIS B CD2 
450 C CE1 . HIS B 5  ? 0.1466 0.4240 0.1223 -0.0274 0.0022  0.0050  5   HIS B CE1 
451 N NE2 . HIS B 5  ? 0.1348 0.3975 0.1053 -0.0071 0.0131  -0.0136 5   HIS B NE2 
459 N N   . LEU B 6  ? 0.1625 0.3140 0.0820 0.0342  0.0099  0.0120  6   LEU B N   
460 C CA  . LEU B 6  ? 0.1837 0.2920 0.0900 0.0447  0.0337  0.0260  6   LEU B CA  
461 C C   . LEU B 6  ? 0.1615 0.2775 0.0890 0.0285  0.0388  0.0187  6   LEU B C   
462 O O   . LEU B 6  ? 0.1748 0.2774 0.0753 0.0196  0.0226  0.0048  6   LEU B O   
463 C CB  . LEU B 6  ? 0.1859 0.2768 0.0862 0.0357  0.0343  -0.0067 6   LEU B CB  
464 C CG  . LEU B 6  ? 0.1821 0.3120 0.1200 0.0016  0.0356  -0.0343 6   LEU B CG  
465 C CD1 . LEU B 6  ? 0.2305 0.3141 0.1530 0.0090  0.0464  -0.0558 6   LEU B CD1 
466 C CD2 . LEU B 6  ? 0.2828 0.3130 0.0994 0.0058  0.0608  -0.0223 6   LEU B CD2 
478 N N   . CYS B 7  ? 0.1642 0.2961 0.0986 0.0459  0.0200  0.0256  7   CYS B N   
479 C CA  . CYS B 7  ? 0.2238 0.2689 0.0939 0.0784  0.0301  0.0373  7   CYS B CA  
480 C C   . CYS B 7  ? 0.2360 0.2509 0.0869 0.0830  0.0261  0.0146  7   CYS B C   
481 O O   . CYS B 7  ? 0.2359 0.2791 0.0970 0.0694  0.0154  0.0447  7   CYS B O   
482 C CB  . CYS B 7  ? 0.2448 0.2926 0.1160 0.0979  0.0514  0.0473  7   CYS B CB  
483 S SG  . CYS B 7  ? 0.1906 0.3294 0.1148 0.0877  0.0412  0.0467  7   CYS B SG  
488 N N   . GLY B 8  ? 0.2333 0.2492 0.0934 0.1014  0.0156  0.0021  8   GLY B N   
489 C CA  . GLY B 8  ? 0.2677 0.2329 0.0898 0.0726  0.0094  -0.0276 8   GLY B CA  
490 C C   . GLY B 8  ? 0.2607 0.1806 0.0989 0.0592  0.0040  -0.0089 8   GLY B C   
491 O O   . GLY B 8  ? 0.2442 0.1629 0.0966 0.0422  0.0128  -0.0194 8   GLY B O   
495 N N   A SER B 9  ? 0.2929 0.1839 0.1036 0.0649  0.0060  -0.0081 9   SER B N   
496 N N   B SER B 9  ? 0.2855 0.1811 0.0975 0.0575  0.0117  0.0047  9   SER B N   
497 C CA  A SER B 9  ? 0.3041 0.1499 0.1221 0.0552  0.0138  -0.0024 9   SER B CA  
498 C CA  B SER B 9  ? 0.2961 0.1697 0.0950 0.0465  0.0240  0.0232  9   SER B CA  
499 C C   A SER B 9  ? 0.2431 0.1427 0.1042 0.0271  -0.0064 0.0003  9   SER B C   
500 C C   B SER B 9  ? 0.2621 0.1465 0.0711 0.0407  0.0191  0.0036  9   SER B C   
501 O O   A SER B 9  ? 0.2045 0.1834 0.0991 0.0248  0.0015  0.0217  9   SER B O   
502 O O   B SER B 9  ? 0.2526 0.1302 0.0752 0.0490  0.0329  0.0035  9   SER B O   
503 C CB  A SER B 9  ? 0.3367 0.1554 0.1362 0.0498  0.0013  -0.0041 9   SER B CB  
504 C CB  B SER B 9  ? 0.3120 0.2009 0.1171 0.0243  0.0221  0.0494  9   SER B CB  
505 O OG  A SER B 9  ? 0.3279 0.1656 0.1606 0.0609  -0.0117 -0.0118 9   SER B OG  
506 O OG  B SER B 9  ? 0.3412 0.2262 0.1259 0.0023  0.0480  0.0564  9   SER B OG  
517 N N   . GLU B 10 ? 0.2225 0.1971 0.1028 0.0398  0.0193  0.0142  10  GLU B N   
518 C CA  . GLU B 10 ? 0.2176 0.2133 0.1302 0.0355  -0.0058 0.0072  10  GLU B CA  
519 C C   . GLU B 10 ? 0.1911 0.1867 0.0771 0.0011  -0.0076 -0.0202 10  GLU B C   
520 O O   . GLU B 10 ? 0.2042 0.1822 0.0853 -0.0059 -0.0022 -0.0140 10  GLU B O   
521 C CB  . GLU B 10 ? 0.1992 0.2779 0.1457 0.0473  -0.0218 0.0013  10  GLU B CB  
522 C CG  . GLU B 10 ? 0.2522 0.3538 0.2520 0.0337  -0.0506 0.0492  10  GLU B CG  
523 C CD  . GLU B 10 ? 0.3129 0.4175 0.3250 0.0053  -0.0961 0.0937  10  GLU B CD  
524 O OE1 . GLU B 10 ? 0.3058 0.4466 0.3487 -0.0155 -0.1167 0.1106  10  GLU B OE1 
525 O OE2 . GLU B 10 ? 0.3691 0.4688 0.3866 -0.0148 -0.0626 0.0924  10  GLU B OE2 
533 N N   . LEU B 11 ? 0.1833 0.1588 0.1176 0.0178  0.0121  -0.0143 11  LEU B N   
534 C CA  . LEU B 11 ? 0.1715 0.1430 0.0949 0.0069  0.0081  -0.0027 11  LEU B CA  
535 C C   . LEU B 11 ? 0.1745 0.1163 0.0876 -0.0044 0.0198  -0.0382 11  LEU B C   
536 O O   . LEU B 11 ? 0.1689 0.1335 0.1014 -0.0229 0.0136  -0.0202 11  LEU B O   
537 C CB  . LEU B 11 ? 0.1591 0.1745 0.1104 0.0023  0.0183  -0.0168 11  LEU B CB  
538 C CG  . LEU B 11 ? 0.1632 0.1850 0.0880 0.0132  0.0160  0.0004  11  LEU B CG  
539 C CD1 . LEU B 11 ? 0.1781 0.1663 0.1048 0.0055  -0.0011 -0.0152 11  LEU B CD1 
540 C CD2 . LEU B 11 ? 0.1816 0.1853 0.1033 0.0096  -0.0090 0.0025  11  LEU B CD2 
552 N N   . VAL B 12 ? 0.1703 0.1316 0.0951 -0.0038 0.0021  -0.0322 12  VAL B N   
553 C CA  . VAL B 12 ? 0.1846 0.1271 0.1074 -0.0056 -0.0304 -0.0318 12  VAL B CA  
554 C C   . VAL B 12 ? 0.1676 0.1244 0.1245 -0.0226 -0.0163 -0.0345 12  VAL B C   
555 O O   . VAL B 12 ? 0.1697 0.1223 0.1256 -0.0213 -0.0044 -0.0239 12  VAL B O   
556 C CB  . VAL B 12 ? 0.2005 0.1284 0.1417 -0.0087 -0.0684 -0.0412 12  VAL B CB  
557 C CG1 . VAL B 12 ? 0.2205 0.1121 0.1743 -0.0147 -0.0832 -0.0300 12  VAL B CG1 
558 C CG2 . VAL B 12 ? 0.2458 0.1625 0.1128 0.0304  -0.0599 -0.0520 12  VAL B CG2 
568 N N   . GLU B 13 ? 0.1677 0.1181 0.1066 -0.0198 -0.0164 -0.0259 13  GLU B N   
569 C CA  . GLU B 13 ? 0.1978 0.1309 0.0963 -0.0225 -0.0252 -0.0118 13  GLU B CA  
570 C C   . GLU B 13 ? 0.1945 0.1100 0.0810 -0.0236 -0.0073 -0.0129 13  GLU B C   
571 O O   . GLU B 13 ? 0.1743 0.1386 0.1013 -0.0177 0.0060  -0.0147 13  GLU B O   
572 C CB  . GLU B 13 ? 0.2229 0.1512 0.0988 0.0083  -0.0201 -0.0185 13  GLU B CB  
573 C CG  . GLU B 13 ? 0.2461 0.2034 0.1456 0.0172  -0.0449 -0.0309 13  GLU B CG  
574 C CD  . GLU B 13 ? 0.3255 0.2381 0.2133 0.0013  -0.0417 -0.0308 13  GLU B CD  
575 O OE1 . GLU B 13 ? 0.3124 0.2097 0.3651 -0.0058 -0.0841 0.0262  13  GLU B OE1 
576 O OE2 . GLU B 13 ? 0.3337 0.2639 0.2943 -0.0082 -0.1260 0.0262  13  GLU B OE2 
583 N N   . ALA B 14 ? 0.1668 0.1089 0.0901 -0.0266 0.0035  -0.0182 14  ALA B N   
584 C CA  . ALA B 14 ? 0.2036 0.1079 0.0894 -0.0340 -0.0066 -0.0242 14  ALA B CA  
585 C C   . ALA B 14 ? 0.1783 0.1185 0.0832 -0.0203 0.0102  -0.0232 14  ALA B C   
586 O O   . ALA B 14 ? 0.2023 0.1302 0.0879 -0.0149 -0.0038 -0.0371 14  ALA B O   
587 C CB  . ALA B 14 ? 0.1890 0.1135 0.1304 -0.0358 0.0140  -0.0166 14  ALA B CB  
593 N N   A LEU B 15 ? 0.1676 0.1446 0.0899 -0.0129 0.0048  -0.0047 15  LEU B N   
594 N N   B LEU B 15 ? 0.2045 0.0931 0.0834 -0.0220 -0.0092 -0.0327 15  LEU B N   
595 C CA  A LEU B 15 ? 0.1916 0.1570 0.0853 0.0101  0.0053  0.0039  15  LEU B CA  
596 C CA  B LEU B 15 ? 0.2193 0.1158 0.0816 -0.0087 -0.0112 -0.0334 15  LEU B CA  
597 C C   A LEU B 15 ? 0.1812 0.1390 0.1102 0.0099  0.0088  -0.0121 15  LEU B C   
598 C C   B LEU B 15 ? 0.1994 0.1175 0.0963 -0.0086 -0.0197 -0.0260 15  LEU B C   
599 O O   A LEU B 15 ? 0.1703 0.1560 0.1454 0.0253  0.0339  -0.0155 15  LEU B O   
600 O O   B LEU B 15 ? 0.1977 0.1336 0.0865 -0.0165 -0.0357 -0.0312 15  LEU B O   
601 C CB  A LEU B 15 ? 0.1898 0.1784 0.0796 0.0228  0.0188  -0.0034 15  LEU B CB  
602 C CB  B LEU B 15 ? 0.2183 0.1224 0.0985 -0.0259 -0.0145 -0.0481 15  LEU B CB  
603 C CG  A LEU B 15 ? 0.1803 0.2086 0.0871 0.0164  0.0069  0.0126  15  LEU B CG  
604 C CG  B LEU B 15 ? 0.2426 0.1672 0.0984 -0.0383 -0.0241 -0.0125 15  LEU B CG  
605 C CD1 A LEU B 15 ? 0.1936 0.2313 0.0642 0.0228  0.0092  0.0034  15  LEU B CD1 
606 C CD1 B LEU B 15 ? 0.2621 0.1465 0.1456 -0.0551 -0.0672 -0.0150 15  LEU B CD1 
607 C CD2 A LEU B 15 ? 0.2185 0.1923 0.1257 -0.0035 0.0023  0.0341  15  LEU B CD2 
608 C CD2 B LEU B 15 ? 0.2622 0.1910 0.1449 -0.0225 -0.0070 -0.0062 15  LEU B CD2 
631 N N   . TYR B 16 ? 0.1880 0.1385 0.1157 0.0028  0.0124  -0.0194 16  TYR B N   
632 C CA  . TYR B 16 ? 0.1853 0.1380 0.1407 0.0013  0.0114  0.0030  16  TYR B CA  
633 C C   . TYR B 16 ? 0.2200 0.1675 0.1227 0.0215  0.0191  0.0304  16  TYR B C   
634 O O   . TYR B 16 ? 0.2187 0.1948 0.1674 0.0406  0.0348  0.0130  16  TYR B O   
635 C CB  . TYR B 16 ? 0.1810 0.1506 0.1867 -0.0013 -0.0131 -0.0053 16  TYR B CB  
636 C CG  . TYR B 16 ? 0.1569 0.1691 0.1949 -0.0160 -0.0353 -0.0233 16  TYR B CG  
637 C CD1 . TYR B 16 ? 0.1751 0.2396 0.2060 0.0037  -0.0367 -0.0082 16  TYR B CD1 
638 C CD2 . TYR B 16 ? 0.1504 0.1658 0.2377 -0.0327 -0.0462 -0.0118 16  TYR B CD2 
639 C CE1 . TYR B 16 ? 0.1668 0.2545 0.2381 -0.0218 -0.0653 -0.0230 16  TYR B CE1 
640 C CE2 . TYR B 16 ? 0.1616 0.1549 0.2498 -0.0408 -0.0539 -0.0561 16  TYR B CE2 
641 C CZ  . TYR B 16 ? 0.1811 0.1985 0.2476 -0.0231 -0.0705 -0.0328 16  TYR B CZ  
642 O OH  . TYR B 16 ? 0.1914 0.2156 0.2626 -0.0253 -0.0781 -0.0343 16  TYR B OH  
653 N N   . LEU B 17 ? 0.2284 0.1489 0.0995 0.0343  0.0227  -0.0090 17  LEU B N   
654 C CA  . LEU B 17 ? 0.2638 0.1765 0.0952 0.0309  0.0055  0.0053  17  LEU B CA  
655 C C   . LEU B 17 ? 0.2434 0.1729 0.0676 0.0209  0.0080  -0.0222 17  LEU B C   
656 O O   . LEU B 17 ? 0.2840 0.2093 0.1104 0.0605  0.0517  -0.0122 17  LEU B O   
657 C CB  . LEU B 17 ? 0.3015 0.2033 0.0816 0.0492  -0.0129 -0.0079 17  LEU B CB  
658 C CG  . LEU B 17 ? 0.3330 0.2356 0.0988 0.0301  -0.0196 -0.0167 17  LEU B CG  
659 C CD1 . LEU B 17 ? 0.3702 0.2394 0.1088 0.0281  -0.0387 -0.0055 17  LEU B CD1 
660 C CD2 . LEU B 17 ? 0.3215 0.2645 0.1028 0.0150  -0.0013 -0.0568 17  LEU B CD2 
672 N N   . VAL B 18 ? 0.1757 0.1475 0.0963 0.0007  -0.0068 -0.0409 18  VAL B N   
673 C CA  . VAL B 18 ? 0.2101 0.1177 0.1117 -0.0031 -0.0100 -0.0579 18  VAL B CA  
674 C C   . VAL B 18 ? 0.2410 0.1071 0.1133 -0.0012 -0.0346 -0.0440 18  VAL B C   
675 O O   . VAL B 18 ? 0.2452 0.1121 0.1658 0.0165  -0.0534 -0.0597 18  VAL B O   
676 C CB  . VAL B 18 ? 0.2246 0.1578 0.1195 0.0209  0.0319  -0.0263 18  VAL B CB  
677 C CG1 . VAL B 18 ? 0.2421 0.1912 0.1785 -0.0054 0.0222  -0.0219 18  VAL B CG1 
678 C CG2 . VAL B 18 ? 0.2579 0.1271 0.1699 0.0042  0.0368  -0.0099 18  VAL B CG2 
688 N N   . CYS B 19 ? 0.2335 0.1056 0.1389 0.0113  -0.0463 -0.0400 19  CYS B N   
689 C CA  . CYS B 19 ? 0.2818 0.1418 0.1514 0.0293  -0.0831 -0.0541 19  CYS B CA  
690 C C   . CYS B 19 ? 0.2231 0.1498 0.1950 0.0079  -0.0915 -0.0614 19  CYS B C   
691 O O   . CYS B 19 ? 0.2447 0.2029 0.2340 0.0165  -0.1231 -0.0508 19  CYS B O   
692 C CB  . CYS B 19 ? 0.3088 0.2068 0.1720 0.0652  -0.1180 -0.0505 19  CYS B CB  
693 S SG  . CYS B 19 ? 0.3944 0.2624 0.1527 0.1246  -0.0814 -0.0551 19  CYS B SG  
698 N N   . TYR B 20 ? 0.2083 0.1548 0.2121 -0.0021 -0.0941 -0.0398 20  TYR B N   
699 C CA  . TYR B 20 ? 0.1873 0.1591 0.2715 -0.0212 -0.0952 -0.0397 20  TYR B CA  
700 C C   . TYR B 20 ? 0.2101 0.1531 0.2956 -0.0219 -0.1067 -0.0488 20  TYR B C   
701 O O   . TYR B 20 ? 0.2195 0.1426 0.2395 -0.0087 -0.0793 -0.0554 20  TYR B O   
702 C CB  . TYR B 20 ? 0.1777 0.1475 0.3007 -0.0350 -0.0895 -0.0270 20  TYR B CB  
703 C CG  . TYR B 20 ? 0.1544 0.1329 0.3238 -0.0171 -0.0550 -0.0604 20  TYR B CG  
704 C CD1 . TYR B 20 ? 0.2180 0.1399 0.3359 -0.0174 -0.0092 -0.0691 20  TYR B CD1 
705 C CD2 . TYR B 20 ? 0.1736 0.1247 0.2721 -0.0120 -0.0758 -0.0632 20  TYR B CD2 
706 C CE1 . TYR B 20 ? 0.2502 0.1312 0.3411 -0.0238 0.0058  -0.0721 20  TYR B CE1 
707 C CE2 . TYR B 20 ? 0.1475 0.1411 0.2953 -0.0136 -0.0408 -0.0835 20  TYR B CE2 
708 C CZ  . TYR B 20 ? 0.1692 0.1662 0.3233 -0.0120 -0.0146 -0.0802 20  TYR B CZ  
709 O OH  . TYR B 20 ? 0.2200 0.1596 0.3559 -0.0268 0.0158  -0.1022 20  TYR B OH  
719 N N   . GLU B 21 ? 0.1987 0.1788 0.2990 0.0135  -0.1053 -0.0728 21  GLU B N   
720 C CA  . GLU B 21 ? 0.1987 0.1742 0.3327 0.0244  -0.1064 -0.0759 21  GLU B CA  
721 C C   . GLU B 21 ? 0.1882 0.2044 0.3075 0.0065  -0.1025 -0.0947 21  GLU B C   
722 O O   . GLU B 21 ? 0.2178 0.2135 0.2895 0.0075  -0.0907 -0.0909 21  GLU B O   
723 C CB  . GLU B 21 ? 0.2302 0.2423 0.3882 0.0153  -0.1022 -0.0215 21  GLU B CB  
724 C CG  . GLU B 21 ? 0.3009 0.2539 0.3985 0.0392  -0.1184 0.0270  21  GLU B CG  
725 C CD  . GLU B 21 ? 0.3851 0.2931 0.4474 0.0280  -0.1080 0.0443  21  GLU B CD  
726 O OE1 . GLU B 21 ? 0.4526 0.3220 0.4403 0.0141  -0.1161 0.0620  21  GLU B OE1 
727 O OE2 . GLU B 21 ? 0.4585 0.3590 0.4506 0.0153  -0.0949 0.0622  21  GLU B OE2 
734 N N   . ARG B 22 ? 0.1725 0.2237 0.3055 -0.0084 -0.0862 -0.1039 22  ARG B N   
735 C CA  . ARG B 22 ? 0.1576 0.2314 0.3330 -0.0031 -0.0788 -0.1123 22  ARG B CA  
736 C C   . ARG B 22 ? 0.1636 0.2383 0.3317 0.0086  -0.0896 -0.1147 22  ARG B C   
737 O O   . ARG B 22 ? 0.1695 0.2788 0.3645 0.0007  -0.1052 -0.0838 22  ARG B O   
738 C CB  . ARG B 22 ? 0.1676 0.2244 0.3381 -0.0045 -0.0726 -0.1234 22  ARG B CB  
739 C CG  . ARG B 22 ? 0.1533 0.1797 0.3965 0.0181  -0.0630 -0.1197 22  ARG B CG  
740 C CD  . ARG B 22 ? 0.1830 0.1797 0.3904 0.0144  -0.0746 -0.1229 22  ARG B CD  
741 N NE  . ARG B 22 ? 0.1645 0.2212 0.3879 0.0149  -0.0793 -0.1357 22  ARG B NE  
742 C CZ  . ARG B 22 ? 0.1420 0.2847 0.3728 0.0229  -0.0623 -0.1479 22  ARG B CZ  
743 N NH1 . ARG B 22 ? 0.1808 0.3437 0.4083 0.0364  -0.0395 -0.1264 22  ARG B NH1 
744 N NH2 . ARG B 22 ? 0.1728 0.3441 0.4065 0.0179  -0.0162 -0.1244 22  ARG B NH2 
745 O OXT . ARG B 22 ? 0.1707 0.2114 0.3827 0.0106  -0.0872 -0.1159 22  ARG B OXT 
759 O O   . HOH C .  ? 0.3807 0.2634 0.8805 0.0185  -0.0205 -0.1474 101 HOH A O   
760 O O   . HOH C .  ? 0.2336 0.5043 0.2209 0.0110  -0.0750 -0.0655 102 HOH A O   
761 O O   . HOH C .  ? 0.3058 0.2509 0.1794 0.0524  0.0201  0.0120  103 HOH A O   
762 O O   . HOH C .  ? 0.2691 0.2601 0.2039 -0.0660 -0.0734 0.0542  104 HOH A O   
763 O O   . HOH C .  ? 0.4663 0.6644 0.2392 0.2624  -0.0652 -0.0263 105 HOH A O   
764 O O   . HOH C .  ? 0.2559 0.8174 0.2574 -0.0236 -0.0355 0.1222  106 HOH A O   
765 O O   . HOH C .  ? 0.2861 0.4358 0.1791 0.0790  0.0108  -0.0322 107 HOH A O   
766 O O   . HOH C .  ? 0.6250 0.4424 0.2528 -0.2905 -0.0809 0.0794  108 HOH A O   
767 O O   . HOH C .  ? 0.4571 0.4571 0.4571 0.0000  0.0000  0.0000  109 HOH A O   
768 O O   . HOH C .  ? 0.5199 0.3595 0.3772 0.1860  -0.1681 -0.1706 110 HOH A O   
769 O O   . HOH C .  ? 0.6640 0.5316 0.2419 0.3046  -0.0638 -0.0470 111 HOH A O   
770 O O   . HOH C .  ? 0.3893 0.3893 0.3893 0.0000  0.0000  0.0000  112 HOH A O   
771 O O   . HOH C .  ? 0.4192 0.4192 0.4192 0.0000  0.0000  0.0000  113 HOH A O   
772 O O   . HOH D .  ? 0.3917 0.2306 0.6961 0.0598  0.0284  0.0974  101 HOH B O   
773 O O   . HOH D .  ? 0.1712 0.4133 0.2016 -0.1018 -0.0388 0.0387  102 HOH B O   
774 O O   . HOH D .  ? 0.4228 0.4228 0.4228 0.0000  0.0000  0.0000  103 HOH B O   
775 O O   . HOH D .  ? 0.3235 0.3235 0.3235 0.0000  0.0000  0.0000  104 HOH B O   
776 O O   . HOH D .  ? 0.2504 0.3919 0.2000 0.0839  -0.0212 0.0651  105 HOH B O   
777 O O   . HOH D .  ? 0.1929 0.4658 0.1309 0.0516  -0.0080 -0.0580 106 HOH B O   
778 O O   . HOH D .  ? 0.3564 0.3842 0.5217 -0.1283 0.1035  -0.2097 107 HOH B O   
779 O O   . HOH D .  ? 0.1634 0.2474 0.3402 -0.0260 -0.0390 -0.1301 108 HOH B O   
780 O O   . HOH D .  ? 0.2160 0.1808 0.2746 -0.0263 0.0150  0.0777  109 HOH B O   
781 O O   . HOH D .  ? 0.1930 0.1337 0.1593 -0.0170 -0.0383 -0.0661 110 HOH B O   
782 O O   . HOH D .  ? 0.3813 0.3813 0.3813 0.0000  0.0000  0.0000  111 HOH B O   
783 O O   . HOH D .  ? 0.5579 0.5579 0.5579 0.0000  0.0000  0.0000  112 HOH B O   
784 O O   . HOH D .  ? 0.4596 0.4596 0.4596 0.0000  0.0000  0.0000  113 HOH B O   
785 O O   . HOH D .  ? 0.4568 0.4568 0.4568 0.0000  0.0000  0.0000  114 HOH B O   
786 O O   . HOH D .  ? 0.2695 0.2637 0.0931 0.0999  0.0065  -0.0084 115 HOH B O   
787 O O   . HOH D .  ? 0.2727 0.2656 0.5592 -0.0112 -0.1061 -0.1612 116 HOH B O   
788 O O   . HOH D .  ? 0.4900 0.4900 0.4900 0.0000  0.0000  0.0000  117 HOH B O   
789 O O   . HOH D .  ? 0.2202 0.4855 0.1538 0.0947  -0.0062 0.0183  118 HOH B O   
790 O O   . HOH D .  ? 0.2882 0.2954 0.3046 0.1205  0.0202  -0.0365 119 HOH B O   
791 O O   . HOH D .  ? 0.2606 0.3073 0.3955 -0.0485 -0.0495 -0.1719 120 HOH B O   
792 O O   . HOH D .  ? 0.2379 0.2144 0.4294 0.0037  -0.1115 -0.1266 121 HOH B O   
793 O O   . HOH D .  ? 0.2818 0.4126 0.4934 -0.0603 -0.0648 0.0991  122 HOH B O   
794 O O   . HOH D .  ? 0.3690 0.7768 0.2725 0.0816  0.0545  -0.0907 123 HOH B O   
795 O O   . HOH D .  ? 0.2189 0.2189 0.2189 0.0000  0.0000  0.0000  124 HOH B O   
796 O O   . HOH D .  ? 0.4706 0.4461 0.2614 0.0641  0.0340  0.0240  125 HOH B O   
# 
